data_3U50
# 
_entry.id   3U50 
# 
_audit_conform.dict_name       mmcif_pdbx.dic 
_audit_conform.dict_version    5.387 
_audit_conform.dict_location   http://mmcif.pdb.org/dictionaries/ascii/mmcif_pdbx.dic 
# 
loop_
_database_2.database_id 
_database_2.database_code 
_database_2.pdbx_database_accession 
_database_2.pdbx_DOI 
PDB   3U50         pdb_00003u50 10.2210/pdb3u50/pdb 
RCSB  RCSB068313   ?            ?                   
WWPDB D_1000068313 ?            ?                   
# 
loop_
_pdbx_audit_revision_history.ordinal 
_pdbx_audit_revision_history.data_content_type 
_pdbx_audit_revision_history.major_revision 
_pdbx_audit_revision_history.minor_revision 
_pdbx_audit_revision_history.revision_date 
1 'Structure model' 1 0 2011-12-14 
2 'Structure model' 1 1 2012-05-23 
3 'Structure model' 1 2 2015-01-28 
4 'Structure model' 1 3 2017-11-08 
5 'Structure model' 1 4 2024-02-28 
# 
_pdbx_audit_revision_details.ordinal             1 
_pdbx_audit_revision_details.revision_ordinal    1 
_pdbx_audit_revision_details.data_content_type   'Structure model' 
_pdbx_audit_revision_details.provider            repository 
_pdbx_audit_revision_details.type                'Initial release' 
_pdbx_audit_revision_details.description         ? 
_pdbx_audit_revision_details.details             ? 
# 
loop_
_pdbx_audit_revision_group.ordinal 
_pdbx_audit_revision_group.revision_ordinal 
_pdbx_audit_revision_group.data_content_type 
_pdbx_audit_revision_group.group 
1 2 'Structure model' 'Database references'    
2 3 'Structure model' Other                    
3 4 'Structure model' 'Refinement description' 
4 5 'Structure model' 'Data collection'        
5 5 'Structure model' 'Database references'    
6 5 'Structure model' 'Derived calculations'   
# 
loop_
_pdbx_audit_revision_category.ordinal 
_pdbx_audit_revision_category.revision_ordinal 
_pdbx_audit_revision_category.data_content_type 
_pdbx_audit_revision_category.category 
1 4 'Structure model' software               
2 5 'Structure model' chem_comp_atom         
3 5 'Structure model' chem_comp_bond         
4 5 'Structure model' database_2             
5 5 'Structure model' pdbx_struct_conn_angle 
6 5 'Structure model' struct_conn            
7 5 'Structure model' struct_site            
# 
loop_
_pdbx_audit_revision_item.ordinal 
_pdbx_audit_revision_item.revision_ordinal 
_pdbx_audit_revision_item.data_content_type 
_pdbx_audit_revision_item.item 
1  4 'Structure model' '_software.classification'                   
2  4 'Structure model' '_software.contact_author'                   
3  4 'Structure model' '_software.contact_author_email'             
4  4 'Structure model' '_software.date'                             
5  4 'Structure model' '_software.language'                         
6  4 'Structure model' '_software.location'                         
7  4 'Structure model' '_software.name'                             
8  4 'Structure model' '_software.type'                             
9  4 'Structure model' '_software.version'                          
10 5 'Structure model' '_database_2.pdbx_DOI'                       
11 5 'Structure model' '_database_2.pdbx_database_accession'        
12 5 'Structure model' '_pdbx_struct_conn_angle.ptnr1_auth_seq_id'  
13 5 'Structure model' '_pdbx_struct_conn_angle.ptnr1_label_seq_id' 
14 5 'Structure model' '_pdbx_struct_conn_angle.ptnr3_auth_seq_id'  
15 5 'Structure model' '_pdbx_struct_conn_angle.ptnr3_label_seq_id' 
16 5 'Structure model' '_pdbx_struct_conn_angle.value'              
17 5 'Structure model' '_struct_conn.pdbx_dist_value'               
18 5 'Structure model' '_struct_conn.ptnr1_auth_seq_id'             
19 5 'Structure model' '_struct_conn.ptnr1_label_seq_id'            
20 5 'Structure model' '_struct_site.pdbx_auth_asym_id'             
21 5 'Structure model' '_struct_site.pdbx_auth_comp_id'             
22 5 'Structure model' '_struct_site.pdbx_auth_seq_id'              
# 
_pdbx_database_status.entry_id                        3U50 
_pdbx_database_status.status_code                     REL 
_pdbx_database_status.deposit_site                    RCSB 
_pdbx_database_status.process_site                    RCSB 
_pdbx_database_status.recvd_initial_deposition_date   2011-10-10 
_pdbx_database_status.status_code_sf                  REL 
_pdbx_database_status.status_code_mr                  ? 
_pdbx_database_status.SG_entry                        ? 
_pdbx_database_status.status_code_cs                  ? 
_pdbx_database_status.pdb_format_compatible           Y 
_pdbx_database_status.methods_development_category    ? 
_pdbx_database_status.status_code_nmr_data            ? 
# 
loop_
_pdbx_database_related.db_name 
_pdbx_database_related.db_id 
_pdbx_database_related.details 
_pdbx_database_related.content_type 
PDB 3U4V . unspecified 
PDB 3U4Z . unspecified 
# 
loop_
_audit_author.name 
_audit_author.pdbx_ordinal 
'Zeng, Z.'  1 
'Huang, J.' 2 
'Yang, Y.'  3 
'Lei, M.'   4 
# 
_citation.id                        primary 
_citation.title                     
'Structural basis for Tetrahymena telomerase processivity factor Teb1 binding to single-stranded telomeric-repeat DNA.' 
_citation.journal_abbrev            Proc.Natl.Acad.Sci.USA 
_citation.journal_volume            108 
_citation.page_first                20357 
_citation.page_last                 20361 
_citation.year                      2011 
_citation.journal_id_ASTM           PNASA6 
_citation.country                   US 
_citation.journal_id_ISSN           0027-8424 
_citation.journal_id_CSD            0040 
_citation.book_publisher            ? 
_citation.pdbx_database_id_PubMed   22143754 
_citation.pdbx_database_id_DOI      10.1073/pnas.1113624108 
# 
loop_
_citation_author.citation_id 
_citation_author.name 
_citation_author.ordinal 
_citation_author.identifier_ORCID 
primary 'Zeng, Z.'    1 ? 
primary 'Min, B.'     2 ? 
primary 'Huang, J.'   3 ? 
primary 'Hong, K.'    4 ? 
primary 'Yang, Y.'    5 ? 
primary 'Collins, K.' 6 ? 
primary 'Lei, M.'     7 ? 
# 
loop_
_entity.id 
_entity.type 
_entity.src_method 
_entity.pdbx_description 
_entity.formula_weight 
_entity.pdbx_number_of_molecules 
_entity.pdbx_ec 
_entity.pdbx_mutation 
_entity.pdbx_fragment 
_entity.details 
1 polymer     man 'Telomerase-associated protein 82' 20283.000 1  ? ? 'unp residues 511-682' ? 
2 non-polymer syn 'ZINC ION'                         65.409    1  ? ? ?                      ? 
3 water       nat water                              18.015    18 ? ? ?                      ? 
# 
_entity_poly.entity_id                      1 
_entity_poly.type                           'polypeptide(L)' 
_entity_poly.nstd_linkage                   no 
_entity_poly.nstd_monomer                   no 
_entity_poly.pdbx_seq_one_letter_code       
;QRIYSSIEEIIQQAQASEIGQKKEFYVYGNLVSIQMKNKLYYYRCTCQGKSVLKYHGDSFFCESCQQFINPQVHLMLRAF
VQDSTGTIPVMIFDQQSSQLINQIDPSIHVQEAGQYVKNCIENGQEEIIRQLFSKLDFARFIFEIQFENKEFNNEQEIAY
KVLKIEKENIKE
;
_entity_poly.pdbx_seq_one_letter_code_can   
;QRIYSSIEEIIQQAQASEIGQKKEFYVYGNLVSIQMKNKLYYYRCTCQGKSVLKYHGDSFFCESCQQFINPQVHLMLRAF
VQDSTGTIPVMIFDQQSSQLINQIDPSIHVQEAGQYVKNCIENGQEEIIRQLFSKLDFARFIFEIQFENKEFNNEQEIAY
KVLKIEKENIKE
;
_entity_poly.pdbx_strand_id                 C 
_entity_poly.pdbx_target_identifier         ? 
# 
loop_
_pdbx_entity_nonpoly.entity_id 
_pdbx_entity_nonpoly.name 
_pdbx_entity_nonpoly.comp_id 
2 'ZINC ION' ZN  
3 water      HOH 
# 
loop_
_entity_poly_seq.entity_id 
_entity_poly_seq.num 
_entity_poly_seq.mon_id 
_entity_poly_seq.hetero 
1 1   GLN n 
1 2   ARG n 
1 3   ILE n 
1 4   TYR n 
1 5   SER n 
1 6   SER n 
1 7   ILE n 
1 8   GLU n 
1 9   GLU n 
1 10  ILE n 
1 11  ILE n 
1 12  GLN n 
1 13  GLN n 
1 14  ALA n 
1 15  GLN n 
1 16  ALA n 
1 17  SER n 
1 18  GLU n 
1 19  ILE n 
1 20  GLY n 
1 21  GLN n 
1 22  LYS n 
1 23  LYS n 
1 24  GLU n 
1 25  PHE n 
1 26  TYR n 
1 27  VAL n 
1 28  TYR n 
1 29  GLY n 
1 30  ASN n 
1 31  LEU n 
1 32  VAL n 
1 33  SER n 
1 34  ILE n 
1 35  GLN n 
1 36  MET n 
1 37  LYS n 
1 38  ASN n 
1 39  LYS n 
1 40  LEU n 
1 41  TYR n 
1 42  TYR n 
1 43  TYR n 
1 44  ARG n 
1 45  CYS n 
1 46  THR n 
1 47  CYS n 
1 48  GLN n 
1 49  GLY n 
1 50  LYS n 
1 51  SER n 
1 52  VAL n 
1 53  LEU n 
1 54  LYS n 
1 55  TYR n 
1 56  HIS n 
1 57  GLY n 
1 58  ASP n 
1 59  SER n 
1 60  PHE n 
1 61  PHE n 
1 62  CYS n 
1 63  GLU n 
1 64  SER n 
1 65  CYS n 
1 66  GLN n 
1 67  GLN n 
1 68  PHE n 
1 69  ILE n 
1 70  ASN n 
1 71  PRO n 
1 72  GLN n 
1 73  VAL n 
1 74  HIS n 
1 75  LEU n 
1 76  MET n 
1 77  LEU n 
1 78  ARG n 
1 79  ALA n 
1 80  PHE n 
1 81  VAL n 
1 82  GLN n 
1 83  ASP n 
1 84  SER n 
1 85  THR n 
1 86  GLY n 
1 87  THR n 
1 88  ILE n 
1 89  PRO n 
1 90  VAL n 
1 91  MET n 
1 92  ILE n 
1 93  PHE n 
1 94  ASP n 
1 95  GLN n 
1 96  GLN n 
1 97  SER n 
1 98  SER n 
1 99  GLN n 
1 100 LEU n 
1 101 ILE n 
1 102 ASN n 
1 103 GLN n 
1 104 ILE n 
1 105 ASP n 
1 106 PRO n 
1 107 SER n 
1 108 ILE n 
1 109 HIS n 
1 110 VAL n 
1 111 GLN n 
1 112 GLU n 
1 113 ALA n 
1 114 GLY n 
1 115 GLN n 
1 116 TYR n 
1 117 VAL n 
1 118 LYS n 
1 119 ASN n 
1 120 CYS n 
1 121 ILE n 
1 122 GLU n 
1 123 ASN n 
1 124 GLY n 
1 125 GLN n 
1 126 GLU n 
1 127 GLU n 
1 128 ILE n 
1 129 ILE n 
1 130 ARG n 
1 131 GLN n 
1 132 LEU n 
1 133 PHE n 
1 134 SER n 
1 135 LYS n 
1 136 LEU n 
1 137 ASP n 
1 138 PHE n 
1 139 ALA n 
1 140 ARG n 
1 141 PHE n 
1 142 ILE n 
1 143 PHE n 
1 144 GLU n 
1 145 ILE n 
1 146 GLN n 
1 147 PHE n 
1 148 GLU n 
1 149 ASN n 
1 150 LYS n 
1 151 GLU n 
1 152 PHE n 
1 153 ASN n 
1 154 ASN n 
1 155 GLU n 
1 156 GLN n 
1 157 GLU n 
1 158 ILE n 
1 159 ALA n 
1 160 TYR n 
1 161 LYS n 
1 162 VAL n 
1 163 LEU n 
1 164 LYS n 
1 165 ILE n 
1 166 GLU n 
1 167 LYS n 
1 168 GLU n 
1 169 ASN n 
1 170 ILE n 
1 171 LYS n 
1 172 GLU n 
# 
_entity_src_gen.entity_id                          1 
_entity_src_gen.pdbx_src_id                        1 
_entity_src_gen.pdbx_alt_source_flag               sample 
_entity_src_gen.pdbx_seq_type                      ? 
_entity_src_gen.pdbx_beg_seq_num                   ? 
_entity_src_gen.pdbx_end_seq_num                   ? 
_entity_src_gen.gene_src_common_name               ? 
_entity_src_gen.gene_src_genus                     ? 
_entity_src_gen.pdbx_gene_src_gene                 TAP82 
_entity_src_gen.gene_src_species                   ? 
_entity_src_gen.gene_src_strain                    ? 
_entity_src_gen.gene_src_tissue                    ? 
_entity_src_gen.gene_src_tissue_fraction           ? 
_entity_src_gen.gene_src_details                   ? 
_entity_src_gen.pdbx_gene_src_fragment             ? 
_entity_src_gen.pdbx_gene_src_scientific_name      'Tetrahymena thermophila' 
_entity_src_gen.pdbx_gene_src_ncbi_taxonomy_id     5911 
_entity_src_gen.pdbx_gene_src_variant              ? 
_entity_src_gen.pdbx_gene_src_cell_line            ? 
_entity_src_gen.pdbx_gene_src_atcc                 ? 
_entity_src_gen.pdbx_gene_src_organ                ? 
_entity_src_gen.pdbx_gene_src_organelle            ? 
_entity_src_gen.pdbx_gene_src_cell                 ? 
_entity_src_gen.pdbx_gene_src_cellular_location    ? 
_entity_src_gen.host_org_common_name               ? 
_entity_src_gen.pdbx_host_org_scientific_name      'Escherichia coli' 
_entity_src_gen.pdbx_host_org_ncbi_taxonomy_id     469008 
_entity_src_gen.host_org_genus                     ? 
_entity_src_gen.pdbx_host_org_gene                 ? 
_entity_src_gen.pdbx_host_org_organ                ? 
_entity_src_gen.host_org_species                   ? 
_entity_src_gen.pdbx_host_org_tissue               ? 
_entity_src_gen.pdbx_host_org_tissue_fraction      ? 
_entity_src_gen.pdbx_host_org_strain               'BL21(DE3)' 
_entity_src_gen.pdbx_host_org_variant              ? 
_entity_src_gen.pdbx_host_org_cell_line            ? 
_entity_src_gen.pdbx_host_org_atcc                 ? 
_entity_src_gen.pdbx_host_org_culture_collection   ? 
_entity_src_gen.pdbx_host_org_cell                 ? 
_entity_src_gen.pdbx_host_org_organelle            ? 
_entity_src_gen.pdbx_host_org_cellular_location    ? 
_entity_src_gen.pdbx_host_org_vector_type          plasmid 
_entity_src_gen.pdbx_host_org_vector               ? 
_entity_src_gen.host_org_details                   ? 
_entity_src_gen.expression_system_id               ? 
_entity_src_gen.plasmid_name                       ? 
_entity_src_gen.plasmid_details                    ? 
_entity_src_gen.pdbx_description                   ? 
# 
loop_
_chem_comp.id 
_chem_comp.type 
_chem_comp.mon_nstd_flag 
_chem_comp.name 
_chem_comp.pdbx_synonyms 
_chem_comp.formula 
_chem_comp.formula_weight 
ALA 'L-peptide linking' y ALANINE         ? 'C3 H7 N O2'     89.093  
ARG 'L-peptide linking' y ARGININE        ? 'C6 H15 N4 O2 1' 175.209 
ASN 'L-peptide linking' y ASPARAGINE      ? 'C4 H8 N2 O3'    132.118 
ASP 'L-peptide linking' y 'ASPARTIC ACID' ? 'C4 H7 N O4'     133.103 
CYS 'L-peptide linking' y CYSTEINE        ? 'C3 H7 N O2 S'   121.158 
GLN 'L-peptide linking' y GLUTAMINE       ? 'C5 H10 N2 O3'   146.144 
GLU 'L-peptide linking' y 'GLUTAMIC ACID' ? 'C5 H9 N O4'     147.129 
GLY 'peptide linking'   y GLYCINE         ? 'C2 H5 N O2'     75.067  
HIS 'L-peptide linking' y HISTIDINE       ? 'C6 H10 N3 O2 1' 156.162 
HOH non-polymer         . WATER           ? 'H2 O'           18.015  
ILE 'L-peptide linking' y ISOLEUCINE      ? 'C6 H13 N O2'    131.173 
LEU 'L-peptide linking' y LEUCINE         ? 'C6 H13 N O2'    131.173 
LYS 'L-peptide linking' y LYSINE          ? 'C6 H15 N2 O2 1' 147.195 
MET 'L-peptide linking' y METHIONINE      ? 'C5 H11 N O2 S'  149.211 
PHE 'L-peptide linking' y PHENYLALANINE   ? 'C9 H11 N O2'    165.189 
PRO 'L-peptide linking' y PROLINE         ? 'C5 H9 N O2'     115.130 
SER 'L-peptide linking' y SERINE          ? 'C3 H7 N O3'     105.093 
THR 'L-peptide linking' y THREONINE       ? 'C4 H9 N O3'     119.119 
TYR 'L-peptide linking' y TYROSINE        ? 'C9 H11 N O3'    181.189 
VAL 'L-peptide linking' y VALINE          ? 'C5 H11 N O2'    117.146 
ZN  non-polymer         . 'ZINC ION'      ? 'Zn 2'           65.409  
# 
loop_
_pdbx_poly_seq_scheme.asym_id 
_pdbx_poly_seq_scheme.entity_id 
_pdbx_poly_seq_scheme.seq_id 
_pdbx_poly_seq_scheme.mon_id 
_pdbx_poly_seq_scheme.ndb_seq_num 
_pdbx_poly_seq_scheme.pdb_seq_num 
_pdbx_poly_seq_scheme.auth_seq_num 
_pdbx_poly_seq_scheme.pdb_mon_id 
_pdbx_poly_seq_scheme.auth_mon_id 
_pdbx_poly_seq_scheme.pdb_strand_id 
_pdbx_poly_seq_scheme.pdb_ins_code 
_pdbx_poly_seq_scheme.hetero 
A 1 1   GLN 1   511 511 GLN GLN C . n 
A 1 2   ARG 2   512 512 ARG ARG C . n 
A 1 3   ILE 3   513 513 ILE ILE C . n 
A 1 4   TYR 4   514 514 TYR TYR C . n 
A 1 5   SER 5   515 515 SER SER C . n 
A 1 6   SER 6   516 516 SER SER C . n 
A 1 7   ILE 7   517 517 ILE ILE C . n 
A 1 8   GLU 8   518 518 GLU GLU C . n 
A 1 9   GLU 9   519 519 GLU GLU C . n 
A 1 10  ILE 10  520 520 ILE ILE C . n 
A 1 11  ILE 11  521 521 ILE ILE C . n 
A 1 12  GLN 12  522 522 GLN GLN C . n 
A 1 13  GLN 13  523 523 GLN GLN C . n 
A 1 14  ALA 14  524 524 ALA ALA C . n 
A 1 15  GLN 15  525 525 GLN GLN C . n 
A 1 16  ALA 16  526 526 ALA ALA C . n 
A 1 17  SER 17  527 527 SER SER C . n 
A 1 18  GLU 18  528 528 GLU GLU C . n 
A 1 19  ILE 19  529 529 ILE ILE C . n 
A 1 20  GLY 20  530 530 GLY GLY C . n 
A 1 21  GLN 21  531 531 GLN GLN C . n 
A 1 22  LYS 22  532 532 LYS LYS C . n 
A 1 23  LYS 23  533 533 LYS LYS C . n 
A 1 24  GLU 24  534 534 GLU GLU C . n 
A 1 25  PHE 25  535 535 PHE PHE C . n 
A 1 26  TYR 26  536 536 TYR TYR C . n 
A 1 27  VAL 27  537 537 VAL VAL C . n 
A 1 28  TYR 28  538 538 TYR TYR C . n 
A 1 29  GLY 29  539 539 GLY GLY C . n 
A 1 30  ASN 30  540 540 ASN ASN C . n 
A 1 31  LEU 31  541 541 LEU LEU C . n 
A 1 32  VAL 32  542 542 VAL VAL C . n 
A 1 33  SER 33  543 543 SER SER C . n 
A 1 34  ILE 34  544 544 ILE ILE C . n 
A 1 35  GLN 35  545 545 GLN GLN C . n 
A 1 36  MET 36  546 546 MET MET C . n 
A 1 37  LYS 37  547 547 LYS LYS C . n 
A 1 38  ASN 38  548 548 ASN ASN C . n 
A 1 39  LYS 39  549 549 LYS LYS C . n 
A 1 40  LEU 40  550 550 LEU LEU C . n 
A 1 41  TYR 41  551 551 TYR TYR C . n 
A 1 42  TYR 42  552 552 TYR TYR C . n 
A 1 43  TYR 43  553 553 TYR TYR C . n 
A 1 44  ARG 44  554 554 ARG ARG C . n 
A 1 45  CYS 45  555 555 CYS CYS C . n 
A 1 46  THR 46  556 556 THR THR C . n 
A 1 47  CYS 47  557 557 CYS CYS C . n 
A 1 48  GLN 48  558 558 GLN GLN C . n 
A 1 49  GLY 49  559 559 GLY GLY C . n 
A 1 50  LYS 50  560 560 LYS LYS C . n 
A 1 51  SER 51  561 561 SER SER C . n 
A 1 52  VAL 52  562 562 VAL VAL C . n 
A 1 53  LEU 53  563 563 LEU LEU C . n 
A 1 54  LYS 54  564 564 LYS LYS C . n 
A 1 55  TYR 55  565 565 TYR TYR C . n 
A 1 56  HIS 56  566 566 HIS HIS C . n 
A 1 57  GLY 57  567 567 GLY GLY C . n 
A 1 58  ASP 58  568 568 ASP ASP C . n 
A 1 59  SER 59  569 569 SER SER C . n 
A 1 60  PHE 60  570 570 PHE PHE C . n 
A 1 61  PHE 61  571 571 PHE PHE C . n 
A 1 62  CYS 62  572 572 CYS CYS C . n 
A 1 63  GLU 63  573 573 GLU GLU C . n 
A 1 64  SER 64  574 574 SER SER C . n 
A 1 65  CYS 65  575 575 CYS CYS C . n 
A 1 66  GLN 66  576 576 GLN GLN C . n 
A 1 67  GLN 67  577 577 GLN GLN C . n 
A 1 68  PHE 68  578 578 PHE PHE C . n 
A 1 69  ILE 69  579 579 ILE ILE C . n 
A 1 70  ASN 70  580 580 ASN ASN C . n 
A 1 71  PRO 71  581 581 PRO PRO C . n 
A 1 72  GLN 72  582 582 GLN GLN C . n 
A 1 73  VAL 73  583 583 VAL VAL C . n 
A 1 74  HIS 74  584 584 HIS HIS C . n 
A 1 75  LEU 75  585 585 LEU LEU C . n 
A 1 76  MET 76  586 586 MET MET C . n 
A 1 77  LEU 77  587 587 LEU LEU C . n 
A 1 78  ARG 78  588 588 ARG ARG C . n 
A 1 79  ALA 79  589 589 ALA ALA C . n 
A 1 80  PHE 80  590 590 PHE PHE C . n 
A 1 81  VAL 81  591 591 VAL VAL C . n 
A 1 82  GLN 82  592 592 GLN GLN C . n 
A 1 83  ASP 83  593 593 ASP ASP C . n 
A 1 84  SER 84  594 594 SER SER C . n 
A 1 85  THR 85  595 595 THR THR C . n 
A 1 86  GLY 86  596 596 GLY GLY C . n 
A 1 87  THR 87  597 597 THR THR C . n 
A 1 88  ILE 88  598 598 ILE ILE C . n 
A 1 89  PRO 89  599 599 PRO PRO C . n 
A 1 90  VAL 90  600 600 VAL VAL C . n 
A 1 91  MET 91  601 601 MET MET C . n 
A 1 92  ILE 92  602 602 ILE ILE C . n 
A 1 93  PHE 93  603 603 PHE PHE C . n 
A 1 94  ASP 94  604 604 ASP ASP C . n 
A 1 95  GLN 95  605 605 GLN GLN C . n 
A 1 96  GLN 96  606 606 GLN GLN C . n 
A 1 97  SER 97  607 607 SER SER C . n 
A 1 98  SER 98  608 608 SER SER C . n 
A 1 99  GLN 99  609 609 GLN GLN C . n 
A 1 100 LEU 100 610 610 LEU LEU C . n 
A 1 101 ILE 101 611 611 ILE ILE C . n 
A 1 102 ASN 102 612 612 ASN ASN C . n 
A 1 103 GLN 103 613 613 GLN GLN C . n 
A 1 104 ILE 104 614 614 ILE ILE C . n 
A 1 105 ASP 105 615 615 ASP ASP C . n 
A 1 106 PRO 106 616 616 PRO PRO C . n 
A 1 107 SER 107 617 617 SER SER C . n 
A 1 108 ILE 108 618 618 ILE ILE C . n 
A 1 109 HIS 109 619 619 HIS HIS C . n 
A 1 110 VAL 110 620 620 VAL VAL C . n 
A 1 111 GLN 111 621 621 GLN GLN C . n 
A 1 112 GLU 112 622 622 GLU GLU C . n 
A 1 113 ALA 113 623 623 ALA ALA C . n 
A 1 114 GLY 114 624 624 GLY GLY C . n 
A 1 115 GLN 115 625 625 GLN GLN C . n 
A 1 116 TYR 116 626 626 TYR TYR C . n 
A 1 117 VAL 117 627 627 VAL VAL C . n 
A 1 118 LYS 118 628 628 LYS LYS C . n 
A 1 119 ASN 119 629 629 ASN ASN C . n 
A 1 120 CYS 120 630 630 CYS CYS C . n 
A 1 121 ILE 121 631 631 ILE ILE C . n 
A 1 122 GLU 122 632 632 GLU GLU C . n 
A 1 123 ASN 123 633 633 ASN ASN C . n 
A 1 124 GLY 124 634 634 GLY GLY C . n 
A 1 125 GLN 125 635 635 GLN GLN C . n 
A 1 126 GLU 126 636 636 GLU GLU C . n 
A 1 127 GLU 127 637 637 GLU GLU C . n 
A 1 128 ILE 128 638 638 ILE ILE C . n 
A 1 129 ILE 129 639 639 ILE ILE C . n 
A 1 130 ARG 130 640 640 ARG ARG C . n 
A 1 131 GLN 131 641 641 GLN GLN C . n 
A 1 132 LEU 132 642 642 LEU LEU C . n 
A 1 133 PHE 133 643 643 PHE PHE C . n 
A 1 134 SER 134 644 644 SER SER C . n 
A 1 135 LYS 135 645 645 LYS LYS C . n 
A 1 136 LEU 136 646 646 LEU LEU C . n 
A 1 137 ASP 137 647 647 ASP ASP C . n 
A 1 138 PHE 138 648 648 PHE PHE C . n 
A 1 139 ALA 139 649 649 ALA ALA C . n 
A 1 140 ARG 140 650 650 ARG ARG C . n 
A 1 141 PHE 141 651 651 PHE PHE C . n 
A 1 142 ILE 142 652 652 ILE ILE C . n 
A 1 143 PHE 143 653 653 PHE PHE C . n 
A 1 144 GLU 144 654 654 GLU GLU C . n 
A 1 145 ILE 145 655 655 ILE ILE C . n 
A 1 146 GLN 146 656 656 GLN GLN C . n 
A 1 147 PHE 147 657 657 PHE PHE C . n 
A 1 148 GLU 148 658 658 GLU GLU C . n 
A 1 149 ASN 149 659 659 ASN ASN C . n 
A 1 150 LYS 150 660 660 LYS LYS C . n 
A 1 151 GLU 151 661 ?   ?   ?   C . n 
A 1 152 PHE 152 662 ?   ?   ?   C . n 
A 1 153 ASN 153 663 ?   ?   ?   C . n 
A 1 154 ASN 154 664 ?   ?   ?   C . n 
A 1 155 GLU 155 665 ?   ?   ?   C . n 
A 1 156 GLN 156 666 ?   ?   ?   C . n 
A 1 157 GLU 157 667 667 GLU GLU C . n 
A 1 158 ILE 158 668 668 ILE ILE C . n 
A 1 159 ALA 159 669 669 ALA ALA C . n 
A 1 160 TYR 160 670 670 TYR TYR C . n 
A 1 161 LYS 161 671 671 LYS LYS C . n 
A 1 162 VAL 162 672 672 VAL VAL C . n 
A 1 163 LEU 163 673 673 LEU LEU C . n 
A 1 164 LYS 164 674 674 LYS LYS C . n 
A 1 165 ILE 165 675 675 ILE ILE C . n 
A 1 166 GLU 166 676 676 GLU GLU C . n 
A 1 167 LYS 167 677 677 LYS LYS C . n 
A 1 168 GLU 168 678 678 GLU GLU C . n 
A 1 169 ASN 169 679 ?   ?   ?   C . n 
A 1 170 ILE 170 680 ?   ?   ?   C . n 
A 1 171 LYS 171 681 ?   ?   ?   C . n 
A 1 172 GLU 172 682 ?   ?   ?   C . n 
# 
loop_
_pdbx_nonpoly_scheme.asym_id 
_pdbx_nonpoly_scheme.entity_id 
_pdbx_nonpoly_scheme.mon_id 
_pdbx_nonpoly_scheme.ndb_seq_num 
_pdbx_nonpoly_scheme.pdb_seq_num 
_pdbx_nonpoly_scheme.auth_seq_num 
_pdbx_nonpoly_scheme.pdb_mon_id 
_pdbx_nonpoly_scheme.auth_mon_id 
_pdbx_nonpoly_scheme.pdb_strand_id 
_pdbx_nonpoly_scheme.pdb_ins_code 
B 2 ZN  1  684 1  ZN  ZN  C . 
C 3 HOH 1  2   2  HOH HOH C . 
C 3 HOH 2  3   3  HOH HOH C . 
C 3 HOH 3  4   4  HOH HOH C . 
C 3 HOH 4  5   5  HOH HOH C . 
C 3 HOH 5  6   6  HOH HOH C . 
C 3 HOH 6  7   7  HOH HOH C . 
C 3 HOH 7  8   8  HOH HOH C . 
C 3 HOH 8  9   9  HOH HOH C . 
C 3 HOH 9  10  10 HOH HOH C . 
C 3 HOH 10 11  11 HOH HOH C . 
C 3 HOH 11 12  12 HOH HOH C . 
C 3 HOH 12 13  13 HOH HOH C . 
C 3 HOH 13 14  14 HOH HOH C . 
C 3 HOH 14 15  15 HOH HOH C . 
C 3 HOH 15 16  16 HOH HOH C . 
C 3 HOH 16 17  17 HOH HOH C . 
C 3 HOH 17 18  18 HOH HOH C . 
C 3 HOH 18 683 1  HOH HOH C . 
# 
loop_
_software.pdbx_ordinal 
_software.name 
_software.version 
_software.date 
_software.type 
_software.contact_author 
_software.contact_author_email 
_software.classification 
_software.location 
_software.language 
_software.citation_id 
1 DENZO       .       ?               package 'Zbyszek Otwinowski' hkl@hkl-xray.com         'data reduction'  
http://www.hkl-xray.com/                  ?   ? 
2 SCALEPACK   .       ?               package 'Zbyszek Otwinowski' hkl@hkl-xray.com         'data scaling'    
http://www.hkl-xray.com/                  ?   ? 
3 PHENIX      1.7_650 ?               package 'Paul D. Adams'      PDAdams@lbl.gov          refinement        
http://www.phenix-online.org/             C++ ? 
4 PDB_EXTRACT 3.10    'June 10, 2010' package PDB                  deposit@deposit.rcsb.org 'data extraction' 
http://sw-tools.pdb.org/apps/PDB_EXTRACT/ C++ ? 
# 
_cell.entry_id           3U50 
_cell.length_a           80.609 
_cell.length_b           80.609 
_cell.length_c           82.081 
_cell.angle_alpha        90.00 
_cell.angle_beta         90.00 
_cell.angle_gamma        120.00 
_cell.Z_PDB              6 
_cell.pdbx_unique_axis   ? 
_cell.length_a_esd       ? 
_cell.length_b_esd       ? 
_cell.length_c_esd       ? 
_cell.angle_alpha_esd    ? 
_cell.angle_beta_esd     ? 
_cell.angle_gamma_esd    ? 
# 
_symmetry.entry_id                         3U50 
_symmetry.space_group_name_H-M             'P 31 2 1' 
_symmetry.pdbx_full_space_group_name_H-M   ? 
_symmetry.cell_setting                     ? 
_symmetry.Int_Tables_number                152 
_symmetry.space_group_name_Hall            ? 
# 
_exptl.entry_id          3U50 
_exptl.method            'X-RAY DIFFRACTION' 
_exptl.crystals_number   1 
# 
_exptl_crystal.id                    1 
_exptl_crystal.density_meas          ? 
_exptl_crystal.density_Matthews      3.80 
_exptl_crystal.density_percent_sol   67.59 
_exptl_crystal.description           ? 
_exptl_crystal.F_000                 ? 
_exptl_crystal.preparation           ? 
# 
_exptl_crystal_grow.crystal_id      1 
_exptl_crystal_grow.method          ? 
_exptl_crystal_grow.temp            277 
_exptl_crystal_grow.temp_details    ? 
_exptl_crystal_grow.pH              5.2 
_exptl_crystal_grow.pdbx_pH_range   ? 
_exptl_crystal_grow.pdbx_details    '3.8 M NaCl, pH 5.2, vapor diffusion, sitting drop, temperature 277K' 
# 
_diffrn.id                     1 
_diffrn.ambient_temp           100 
_diffrn.ambient_temp_details   ? 
_diffrn.crystal_id             1 
# 
_diffrn_detector.diffrn_id              1 
_diffrn_detector.detector               'IMAGE PLATE' 
_diffrn_detector.type                   'MAR scanner 300 mm plate' 
_diffrn_detector.pdbx_collection_date   2009-06-10 
_diffrn_detector.details                ? 
# 
_diffrn_radiation.diffrn_id                        1 
_diffrn_radiation.wavelength_id                    1 
_diffrn_radiation.pdbx_monochromatic_or_laue_m_l   ? 
_diffrn_radiation.monochromator                    ? 
_diffrn_radiation.pdbx_diffrn_protocol             'SINGLE WAVELENGTH' 
_diffrn_radiation.pdbx_scattering_type             x-ray 
# 
_diffrn_radiation_wavelength.id           1 
_diffrn_radiation_wavelength.wavelength   0.97870 
_diffrn_radiation_wavelength.wt           1.0 
# 
_diffrn_source.diffrn_id                   1 
_diffrn_source.source                      SYNCHROTRON 
_diffrn_source.type                        'APS BEAMLINE 21-ID-D' 
_diffrn_source.pdbx_synchrotron_site       APS 
_diffrn_source.pdbx_synchrotron_beamline   21-ID-D 
_diffrn_source.pdbx_wavelength             0.97870 
_diffrn_source.pdbx_wavelength_list        ? 
# 
_reflns.pdbx_diffrn_id               1 
_reflns.pdbx_ordinal                 1 
_reflns.entry_id                     3U50 
_reflns.observed_criterion_sigma_I   ? 
_reflns.observed_criterion_sigma_F   ? 
_reflns.d_resolution_low             100.000 
_reflns.d_resolution_high            2.500 
_reflns.number_obs                   10822 
_reflns.number_all                   ? 
_reflns.percent_possible_obs         97.9 
_reflns.pdbx_Rmerge_I_obs            0.05800 
_reflns.pdbx_Rsym_value              ? 
_reflns.pdbx_netI_over_sigmaI        17.2000 
_reflns.B_iso_Wilson_estimate        ? 
_reflns.pdbx_redundancy              10.000 
_reflns.R_free_details               ? 
_reflns.limit_h_max                  ? 
_reflns.limit_h_min                  ? 
_reflns.limit_k_max                  ? 
_reflns.limit_k_min                  ? 
_reflns.limit_l_max                  ? 
_reflns.limit_l_min                  ? 
_reflns.observed_criterion_F_max     ? 
_reflns.observed_criterion_F_min     ? 
_reflns.pdbx_chi_squared             ? 
_reflns.pdbx_scaling_rejects         ? 
# 
_reflns_shell.pdbx_diffrn_id         1 
_reflns_shell.pdbx_ordinal           1 
_reflns_shell.d_res_high             2.50 
_reflns_shell.d_res_low              2.59 
_reflns_shell.percent_possible_all   82.2 
_reflns_shell.Rmerge_I_obs           0.35700 
_reflns_shell.pdbx_Rsym_value        ? 
_reflns_shell.meanI_over_sigI_obs    ? 
_reflns_shell.pdbx_redundancy        6.10 
_reflns_shell.percent_possible_obs   ? 
_reflns_shell.number_unique_all      ? 
_reflns_shell.number_measured_all    ? 
_reflns_shell.number_measured_obs    ? 
_reflns_shell.number_unique_obs      ? 
_reflns_shell.pdbx_chi_squared       ? 
# 
_refine.pdbx_refine_id                           'X-RAY DIFFRACTION' 
_refine.entry_id                                 3U50 
_refine.pdbx_diffrn_id                           1 
_refine.pdbx_TLS_residual_ADP_flag               ? 
_refine.ls_number_reflns_obs                     10792 
_refine.ls_number_reflns_all                     ? 
_refine.pdbx_ls_sigma_I                          ? 
_refine.pdbx_ls_sigma_F                          1.350 
_refine.pdbx_data_cutoff_high_absF               ? 
_refine.pdbx_data_cutoff_low_absF                ? 
_refine.pdbx_data_cutoff_high_rms_absF           ? 
_refine.ls_d_res_low                             36.18 
_refine.ls_d_res_high                            2.50 
_refine.ls_percent_reflns_obs                    97.8 
_refine.ls_R_factor_obs                          0.218 
_refine.ls_R_factor_all                          ? 
_refine.ls_R_factor_R_work                       0.214 
_refine.ls_R_factor_R_free                       0.253 
_refine.ls_R_factor_R_free_error                 ? 
_refine.ls_R_factor_R_free_error_details         ? 
_refine.ls_percent_reflns_R_free                 10.290 
_refine.ls_number_reflns_R_free                  1110 
_refine.ls_number_parameters                     ? 
_refine.ls_number_restraints                     ? 
_refine.occupancy_min                            1.000 
_refine.occupancy_max                            1.000 
_refine.correlation_coeff_Fo_to_Fc               ? 
_refine.correlation_coeff_Fo_to_Fc_free          ? 
_refine.B_iso_mean                               58.76 
_refine.aniso_B[1][1]                            5.73350 
_refine.aniso_B[2][2]                            5.73350 
_refine.aniso_B[3][3]                            -11.46690 
_refine.aniso_B[1][2]                            -0.00000 
_refine.aniso_B[1][3]                            -0.00000 
_refine.aniso_B[2][3]                            0.00000 
_refine.solvent_model_details                    'FLAT BULK SOLVENT MODEL' 
_refine.solvent_model_param_ksol                 0.40 
_refine.solvent_model_param_bsol                 51.59 
_refine.pdbx_solvent_vdw_probe_radii             1.00 
_refine.pdbx_solvent_ion_probe_radii             ? 
_refine.pdbx_solvent_shrinkage_radii             0.72 
_refine.pdbx_ls_cross_valid_method               ? 
_refine.details                                  ? 
_refine.pdbx_starting_model                      ? 
_refine.pdbx_method_to_determine_struct          SAD 
_refine.pdbx_isotropic_thermal_model             ? 
_refine.pdbx_stereochemistry_target_values       ML 
_refine.pdbx_stereochem_target_val_spec_case     ? 
_refine.pdbx_R_Free_selection_details            ? 
_refine.pdbx_overall_ESU_R_Free                  ? 
_refine.overall_SU_ML                            0.350 
_refine.pdbx_overall_phase_error                 27.370 
_refine.overall_SU_B                             ? 
_refine.overall_SU_R_Cruickshank_DPI             ? 
_refine.pdbx_overall_SU_R_free_Cruickshank_DPI   ? 
_refine.pdbx_overall_SU_R_Blow_DPI               ? 
_refine.pdbx_overall_SU_R_free_Blow_DPI          ? 
_refine.ls_redundancy_reflns_obs                 ? 
_refine.pdbx_overall_ESU_R                       ? 
_refine.B_iso_min                                ? 
_refine.B_iso_max                                ? 
_refine.overall_SU_R_free                        ? 
_refine.ls_wR_factor_R_free                      ? 
_refine.ls_wR_factor_R_work                      ? 
_refine.overall_FOM_free_R_set                   ? 
_refine.overall_FOM_work_R_set                   ? 
# 
_refine_hist.pdbx_refine_id                   'X-RAY DIFFRACTION' 
_refine_hist.cycle_id                         LAST 
_refine_hist.pdbx_number_atoms_protein        1337 
_refine_hist.pdbx_number_atoms_nucleic_acid   0 
_refine_hist.pdbx_number_atoms_ligand         1 
_refine_hist.number_atoms_solvent             18 
_refine_hist.number_atoms_total               1356 
_refine_hist.d_res_high                       2.50 
_refine_hist.d_res_low                        36.18 
# 
loop_
_refine_ls_restr.type 
_refine_ls_restr.dev_ideal 
_refine_ls_restr.dev_ideal_target 
_refine_ls_restr.weight 
_refine_ls_restr.number 
_refine_ls_restr.pdbx_refine_id 
_refine_ls_restr.pdbx_restraint_function 
f_bond_d           0.009  ? ? 1361 'X-RAY DIFFRACTION' ? 
f_angle_d          1.139  ? ? 1826 'X-RAY DIFFRACTION' ? 
f_dihedral_angle_d 17.870 ? ? 517  'X-RAY DIFFRACTION' ? 
f_chiral_restr     0.082  ? ? 195  'X-RAY DIFFRACTION' ? 
f_plane_restr      0.005  ? ? 237  'X-RAY DIFFRACTION' ? 
# 
loop_
_refine_ls_shell.pdbx_refine_id 
_refine_ls_shell.pdbx_total_number_of_bins_used 
_refine_ls_shell.d_res_high 
_refine_ls_shell.d_res_low 
_refine_ls_shell.number_reflns_R_work 
_refine_ls_shell.R_factor_R_work 
_refine_ls_shell.percent_reflns_obs 
_refine_ls_shell.R_factor_R_free 
_refine_ls_shell.R_factor_R_free_error 
_refine_ls_shell.percent_reflns_R_free 
_refine_ls_shell.number_reflns_R_free 
_refine_ls_shell.number_reflns_all 
_refine_ls_shell.R_factor_all 
_refine_ls_shell.redundancy_reflns_obs 
_refine_ls_shell.number_reflns_obs 
'X-RAY DIFFRACTION' . 2.5001 2.6138  1035 0.3076 85.00  0.3903 . . 116 . . . . 
'X-RAY DIFFRACTION' . 2.6138 2.7516  1189 0.3003 99.00  0.3565 . . 136 . . . . 
'X-RAY DIFFRACTION' . 2.7516 2.9239  1224 0.2905 100.00 0.3746 . . 135 . . . . 
'X-RAY DIFFRACTION' . 2.9239 3.1495  1211 0.2651 100.00 0.3194 . . 135 . . . . 
'X-RAY DIFFRACTION' . 3.1495 3.4662  1234 0.2341 100.00 0.2968 . . 143 . . . . 
'X-RAY DIFFRACTION' . 3.4662 3.9673  1234 0.2015 100.00 0.2334 . . 152 . . . . 
'X-RAY DIFFRACTION' . 3.9673 4.9963  1249 0.1614 100.00 0.1908 . . 140 . . . . 
'X-RAY DIFFRACTION' . 4.9963 36.1820 1306 0.2000 100.00 0.2237 . . 153 . . . . 
# 
_struct.entry_id                  3U50 
_struct.title                     'Crystal Structure of the Tetrahymena telomerase processivity factor Teb1 OB-C' 
_struct.pdbx_model_details        ? 
_struct.pdbx_CASP_flag            ? 
_struct.pdbx_model_type_details   ? 
# 
_struct_keywords.entry_id        3U50 
_struct_keywords.text            'tetrahymena, telomerase, Teb1, processivity factor, DNA BINDING PROTEIN' 
_struct_keywords.pdbx_keywords   'DNA BINDING PROTEIN' 
# 
loop_
_struct_asym.id 
_struct_asym.pdbx_blank_PDB_chainid_flag 
_struct_asym.pdbx_modified 
_struct_asym.entity_id 
_struct_asym.details 
A N N 1 ? 
B N N 2 ? 
C N N 3 ? 
# 
_struct_ref.id                         1 
_struct_ref.db_name                    UNP 
_struct_ref.db_code                    D2CVN6_TETTH 
_struct_ref.pdbx_db_accession          D2CVN6 
_struct_ref.entity_id                  1 
_struct_ref.pdbx_seq_one_letter_code   
;QRIYSSIEEIIQQAQASEIGQKKEFYVYGNLVSIQMKNKLYYYRCTCQGKSVLKYHGDSFFCESCQQFINPQVHLMLRAF
VQDSTGTIPVMIFDQQSSQLINQIDPSIHVQEAGQYVKNCIENGQEEIIRQLFSKLDFARFIFEIQFENKEFNNEQEIAY
KVLKIEKENIKE
;
_struct_ref.pdbx_align_begin           511 
_struct_ref.pdbx_db_isoform            ? 
# 
_struct_ref_seq.align_id                      1 
_struct_ref_seq.ref_id                        1 
_struct_ref_seq.pdbx_PDB_id_code              3U50 
_struct_ref_seq.pdbx_strand_id                C 
_struct_ref_seq.seq_align_beg                 1 
_struct_ref_seq.pdbx_seq_align_beg_ins_code   ? 
_struct_ref_seq.seq_align_end                 172 
_struct_ref_seq.pdbx_seq_align_end_ins_code   ? 
_struct_ref_seq.pdbx_db_accession             D2CVN6 
_struct_ref_seq.db_align_beg                  511 
_struct_ref_seq.pdbx_db_align_beg_ins_code    ? 
_struct_ref_seq.db_align_end                  682 
_struct_ref_seq.pdbx_db_align_end_ins_code    ? 
_struct_ref_seq.pdbx_auth_seq_align_beg       511 
_struct_ref_seq.pdbx_auth_seq_align_end       682 
# 
_pdbx_struct_assembly.id                   1 
_pdbx_struct_assembly.details              author_and_software_defined_assembly 
_pdbx_struct_assembly.method_details       PISA 
_pdbx_struct_assembly.oligomeric_details   monomeric 
_pdbx_struct_assembly.oligomeric_count     1 
# 
_pdbx_struct_assembly_gen.assembly_id       1 
_pdbx_struct_assembly_gen.oper_expression   1 
_pdbx_struct_assembly_gen.asym_id_list      A,B,C 
# 
_pdbx_struct_oper_list.id                   1 
_pdbx_struct_oper_list.type                 'identity operation' 
_pdbx_struct_oper_list.name                 1_555 
_pdbx_struct_oper_list.symmetry_operation   x,y,z 
_pdbx_struct_oper_list.matrix[1][1]         1.0000000000 
_pdbx_struct_oper_list.matrix[1][2]         0.0000000000 
_pdbx_struct_oper_list.matrix[1][3]         0.0000000000 
_pdbx_struct_oper_list.vector[1]            0.0000000000 
_pdbx_struct_oper_list.matrix[2][1]         0.0000000000 
_pdbx_struct_oper_list.matrix[2][2]         1.0000000000 
_pdbx_struct_oper_list.matrix[2][3]         0.0000000000 
_pdbx_struct_oper_list.vector[2]            0.0000000000 
_pdbx_struct_oper_list.matrix[3][1]         0.0000000000 
_pdbx_struct_oper_list.matrix[3][2]         0.0000000000 
_pdbx_struct_oper_list.matrix[3][3]         1.0000000000 
_pdbx_struct_oper_list.vector[3]            0.0000000000 
# 
_struct_biol.id        1 
_struct_biol.details   ? 
# 
loop_
_struct_conf.conf_type_id 
_struct_conf.id 
_struct_conf.pdbx_PDB_helix_id 
_struct_conf.beg_label_comp_id 
_struct_conf.beg_label_asym_id 
_struct_conf.beg_label_seq_id 
_struct_conf.pdbx_beg_PDB_ins_code 
_struct_conf.end_label_comp_id 
_struct_conf.end_label_asym_id 
_struct_conf.end_label_seq_id 
_struct_conf.pdbx_end_PDB_ins_code 
_struct_conf.beg_auth_comp_id 
_struct_conf.beg_auth_asym_id 
_struct_conf.beg_auth_seq_id 
_struct_conf.end_auth_comp_id 
_struct_conf.end_auth_asym_id 
_struct_conf.end_auth_seq_id 
_struct_conf.pdbx_PDB_helix_class 
_struct_conf.details 
_struct_conf.pdbx_PDB_helix_length 
HELX_P HELX_P1 1 SER A 6   ? ALA A 16  ? SER C 516 ALA C 526 1 ? 11 
HELX_P HELX_P2 2 PHE A 93  ? ASP A 105 ? PHE C 603 ASP C 615 1 ? 13 
HELX_P HELX_P3 3 HIS A 109 ? GLN A 111 ? HIS C 619 GLN C 621 5 ? 3  
HELX_P HELX_P4 4 GLU A 112 ? GLU A 122 ? GLU C 622 GLU C 632 1 ? 11 
HELX_P HELX_P5 5 GLN A 125 ? LYS A 135 ? GLN C 635 LYS C 645 1 ? 11 
# 
_struct_conf_type.id          HELX_P 
_struct_conf_type.criteria    ? 
_struct_conf_type.reference   ? 
# 
loop_
_struct_conn.id 
_struct_conn.conn_type_id 
_struct_conn.pdbx_leaving_atom_flag 
_struct_conn.pdbx_PDB_id 
_struct_conn.ptnr1_label_asym_id 
_struct_conn.ptnr1_label_comp_id 
_struct_conn.ptnr1_label_seq_id 
_struct_conn.ptnr1_label_atom_id 
_struct_conn.pdbx_ptnr1_label_alt_id 
_struct_conn.pdbx_ptnr1_PDB_ins_code 
_struct_conn.pdbx_ptnr1_standard_comp_id 
_struct_conn.ptnr1_symmetry 
_struct_conn.ptnr2_label_asym_id 
_struct_conn.ptnr2_label_comp_id 
_struct_conn.ptnr2_label_seq_id 
_struct_conn.ptnr2_label_atom_id 
_struct_conn.pdbx_ptnr2_label_alt_id 
_struct_conn.pdbx_ptnr2_PDB_ins_code 
_struct_conn.ptnr1_auth_asym_id 
_struct_conn.ptnr1_auth_comp_id 
_struct_conn.ptnr1_auth_seq_id 
_struct_conn.ptnr2_auth_asym_id 
_struct_conn.ptnr2_auth_comp_id 
_struct_conn.ptnr2_auth_seq_id 
_struct_conn.ptnr2_symmetry 
_struct_conn.pdbx_ptnr3_label_atom_id 
_struct_conn.pdbx_ptnr3_label_seq_id 
_struct_conn.pdbx_ptnr3_label_comp_id 
_struct_conn.pdbx_ptnr3_label_asym_id 
_struct_conn.pdbx_ptnr3_label_alt_id 
_struct_conn.pdbx_ptnr3_PDB_ins_code 
_struct_conn.details 
_struct_conn.pdbx_dist_value 
_struct_conn.pdbx_value_order 
_struct_conn.pdbx_role 
metalc1 metalc ? ? A CYS 45 SG ? ? ? 1_555 B ZN . ZN ? ? C CYS 555 C ZN 684 1_555 ? ? ? ? ? ? ? 2.604 ? ? 
metalc2 metalc ? ? A CYS 47 SG ? ? ? 1_555 B ZN . ZN ? ? C CYS 557 C ZN 684 1_555 ? ? ? ? ? ? ? 1.324 ? ? 
metalc3 metalc ? ? A CYS 62 SG ? ? ? 1_555 B ZN . ZN ? ? C CYS 572 C ZN 684 1_555 ? ? ? ? ? ? ? 2.485 ? ? 
metalc4 metalc ? ? A CYS 65 SG ? ? ? 1_555 B ZN . ZN ? ? C CYS 575 C ZN 684 1_555 ? ? ? ? ? ? ? 2.498 ? ? 
# 
_struct_conn_type.id          metalc 
_struct_conn_type.criteria    ? 
_struct_conn_type.reference   ? 
# 
loop_
_pdbx_struct_conn_angle.id 
_pdbx_struct_conn_angle.ptnr1_label_atom_id 
_pdbx_struct_conn_angle.ptnr1_label_alt_id 
_pdbx_struct_conn_angle.ptnr1_label_asym_id 
_pdbx_struct_conn_angle.ptnr1_label_comp_id 
_pdbx_struct_conn_angle.ptnr1_label_seq_id 
_pdbx_struct_conn_angle.ptnr1_auth_atom_id 
_pdbx_struct_conn_angle.ptnr1_auth_asym_id 
_pdbx_struct_conn_angle.ptnr1_auth_comp_id 
_pdbx_struct_conn_angle.ptnr1_auth_seq_id 
_pdbx_struct_conn_angle.ptnr1_PDB_ins_code 
_pdbx_struct_conn_angle.ptnr1_symmetry 
_pdbx_struct_conn_angle.ptnr2_label_atom_id 
_pdbx_struct_conn_angle.ptnr2_label_alt_id 
_pdbx_struct_conn_angle.ptnr2_label_asym_id 
_pdbx_struct_conn_angle.ptnr2_label_comp_id 
_pdbx_struct_conn_angle.ptnr2_label_seq_id 
_pdbx_struct_conn_angle.ptnr2_auth_atom_id 
_pdbx_struct_conn_angle.ptnr2_auth_asym_id 
_pdbx_struct_conn_angle.ptnr2_auth_comp_id 
_pdbx_struct_conn_angle.ptnr2_auth_seq_id 
_pdbx_struct_conn_angle.ptnr2_PDB_ins_code 
_pdbx_struct_conn_angle.ptnr2_symmetry 
_pdbx_struct_conn_angle.ptnr3_label_atom_id 
_pdbx_struct_conn_angle.ptnr3_label_alt_id 
_pdbx_struct_conn_angle.ptnr3_label_asym_id 
_pdbx_struct_conn_angle.ptnr3_label_comp_id 
_pdbx_struct_conn_angle.ptnr3_label_seq_id 
_pdbx_struct_conn_angle.ptnr3_auth_atom_id 
_pdbx_struct_conn_angle.ptnr3_auth_asym_id 
_pdbx_struct_conn_angle.ptnr3_auth_comp_id 
_pdbx_struct_conn_angle.ptnr3_auth_seq_id 
_pdbx_struct_conn_angle.ptnr3_PDB_ins_code 
_pdbx_struct_conn_angle.ptnr3_symmetry 
_pdbx_struct_conn_angle.value 
_pdbx_struct_conn_angle.value_esd 
1 SG ? A CYS 45 ? C CYS 555 ? 1_555 ZN ? B ZN . ? C ZN 684 ? 1_555 SG ? A CYS 47 ? C CYS 557 ? 1_555 109.0 ? 
2 SG ? A CYS 45 ? C CYS 555 ? 1_555 ZN ? B ZN . ? C ZN 684 ? 1_555 SG ? A CYS 62 ? C CYS 572 ? 1_555 100.4 ? 
3 SG ? A CYS 47 ? C CYS 557 ? 1_555 ZN ? B ZN . ? C ZN 684 ? 1_555 SG ? A CYS 62 ? C CYS 572 ? 1_555 113.6 ? 
4 SG ? A CYS 45 ? C CYS 555 ? 1_555 ZN ? B ZN . ? C ZN 684 ? 1_555 SG ? A CYS 65 ? C CYS 575 ? 1_555 96.2  ? 
5 SG ? A CYS 47 ? C CYS 557 ? 1_555 ZN ? B ZN . ? C ZN 684 ? 1_555 SG ? A CYS 65 ? C CYS 575 ? 1_555 137.8 ? 
6 SG ? A CYS 62 ? C CYS 572 ? 1_555 ZN ? B ZN . ? C ZN 684 ? 1_555 SG ? A CYS 65 ? C CYS 575 ? 1_555 93.5  ? 
# 
loop_
_struct_sheet.id 
_struct_sheet.type 
_struct_sheet.number_strands 
_struct_sheet.details 
A ? 6 ? 
B ? 2 ? 
C ? 3 ? 
# 
loop_
_struct_sheet_order.sheet_id 
_struct_sheet_order.range_id_1 
_struct_sheet_order.range_id_2 
_struct_sheet_order.offset 
_struct_sheet_order.sense 
A 1 2 ? anti-parallel 
A 2 3 ? anti-parallel 
A 3 4 ? parallel      
A 4 5 ? anti-parallel 
A 5 6 ? anti-parallel 
B 1 2 ? anti-parallel 
C 1 2 ? anti-parallel 
C 2 3 ? anti-parallel 
# 
loop_
_struct_sheet_range.sheet_id 
_struct_sheet_range.id 
_struct_sheet_range.beg_label_comp_id 
_struct_sheet_range.beg_label_asym_id 
_struct_sheet_range.beg_label_seq_id 
_struct_sheet_range.pdbx_beg_PDB_ins_code 
_struct_sheet_range.end_label_comp_id 
_struct_sheet_range.end_label_asym_id 
_struct_sheet_range.end_label_seq_id 
_struct_sheet_range.pdbx_end_PDB_ins_code 
_struct_sheet_range.beg_auth_comp_id 
_struct_sheet_range.beg_auth_asym_id 
_struct_sheet_range.beg_auth_seq_id 
_struct_sheet_range.end_auth_comp_id 
_struct_sheet_range.end_auth_asym_id 
_struct_sheet_range.end_auth_seq_id 
A 1 LYS A 22  ? VAL A 32  ? LYS C 532 VAL C 542 
A 2 LEU A 77  ? ASP A 83  ? LEU C 587 ASP C 593 
A 3 GLY A 86  ? ILE A 92  ? GLY C 596 ILE C 602 
A 4 ALA A 159 ? LYS A 167 ? ALA C 669 LYS C 677 
A 5 ARG A 140 ? GLU A 148 ? ARG C 650 GLU C 658 
A 6 LYS A 22  ? VAL A 32  ? LYS C 532 VAL C 542 
B 1 TYR A 41  ? ARG A 44  ? TYR C 551 ARG C 554 
B 2 GLN A 72  ? LEU A 75  ? GLN C 582 LEU C 585 
C 1 VAL A 52  ? TYR A 55  ? VAL C 562 TYR C 565 
C 2 SER A 59  ? CYS A 62  ? SER C 569 CYS C 572 
C 3 GLN A 67  ? PHE A 68  ? GLN C 577 PHE C 578 
# 
loop_
_pdbx_struct_sheet_hbond.sheet_id 
_pdbx_struct_sheet_hbond.range_id_1 
_pdbx_struct_sheet_hbond.range_id_2 
_pdbx_struct_sheet_hbond.range_1_label_atom_id 
_pdbx_struct_sheet_hbond.range_1_label_comp_id 
_pdbx_struct_sheet_hbond.range_1_label_asym_id 
_pdbx_struct_sheet_hbond.range_1_label_seq_id 
_pdbx_struct_sheet_hbond.range_1_PDB_ins_code 
_pdbx_struct_sheet_hbond.range_1_auth_atom_id 
_pdbx_struct_sheet_hbond.range_1_auth_comp_id 
_pdbx_struct_sheet_hbond.range_1_auth_asym_id 
_pdbx_struct_sheet_hbond.range_1_auth_seq_id 
_pdbx_struct_sheet_hbond.range_2_label_atom_id 
_pdbx_struct_sheet_hbond.range_2_label_comp_id 
_pdbx_struct_sheet_hbond.range_2_label_asym_id 
_pdbx_struct_sheet_hbond.range_2_label_seq_id 
_pdbx_struct_sheet_hbond.range_2_PDB_ins_code 
_pdbx_struct_sheet_hbond.range_2_auth_atom_id 
_pdbx_struct_sheet_hbond.range_2_auth_comp_id 
_pdbx_struct_sheet_hbond.range_2_auth_asym_id 
_pdbx_struct_sheet_hbond.range_2_auth_seq_id 
A 1 2 N VAL A 32  ? N VAL C 542 O PHE A 80  ? O PHE C 590 
A 2 3 N LEU A 77  ? N LEU C 587 O ILE A 92  ? O ILE C 602 
A 3 4 N MET A 91  ? N MET C 601 O VAL A 162 ? O VAL C 672 
A 4 5 O LEU A 163 ? O LEU C 673 N GLU A 144 ? N GLU C 654 
A 5 6 O PHE A 143 ? O PHE C 653 N VAL A 27  ? N VAL C 537 
B 1 2 N TYR A 42  ? N TYR C 552 O HIS A 74  ? O HIS C 584 
C 1 2 N LEU A 53  ? N LEU C 563 O PHE A 61  ? O PHE C 571 
C 2 3 N CYS A 62  ? N CYS C 572 O GLN A 67  ? O GLN C 577 
# 
_struct_site.id                   AC1 
_struct_site.pdbx_evidence_code   Software 
_struct_site.pdbx_auth_asym_id    C 
_struct_site.pdbx_auth_comp_id    ZN 
_struct_site.pdbx_auth_seq_id     684 
_struct_site.pdbx_auth_ins_code   ? 
_struct_site.pdbx_num_residues    4 
_struct_site.details              'BINDING SITE FOR RESIDUE ZN C 684' 
# 
loop_
_struct_site_gen.id 
_struct_site_gen.site_id 
_struct_site_gen.pdbx_num_res 
_struct_site_gen.label_comp_id 
_struct_site_gen.label_asym_id 
_struct_site_gen.label_seq_id 
_struct_site_gen.pdbx_auth_ins_code 
_struct_site_gen.auth_comp_id 
_struct_site_gen.auth_asym_id 
_struct_site_gen.auth_seq_id 
_struct_site_gen.label_atom_id 
_struct_site_gen.label_alt_id 
_struct_site_gen.symmetry 
_struct_site_gen.details 
1 AC1 4 CYS A 45 ? CYS C 555 . ? 1_555 ? 
2 AC1 4 CYS A 47 ? CYS C 557 . ? 1_555 ? 
3 AC1 4 CYS A 62 ? CYS C 572 . ? 1_555 ? 
4 AC1 4 CYS A 65 ? CYS C 575 . ? 1_555 ? 
# 
loop_
_pdbx_validate_close_contact.id 
_pdbx_validate_close_contact.PDB_model_num 
_pdbx_validate_close_contact.auth_atom_id_1 
_pdbx_validate_close_contact.auth_asym_id_1 
_pdbx_validate_close_contact.auth_comp_id_1 
_pdbx_validate_close_contact.auth_seq_id_1 
_pdbx_validate_close_contact.PDB_ins_code_1 
_pdbx_validate_close_contact.label_alt_id_1 
_pdbx_validate_close_contact.auth_atom_id_2 
_pdbx_validate_close_contact.auth_asym_id_2 
_pdbx_validate_close_contact.auth_comp_id_2 
_pdbx_validate_close_contact.auth_seq_id_2 
_pdbx_validate_close_contact.PDB_ins_code_2 
_pdbx_validate_close_contact.label_alt_id_2 
_pdbx_validate_close_contact.dist 
1 1 O C HOH 17  ? ? O C HOH 18 ? ? 2.07 
2 1 O C VAL 620 ? ? O C HOH 13 ? ? 2.11 
# 
loop_
_pdbx_unobs_or_zero_occ_residues.id 
_pdbx_unobs_or_zero_occ_residues.PDB_model_num 
_pdbx_unobs_or_zero_occ_residues.polymer_flag 
_pdbx_unobs_or_zero_occ_residues.occupancy_flag 
_pdbx_unobs_or_zero_occ_residues.auth_asym_id 
_pdbx_unobs_or_zero_occ_residues.auth_comp_id 
_pdbx_unobs_or_zero_occ_residues.auth_seq_id 
_pdbx_unobs_or_zero_occ_residues.PDB_ins_code 
_pdbx_unobs_or_zero_occ_residues.label_asym_id 
_pdbx_unobs_or_zero_occ_residues.label_comp_id 
_pdbx_unobs_or_zero_occ_residues.label_seq_id 
1  1 Y 1 C GLU 661 ? A GLU 151 
2  1 Y 1 C PHE 662 ? A PHE 152 
3  1 Y 1 C ASN 663 ? A ASN 153 
4  1 Y 1 C ASN 664 ? A ASN 154 
5  1 Y 1 C GLU 665 ? A GLU 155 
6  1 Y 1 C GLN 666 ? A GLN 156 
7  1 Y 1 C ASN 679 ? A ASN 169 
8  1 Y 1 C ILE 680 ? A ILE 170 
9  1 Y 1 C LYS 681 ? A LYS 171 
10 1 Y 1 C GLU 682 ? A GLU 172 
# 
loop_
_chem_comp_atom.comp_id 
_chem_comp_atom.atom_id 
_chem_comp_atom.type_symbol 
_chem_comp_atom.pdbx_aromatic_flag 
_chem_comp_atom.pdbx_stereo_config 
_chem_comp_atom.pdbx_ordinal 
ALA N    N  N N 1   
ALA CA   C  N S 2   
ALA C    C  N N 3   
ALA O    O  N N 4   
ALA CB   C  N N 5   
ALA OXT  O  N N 6   
ALA H    H  N N 7   
ALA H2   H  N N 8   
ALA HA   H  N N 9   
ALA HB1  H  N N 10  
ALA HB2  H  N N 11  
ALA HB3  H  N N 12  
ALA HXT  H  N N 13  
ARG N    N  N N 14  
ARG CA   C  N S 15  
ARG C    C  N N 16  
ARG O    O  N N 17  
ARG CB   C  N N 18  
ARG CG   C  N N 19  
ARG CD   C  N N 20  
ARG NE   N  N N 21  
ARG CZ   C  N N 22  
ARG NH1  N  N N 23  
ARG NH2  N  N N 24  
ARG OXT  O  N N 25  
ARG H    H  N N 26  
ARG H2   H  N N 27  
ARG HA   H  N N 28  
ARG HB2  H  N N 29  
ARG HB3  H  N N 30  
ARG HG2  H  N N 31  
ARG HG3  H  N N 32  
ARG HD2  H  N N 33  
ARG HD3  H  N N 34  
ARG HE   H  N N 35  
ARG HH11 H  N N 36  
ARG HH12 H  N N 37  
ARG HH21 H  N N 38  
ARG HH22 H  N N 39  
ARG HXT  H  N N 40  
ASN N    N  N N 41  
ASN CA   C  N S 42  
ASN C    C  N N 43  
ASN O    O  N N 44  
ASN CB   C  N N 45  
ASN CG   C  N N 46  
ASN OD1  O  N N 47  
ASN ND2  N  N N 48  
ASN OXT  O  N N 49  
ASN H    H  N N 50  
ASN H2   H  N N 51  
ASN HA   H  N N 52  
ASN HB2  H  N N 53  
ASN HB3  H  N N 54  
ASN HD21 H  N N 55  
ASN HD22 H  N N 56  
ASN HXT  H  N N 57  
ASP N    N  N N 58  
ASP CA   C  N S 59  
ASP C    C  N N 60  
ASP O    O  N N 61  
ASP CB   C  N N 62  
ASP CG   C  N N 63  
ASP OD1  O  N N 64  
ASP OD2  O  N N 65  
ASP OXT  O  N N 66  
ASP H    H  N N 67  
ASP H2   H  N N 68  
ASP HA   H  N N 69  
ASP HB2  H  N N 70  
ASP HB3  H  N N 71  
ASP HD2  H  N N 72  
ASP HXT  H  N N 73  
CYS N    N  N N 74  
CYS CA   C  N R 75  
CYS C    C  N N 76  
CYS O    O  N N 77  
CYS CB   C  N N 78  
CYS SG   S  N N 79  
CYS OXT  O  N N 80  
CYS H    H  N N 81  
CYS H2   H  N N 82  
CYS HA   H  N N 83  
CYS HB2  H  N N 84  
CYS HB3  H  N N 85  
CYS HG   H  N N 86  
CYS HXT  H  N N 87  
GLN N    N  N N 88  
GLN CA   C  N S 89  
GLN C    C  N N 90  
GLN O    O  N N 91  
GLN CB   C  N N 92  
GLN CG   C  N N 93  
GLN CD   C  N N 94  
GLN OE1  O  N N 95  
GLN NE2  N  N N 96  
GLN OXT  O  N N 97  
GLN H    H  N N 98  
GLN H2   H  N N 99  
GLN HA   H  N N 100 
GLN HB2  H  N N 101 
GLN HB3  H  N N 102 
GLN HG2  H  N N 103 
GLN HG3  H  N N 104 
GLN HE21 H  N N 105 
GLN HE22 H  N N 106 
GLN HXT  H  N N 107 
GLU N    N  N N 108 
GLU CA   C  N S 109 
GLU C    C  N N 110 
GLU O    O  N N 111 
GLU CB   C  N N 112 
GLU CG   C  N N 113 
GLU CD   C  N N 114 
GLU OE1  O  N N 115 
GLU OE2  O  N N 116 
GLU OXT  O  N N 117 
GLU H    H  N N 118 
GLU H2   H  N N 119 
GLU HA   H  N N 120 
GLU HB2  H  N N 121 
GLU HB3  H  N N 122 
GLU HG2  H  N N 123 
GLU HG3  H  N N 124 
GLU HE2  H  N N 125 
GLU HXT  H  N N 126 
GLY N    N  N N 127 
GLY CA   C  N N 128 
GLY C    C  N N 129 
GLY O    O  N N 130 
GLY OXT  O  N N 131 
GLY H    H  N N 132 
GLY H2   H  N N 133 
GLY HA2  H  N N 134 
GLY HA3  H  N N 135 
GLY HXT  H  N N 136 
HIS N    N  N N 137 
HIS CA   C  N S 138 
HIS C    C  N N 139 
HIS O    O  N N 140 
HIS CB   C  N N 141 
HIS CG   C  Y N 142 
HIS ND1  N  Y N 143 
HIS CD2  C  Y N 144 
HIS CE1  C  Y N 145 
HIS NE2  N  Y N 146 
HIS OXT  O  N N 147 
HIS H    H  N N 148 
HIS H2   H  N N 149 
HIS HA   H  N N 150 
HIS HB2  H  N N 151 
HIS HB3  H  N N 152 
HIS HD1  H  N N 153 
HIS HD2  H  N N 154 
HIS HE1  H  N N 155 
HIS HE2  H  N N 156 
HIS HXT  H  N N 157 
HOH O    O  N N 158 
HOH H1   H  N N 159 
HOH H2   H  N N 160 
ILE N    N  N N 161 
ILE CA   C  N S 162 
ILE C    C  N N 163 
ILE O    O  N N 164 
ILE CB   C  N S 165 
ILE CG1  C  N N 166 
ILE CG2  C  N N 167 
ILE CD1  C  N N 168 
ILE OXT  O  N N 169 
ILE H    H  N N 170 
ILE H2   H  N N 171 
ILE HA   H  N N 172 
ILE HB   H  N N 173 
ILE HG12 H  N N 174 
ILE HG13 H  N N 175 
ILE HG21 H  N N 176 
ILE HG22 H  N N 177 
ILE HG23 H  N N 178 
ILE HD11 H  N N 179 
ILE HD12 H  N N 180 
ILE HD13 H  N N 181 
ILE HXT  H  N N 182 
LEU N    N  N N 183 
LEU CA   C  N S 184 
LEU C    C  N N 185 
LEU O    O  N N 186 
LEU CB   C  N N 187 
LEU CG   C  N N 188 
LEU CD1  C  N N 189 
LEU CD2  C  N N 190 
LEU OXT  O  N N 191 
LEU H    H  N N 192 
LEU H2   H  N N 193 
LEU HA   H  N N 194 
LEU HB2  H  N N 195 
LEU HB3  H  N N 196 
LEU HG   H  N N 197 
LEU HD11 H  N N 198 
LEU HD12 H  N N 199 
LEU HD13 H  N N 200 
LEU HD21 H  N N 201 
LEU HD22 H  N N 202 
LEU HD23 H  N N 203 
LEU HXT  H  N N 204 
LYS N    N  N N 205 
LYS CA   C  N S 206 
LYS C    C  N N 207 
LYS O    O  N N 208 
LYS CB   C  N N 209 
LYS CG   C  N N 210 
LYS CD   C  N N 211 
LYS CE   C  N N 212 
LYS NZ   N  N N 213 
LYS OXT  O  N N 214 
LYS H    H  N N 215 
LYS H2   H  N N 216 
LYS HA   H  N N 217 
LYS HB2  H  N N 218 
LYS HB3  H  N N 219 
LYS HG2  H  N N 220 
LYS HG3  H  N N 221 
LYS HD2  H  N N 222 
LYS HD3  H  N N 223 
LYS HE2  H  N N 224 
LYS HE3  H  N N 225 
LYS HZ1  H  N N 226 
LYS HZ2  H  N N 227 
LYS HZ3  H  N N 228 
LYS HXT  H  N N 229 
MET N    N  N N 230 
MET CA   C  N S 231 
MET C    C  N N 232 
MET O    O  N N 233 
MET CB   C  N N 234 
MET CG   C  N N 235 
MET SD   S  N N 236 
MET CE   C  N N 237 
MET OXT  O  N N 238 
MET H    H  N N 239 
MET H2   H  N N 240 
MET HA   H  N N 241 
MET HB2  H  N N 242 
MET HB3  H  N N 243 
MET HG2  H  N N 244 
MET HG3  H  N N 245 
MET HE1  H  N N 246 
MET HE2  H  N N 247 
MET HE3  H  N N 248 
MET HXT  H  N N 249 
PHE N    N  N N 250 
PHE CA   C  N S 251 
PHE C    C  N N 252 
PHE O    O  N N 253 
PHE CB   C  N N 254 
PHE CG   C  Y N 255 
PHE CD1  C  Y N 256 
PHE CD2  C  Y N 257 
PHE CE1  C  Y N 258 
PHE CE2  C  Y N 259 
PHE CZ   C  Y N 260 
PHE OXT  O  N N 261 
PHE H    H  N N 262 
PHE H2   H  N N 263 
PHE HA   H  N N 264 
PHE HB2  H  N N 265 
PHE HB3  H  N N 266 
PHE HD1  H  N N 267 
PHE HD2  H  N N 268 
PHE HE1  H  N N 269 
PHE HE2  H  N N 270 
PHE HZ   H  N N 271 
PHE HXT  H  N N 272 
PRO N    N  N N 273 
PRO CA   C  N S 274 
PRO C    C  N N 275 
PRO O    O  N N 276 
PRO CB   C  N N 277 
PRO CG   C  N N 278 
PRO CD   C  N N 279 
PRO OXT  O  N N 280 
PRO H    H  N N 281 
PRO HA   H  N N 282 
PRO HB2  H  N N 283 
PRO HB3  H  N N 284 
PRO HG2  H  N N 285 
PRO HG3  H  N N 286 
PRO HD2  H  N N 287 
PRO HD3  H  N N 288 
PRO HXT  H  N N 289 
SER N    N  N N 290 
SER CA   C  N S 291 
SER C    C  N N 292 
SER O    O  N N 293 
SER CB   C  N N 294 
SER OG   O  N N 295 
SER OXT  O  N N 296 
SER H    H  N N 297 
SER H2   H  N N 298 
SER HA   H  N N 299 
SER HB2  H  N N 300 
SER HB3  H  N N 301 
SER HG   H  N N 302 
SER HXT  H  N N 303 
THR N    N  N N 304 
THR CA   C  N S 305 
THR C    C  N N 306 
THR O    O  N N 307 
THR CB   C  N R 308 
THR OG1  O  N N 309 
THR CG2  C  N N 310 
THR OXT  O  N N 311 
THR H    H  N N 312 
THR H2   H  N N 313 
THR HA   H  N N 314 
THR HB   H  N N 315 
THR HG1  H  N N 316 
THR HG21 H  N N 317 
THR HG22 H  N N 318 
THR HG23 H  N N 319 
THR HXT  H  N N 320 
TYR N    N  N N 321 
TYR CA   C  N S 322 
TYR C    C  N N 323 
TYR O    O  N N 324 
TYR CB   C  N N 325 
TYR CG   C  Y N 326 
TYR CD1  C  Y N 327 
TYR CD2  C  Y N 328 
TYR CE1  C  Y N 329 
TYR CE2  C  Y N 330 
TYR CZ   C  Y N 331 
TYR OH   O  N N 332 
TYR OXT  O  N N 333 
TYR H    H  N N 334 
TYR H2   H  N N 335 
TYR HA   H  N N 336 
TYR HB2  H  N N 337 
TYR HB3  H  N N 338 
TYR HD1  H  N N 339 
TYR HD2  H  N N 340 
TYR HE1  H  N N 341 
TYR HE2  H  N N 342 
TYR HH   H  N N 343 
TYR HXT  H  N N 344 
VAL N    N  N N 345 
VAL CA   C  N S 346 
VAL C    C  N N 347 
VAL O    O  N N 348 
VAL CB   C  N N 349 
VAL CG1  C  N N 350 
VAL CG2  C  N N 351 
VAL OXT  O  N N 352 
VAL H    H  N N 353 
VAL H2   H  N N 354 
VAL HA   H  N N 355 
VAL HB   H  N N 356 
VAL HG11 H  N N 357 
VAL HG12 H  N N 358 
VAL HG13 H  N N 359 
VAL HG21 H  N N 360 
VAL HG22 H  N N 361 
VAL HG23 H  N N 362 
VAL HXT  H  N N 363 
ZN  ZN   ZN N N 364 
# 
loop_
_chem_comp_bond.comp_id 
_chem_comp_bond.atom_id_1 
_chem_comp_bond.atom_id_2 
_chem_comp_bond.value_order 
_chem_comp_bond.pdbx_aromatic_flag 
_chem_comp_bond.pdbx_stereo_config 
_chem_comp_bond.pdbx_ordinal 
ALA N   CA   sing N N 1   
ALA N   H    sing N N 2   
ALA N   H2   sing N N 3   
ALA CA  C    sing N N 4   
ALA CA  CB   sing N N 5   
ALA CA  HA   sing N N 6   
ALA C   O    doub N N 7   
ALA C   OXT  sing N N 8   
ALA CB  HB1  sing N N 9   
ALA CB  HB2  sing N N 10  
ALA CB  HB3  sing N N 11  
ALA OXT HXT  sing N N 12  
ARG N   CA   sing N N 13  
ARG N   H    sing N N 14  
ARG N   H2   sing N N 15  
ARG CA  C    sing N N 16  
ARG CA  CB   sing N N 17  
ARG CA  HA   sing N N 18  
ARG C   O    doub N N 19  
ARG C   OXT  sing N N 20  
ARG CB  CG   sing N N 21  
ARG CB  HB2  sing N N 22  
ARG CB  HB3  sing N N 23  
ARG CG  CD   sing N N 24  
ARG CG  HG2  sing N N 25  
ARG CG  HG3  sing N N 26  
ARG CD  NE   sing N N 27  
ARG CD  HD2  sing N N 28  
ARG CD  HD3  sing N N 29  
ARG NE  CZ   sing N N 30  
ARG NE  HE   sing N N 31  
ARG CZ  NH1  sing N N 32  
ARG CZ  NH2  doub N N 33  
ARG NH1 HH11 sing N N 34  
ARG NH1 HH12 sing N N 35  
ARG NH2 HH21 sing N N 36  
ARG NH2 HH22 sing N N 37  
ARG OXT HXT  sing N N 38  
ASN N   CA   sing N N 39  
ASN N   H    sing N N 40  
ASN N   H2   sing N N 41  
ASN CA  C    sing N N 42  
ASN CA  CB   sing N N 43  
ASN CA  HA   sing N N 44  
ASN C   O    doub N N 45  
ASN C   OXT  sing N N 46  
ASN CB  CG   sing N N 47  
ASN CB  HB2  sing N N 48  
ASN CB  HB3  sing N N 49  
ASN CG  OD1  doub N N 50  
ASN CG  ND2  sing N N 51  
ASN ND2 HD21 sing N N 52  
ASN ND2 HD22 sing N N 53  
ASN OXT HXT  sing N N 54  
ASP N   CA   sing N N 55  
ASP N   H    sing N N 56  
ASP N   H2   sing N N 57  
ASP CA  C    sing N N 58  
ASP CA  CB   sing N N 59  
ASP CA  HA   sing N N 60  
ASP C   O    doub N N 61  
ASP C   OXT  sing N N 62  
ASP CB  CG   sing N N 63  
ASP CB  HB2  sing N N 64  
ASP CB  HB3  sing N N 65  
ASP CG  OD1  doub N N 66  
ASP CG  OD2  sing N N 67  
ASP OD2 HD2  sing N N 68  
ASP OXT HXT  sing N N 69  
CYS N   CA   sing N N 70  
CYS N   H    sing N N 71  
CYS N   H2   sing N N 72  
CYS CA  C    sing N N 73  
CYS CA  CB   sing N N 74  
CYS CA  HA   sing N N 75  
CYS C   O    doub N N 76  
CYS C   OXT  sing N N 77  
CYS CB  SG   sing N N 78  
CYS CB  HB2  sing N N 79  
CYS CB  HB3  sing N N 80  
CYS SG  HG   sing N N 81  
CYS OXT HXT  sing N N 82  
GLN N   CA   sing N N 83  
GLN N   H    sing N N 84  
GLN N   H2   sing N N 85  
GLN CA  C    sing N N 86  
GLN CA  CB   sing N N 87  
GLN CA  HA   sing N N 88  
GLN C   O    doub N N 89  
GLN C   OXT  sing N N 90  
GLN CB  CG   sing N N 91  
GLN CB  HB2  sing N N 92  
GLN CB  HB3  sing N N 93  
GLN CG  CD   sing N N 94  
GLN CG  HG2  sing N N 95  
GLN CG  HG3  sing N N 96  
GLN CD  OE1  doub N N 97  
GLN CD  NE2  sing N N 98  
GLN NE2 HE21 sing N N 99  
GLN NE2 HE22 sing N N 100 
GLN OXT HXT  sing N N 101 
GLU N   CA   sing N N 102 
GLU N   H    sing N N 103 
GLU N   H2   sing N N 104 
GLU CA  C    sing N N 105 
GLU CA  CB   sing N N 106 
GLU CA  HA   sing N N 107 
GLU C   O    doub N N 108 
GLU C   OXT  sing N N 109 
GLU CB  CG   sing N N 110 
GLU CB  HB2  sing N N 111 
GLU CB  HB3  sing N N 112 
GLU CG  CD   sing N N 113 
GLU CG  HG2  sing N N 114 
GLU CG  HG3  sing N N 115 
GLU CD  OE1  doub N N 116 
GLU CD  OE2  sing N N 117 
GLU OE2 HE2  sing N N 118 
GLU OXT HXT  sing N N 119 
GLY N   CA   sing N N 120 
GLY N   H    sing N N 121 
GLY N   H2   sing N N 122 
GLY CA  C    sing N N 123 
GLY CA  HA2  sing N N 124 
GLY CA  HA3  sing N N 125 
GLY C   O    doub N N 126 
GLY C   OXT  sing N N 127 
GLY OXT HXT  sing N N 128 
HIS N   CA   sing N N 129 
HIS N   H    sing N N 130 
HIS N   H2   sing N N 131 
HIS CA  C    sing N N 132 
HIS CA  CB   sing N N 133 
HIS CA  HA   sing N N 134 
HIS C   O    doub N N 135 
HIS C   OXT  sing N N 136 
HIS CB  CG   sing N N 137 
HIS CB  HB2  sing N N 138 
HIS CB  HB3  sing N N 139 
HIS CG  ND1  sing Y N 140 
HIS CG  CD2  doub Y N 141 
HIS ND1 CE1  doub Y N 142 
HIS ND1 HD1  sing N N 143 
HIS CD2 NE2  sing Y N 144 
HIS CD2 HD2  sing N N 145 
HIS CE1 NE2  sing Y N 146 
HIS CE1 HE1  sing N N 147 
HIS NE2 HE2  sing N N 148 
HIS OXT HXT  sing N N 149 
HOH O   H1   sing N N 150 
HOH O   H2   sing N N 151 
ILE N   CA   sing N N 152 
ILE N   H    sing N N 153 
ILE N   H2   sing N N 154 
ILE CA  C    sing N N 155 
ILE CA  CB   sing N N 156 
ILE CA  HA   sing N N 157 
ILE C   O    doub N N 158 
ILE C   OXT  sing N N 159 
ILE CB  CG1  sing N N 160 
ILE CB  CG2  sing N N 161 
ILE CB  HB   sing N N 162 
ILE CG1 CD1  sing N N 163 
ILE CG1 HG12 sing N N 164 
ILE CG1 HG13 sing N N 165 
ILE CG2 HG21 sing N N 166 
ILE CG2 HG22 sing N N 167 
ILE CG2 HG23 sing N N 168 
ILE CD1 HD11 sing N N 169 
ILE CD1 HD12 sing N N 170 
ILE CD1 HD13 sing N N 171 
ILE OXT HXT  sing N N 172 
LEU N   CA   sing N N 173 
LEU N   H    sing N N 174 
LEU N   H2   sing N N 175 
LEU CA  C    sing N N 176 
LEU CA  CB   sing N N 177 
LEU CA  HA   sing N N 178 
LEU C   O    doub N N 179 
LEU C   OXT  sing N N 180 
LEU CB  CG   sing N N 181 
LEU CB  HB2  sing N N 182 
LEU CB  HB3  sing N N 183 
LEU CG  CD1  sing N N 184 
LEU CG  CD2  sing N N 185 
LEU CG  HG   sing N N 186 
LEU CD1 HD11 sing N N 187 
LEU CD1 HD12 sing N N 188 
LEU CD1 HD13 sing N N 189 
LEU CD2 HD21 sing N N 190 
LEU CD2 HD22 sing N N 191 
LEU CD2 HD23 sing N N 192 
LEU OXT HXT  sing N N 193 
LYS N   CA   sing N N 194 
LYS N   H    sing N N 195 
LYS N   H2   sing N N 196 
LYS CA  C    sing N N 197 
LYS CA  CB   sing N N 198 
LYS CA  HA   sing N N 199 
LYS C   O    doub N N 200 
LYS C   OXT  sing N N 201 
LYS CB  CG   sing N N 202 
LYS CB  HB2  sing N N 203 
LYS CB  HB3  sing N N 204 
LYS CG  CD   sing N N 205 
LYS CG  HG2  sing N N 206 
LYS CG  HG3  sing N N 207 
LYS CD  CE   sing N N 208 
LYS CD  HD2  sing N N 209 
LYS CD  HD3  sing N N 210 
LYS CE  NZ   sing N N 211 
LYS CE  HE2  sing N N 212 
LYS CE  HE3  sing N N 213 
LYS NZ  HZ1  sing N N 214 
LYS NZ  HZ2  sing N N 215 
LYS NZ  HZ3  sing N N 216 
LYS OXT HXT  sing N N 217 
MET N   CA   sing N N 218 
MET N   H    sing N N 219 
MET N   H2   sing N N 220 
MET CA  C    sing N N 221 
MET CA  CB   sing N N 222 
MET CA  HA   sing N N 223 
MET C   O    doub N N 224 
MET C   OXT  sing N N 225 
MET CB  CG   sing N N 226 
MET CB  HB2  sing N N 227 
MET CB  HB3  sing N N 228 
MET CG  SD   sing N N 229 
MET CG  HG2  sing N N 230 
MET CG  HG3  sing N N 231 
MET SD  CE   sing N N 232 
MET CE  HE1  sing N N 233 
MET CE  HE2  sing N N 234 
MET CE  HE3  sing N N 235 
MET OXT HXT  sing N N 236 
PHE N   CA   sing N N 237 
PHE N   H    sing N N 238 
PHE N   H2   sing N N 239 
PHE CA  C    sing N N 240 
PHE CA  CB   sing N N 241 
PHE CA  HA   sing N N 242 
PHE C   O    doub N N 243 
PHE C   OXT  sing N N 244 
PHE CB  CG   sing N N 245 
PHE CB  HB2  sing N N 246 
PHE CB  HB3  sing N N 247 
PHE CG  CD1  doub Y N 248 
PHE CG  CD2  sing Y N 249 
PHE CD1 CE1  sing Y N 250 
PHE CD1 HD1  sing N N 251 
PHE CD2 CE2  doub Y N 252 
PHE CD2 HD2  sing N N 253 
PHE CE1 CZ   doub Y N 254 
PHE CE1 HE1  sing N N 255 
PHE CE2 CZ   sing Y N 256 
PHE CE2 HE2  sing N N 257 
PHE CZ  HZ   sing N N 258 
PHE OXT HXT  sing N N 259 
PRO N   CA   sing N N 260 
PRO N   CD   sing N N 261 
PRO N   H    sing N N 262 
PRO CA  C    sing N N 263 
PRO CA  CB   sing N N 264 
PRO CA  HA   sing N N 265 
PRO C   O    doub N N 266 
PRO C   OXT  sing N N 267 
PRO CB  CG   sing N N 268 
PRO CB  HB2  sing N N 269 
PRO CB  HB3  sing N N 270 
PRO CG  CD   sing N N 271 
PRO CG  HG2  sing N N 272 
PRO CG  HG3  sing N N 273 
PRO CD  HD2  sing N N 274 
PRO CD  HD3  sing N N 275 
PRO OXT HXT  sing N N 276 
SER N   CA   sing N N 277 
SER N   H    sing N N 278 
SER N   H2   sing N N 279 
SER CA  C    sing N N 280 
SER CA  CB   sing N N 281 
SER CA  HA   sing N N 282 
SER C   O    doub N N 283 
SER C   OXT  sing N N 284 
SER CB  OG   sing N N 285 
SER CB  HB2  sing N N 286 
SER CB  HB3  sing N N 287 
SER OG  HG   sing N N 288 
SER OXT HXT  sing N N 289 
THR N   CA   sing N N 290 
THR N   H    sing N N 291 
THR N   H2   sing N N 292 
THR CA  C    sing N N 293 
THR CA  CB   sing N N 294 
THR CA  HA   sing N N 295 
THR C   O    doub N N 296 
THR C   OXT  sing N N 297 
THR CB  OG1  sing N N 298 
THR CB  CG2  sing N N 299 
THR CB  HB   sing N N 300 
THR OG1 HG1  sing N N 301 
THR CG2 HG21 sing N N 302 
THR CG2 HG22 sing N N 303 
THR CG2 HG23 sing N N 304 
THR OXT HXT  sing N N 305 
TYR N   CA   sing N N 306 
TYR N   H    sing N N 307 
TYR N   H2   sing N N 308 
TYR CA  C    sing N N 309 
TYR CA  CB   sing N N 310 
TYR CA  HA   sing N N 311 
TYR C   O    doub N N 312 
TYR C   OXT  sing N N 313 
TYR CB  CG   sing N N 314 
TYR CB  HB2  sing N N 315 
TYR CB  HB3  sing N N 316 
TYR CG  CD1  doub Y N 317 
TYR CG  CD2  sing Y N 318 
TYR CD1 CE1  sing Y N 319 
TYR CD1 HD1  sing N N 320 
TYR CD2 CE2  doub Y N 321 
TYR CD2 HD2  sing N N 322 
TYR CE1 CZ   doub Y N 323 
TYR CE1 HE1  sing N N 324 
TYR CE2 CZ   sing Y N 325 
TYR CE2 HE2  sing N N 326 
TYR CZ  OH   sing N N 327 
TYR OH  HH   sing N N 328 
TYR OXT HXT  sing N N 329 
VAL N   CA   sing N N 330 
VAL N   H    sing N N 331 
VAL N   H2   sing N N 332 
VAL CA  C    sing N N 333 
VAL CA  CB   sing N N 334 
VAL CA  HA   sing N N 335 
VAL C   O    doub N N 336 
VAL C   OXT  sing N N 337 
VAL CB  CG1  sing N N 338 
VAL CB  CG2  sing N N 339 
VAL CB  HB   sing N N 340 
VAL CG1 HG11 sing N N 341 
VAL CG1 HG12 sing N N 342 
VAL CG1 HG13 sing N N 343 
VAL CG2 HG21 sing N N 344 
VAL CG2 HG22 sing N N 345 
VAL CG2 HG23 sing N N 346 
VAL OXT HXT  sing N N 347 
# 
_atom_sites.entry_id                    3U50 
_atom_sites.fract_transf_matrix[1][1]   -0.00950770 
_atom_sites.fract_transf_matrix[1][2]   -0.00782679 
_atom_sites.fract_transf_matrix[1][3]   0.00731766 
_atom_sites.fract_transf_matrix[2][1]   -0.01133993 
_atom_sites.fract_transf_matrix[2][2]   0.00632439 
_atom_sites.fract_transf_matrix[2][3]   0.00605093 
_atom_sites.fract_transf_matrix[3][1]   -0.00641926 
_atom_sites.fract_transf_matrix[3][2]   -0.00174476 
_atom_sites.fract_transf_matrix[3][3]   -0.01020659 
_atom_sites.fract_transf_vector[1]      0.241213 
_atom_sites.fract_transf_vector[2]      -0.314287 
_atom_sites.fract_transf_vector[3]      0.494111 
# 
loop_
_atom_type.symbol 
C  
N  
O  
S  
ZN 
# 
loop_
_atom_site.group_PDB 
_atom_site.id 
_atom_site.type_symbol 
_atom_site.label_atom_id 
_atom_site.label_alt_id 
_atom_site.label_comp_id 
_atom_site.label_asym_id 
_atom_site.label_entity_id 
_atom_site.label_seq_id 
_atom_site.pdbx_PDB_ins_code 
_atom_site.Cartn_x 
_atom_site.Cartn_y 
_atom_site.Cartn_z 
_atom_site.occupancy 
_atom_site.B_iso_or_equiv 
_atom_site.pdbx_formal_charge 
_atom_site.auth_seq_id 
_atom_site.auth_comp_id 
_atom_site.auth_asym_id 
_atom_site.auth_atom_id 
_atom_site.pdbx_PDB_model_num 
ATOM   1    N  N   . GLN A 1 1   ? 16.831  18.086  -10.894 1.00 85.29  ? 511 GLN C N   1 
ATOM   2    C  CA  . GLN A 1 1   ? 17.359  16.827  -10.374 1.00 85.87  ? 511 GLN C CA  1 
ATOM   3    C  C   . GLN A 1 1   ? 16.642  16.404  -9.088  1.00 79.83  ? 511 GLN C C   1 
ATOM   4    O  O   . GLN A 1 1   ? 16.119  17.247  -8.342  1.00 77.77  ? 511 GLN C O   1 
ATOM   5    C  CB  . GLN A 1 1   ? 18.870  16.930  -10.124 1.00 83.94  ? 511 GLN C CB  1 
ATOM   6    C  CG  . GLN A 1 1   ? 19.537  15.595  -9.818  1.00 79.51  ? 511 GLN C CG  1 
ATOM   7    C  CD  . GLN A 1 1   ? 20.958  15.755  -9.293  1.00 84.54  ? 511 GLN C CD  1 
ATOM   8    O  OE1 . GLN A 1 1   ? 21.582  14.787  -8.840  1.00 77.11  ? 511 GLN C OE1 1 
ATOM   9    N  NE2 . GLN A 1 1   ? 21.476  16.979  -9.352  1.00 86.42  ? 511 GLN C NE2 1 
ATOM   10   N  N   . ARG A 1 2   ? 16.622  15.097  -8.840  1.00 71.48  ? 512 ARG C N   1 
ATOM   11   C  CA  . ARG A 1 2   ? 15.952  14.538  -7.672  1.00 67.46  ? 512 ARG C CA  1 
ATOM   12   C  C   . ARG A 1 2   ? 16.829  14.615  -6.423  1.00 64.06  ? 512 ARG C C   1 
ATOM   13   O  O   . ARG A 1 2   ? 17.973  14.159  -6.438  1.00 63.80  ? 512 ARG C O   1 
ATOM   14   C  CB  . ARG A 1 2   ? 15.585  13.083  -7.948  1.00 65.66  ? 512 ARG C CB  1 
ATOM   15   C  CG  . ARG A 1 2   ? 14.784  12.435  -6.841  1.00 64.01  ? 512 ARG C CG  1 
ATOM   16   C  CD  . ARG A 1 2   ? 13.441  11.925  -7.361  1.00 66.63  ? 512 ARG C CD  1 
ATOM   17   N  NE  . ARG A 1 2   ? 13.505  10.607  -7.987  1.00 64.46  ? 512 ARG C NE  1 
ATOM   18   C  CZ  . ARG A 1 2   ? 12.516  10.089  -8.713  1.00 73.65  ? 512 ARG C CZ  1 
ATOM   19   N  NH1 . ARG A 1 2   ? 11.400  10.789  -8.904  1.00 77.88  ? 512 ARG C NH1 1 
ATOM   20   N  NH2 . ARG A 1 2   ? 12.642  8.885   -9.261  1.00 69.15  ? 512 ARG C NH2 1 
ATOM   21   N  N   . ILE A 1 3   ? 16.294  15.189  -5.347  1.00 60.63  ? 513 ILE C N   1 
ATOM   22   C  CA  . ILE A 1 3   ? 17.002  15.234  -4.060  1.00 61.50  ? 513 ILE C CA  1 
ATOM   23   C  C   . ILE A 1 3   ? 16.368  14.317  -3.004  1.00 60.78  ? 513 ILE C C   1 
ATOM   24   O  O   . ILE A 1 3   ? 15.209  14.488  -2.607  1.00 58.84  ? 513 ILE C O   1 
ATOM   25   C  CB  . ILE A 1 3   ? 17.072  16.668  -3.463  1.00 64.82  ? 513 ILE C CB  1 
ATOM   26   C  CG1 . ILE A 1 3   ? 17.305  17.715  -4.556  1.00 62.32  ? 513 ILE C CG1 1 
ATOM   27   C  CG2 . ILE A 1 3   ? 18.151  16.741  -2.378  1.00 63.43  ? 513 ILE C CG2 1 
ATOM   28   C  CD1 . ILE A 1 3   ? 18.508  17.423  -5.413  1.00 67.05  ? 513 ILE C CD1 1 
ATOM   29   N  N   . TYR A 1 4   ? 17.150  13.353  -2.536  1.00 57.66  ? 514 TYR C N   1 
ATOM   30   C  CA  . TYR A 1 4   ? 16.658  12.382  -1.573  1.00 52.63  ? 514 TYR C CA  1 
ATOM   31   C  C   . TYR A 1 4   ? 16.757  12.878  -0.142  1.00 57.60  ? 514 TYR C C   1 
ATOM   32   O  O   . TYR A 1 4   ? 17.500  13.809  0.149   1.00 58.70  ? 514 TYR C O   1 
ATOM   33   C  CB  . TYR A 1 4   ? 17.404  11.065  -1.717  1.00 52.13  ? 514 TYR C CB  1 
ATOM   34   C  CG  . TYR A 1 4   ? 16.996  10.317  -2.950  1.00 54.49  ? 514 TYR C CG  1 
ATOM   35   C  CD1 . TYR A 1 4   ? 17.541  10.631  -4.184  1.00 52.96  ? 514 TYR C CD1 1 
ATOM   36   C  CD2 . TYR A 1 4   ? 16.047  9.308   -2.886  1.00 55.12  ? 514 TYR C CD2 1 
ATOM   37   C  CE1 . TYR A 1 4   ? 17.169  9.958   -5.315  1.00 54.62  ? 514 TYR C CE1 1 
ATOM   38   C  CE2 . TYR A 1 4   ? 15.660  8.621   -4.026  1.00 55.98  ? 514 TYR C CE2 1 
ATOM   39   C  CZ  . TYR A 1 4   ? 16.222  8.958   -5.239  1.00 53.74  ? 514 TYR C CZ  1 
ATOM   40   O  OH  . TYR A 1 4   ? 15.861  8.286   -6.381  1.00 57.09  ? 514 TYR C OH  1 
ATOM   41   N  N   . SER A 1 5   ? 15.997  12.245  0.744   1.00 51.73  ? 515 SER C N   1 
ATOM   42   C  CA  . SER A 1 5   ? 16.002  12.612  2.139   1.00 44.57  ? 515 SER C CA  1 
ATOM   43   C  C   . SER A 1 5   ? 16.038  11.381  3.025   1.00 50.93  ? 515 SER C C   1 
ATOM   44   O  O   . SER A 1 5   ? 15.395  10.358  2.746   1.00 50.61  ? 515 SER C O   1 
ATOM   45   C  CB  . SER A 1 5   ? 14.772  13.440  2.457   1.00 45.20  ? 515 SER C CB  1 
ATOM   46   O  OG  . SER A 1 5   ? 14.615  14.433  1.469   1.00 54.92  ? 515 SER C OG  1 
ATOM   47   N  N   . SER A 1 6   ? 16.806  11.490  4.096   1.00 47.45  ? 516 SER C N   1 
ATOM   48   C  CA  . SER A 1 6   ? 16.898  10.434  5.081   1.00 51.95  ? 516 SER C CA  1 
ATOM   49   C  C   . SER A 1 6   ? 15.610  10.337  5.867   1.00 53.39  ? 516 SER C C   1 
ATOM   50   O  O   . SER A 1 6   ? 14.911  11.341  6.069   1.00 53.17  ? 516 SER C O   1 
ATOM   51   C  CB  . SER A 1 6   ? 18.042  10.725  6.056   1.00 55.40  ? 516 SER C CB  1 
ATOM   52   O  OG  . SER A 1 6   ? 19.292  10.449  5.455   1.00 61.99  ? 516 SER C OG  1 
ATOM   53   N  N   . ILE A 1 7   ? 15.306  9.131   6.332   1.00 51.24  ? 517 ILE C N   1 
ATOM   54   C  CA  . ILE A 1 7   ? 14.114  8.933   7.136   1.00 50.20  ? 517 ILE C CA  1 
ATOM   55   C  C   . ILE A 1 7   ? 14.205  9.796   8.400   1.00 48.12  ? 517 ILE C C   1 
ATOM   56   O  O   . ILE A 1 7   ? 13.242  10.456  8.784   1.00 50.03  ? 517 ILE C O   1 
ATOM   57   C  CB  . ILE A 1 7   ? 13.858  7.424   7.404   1.00 48.46  ? 517 ILE C CB  1 
ATOM   58   C  CG1 . ILE A 1 7   ? 13.311  6.774   6.125   1.00 47.78  ? 517 ILE C CG1 1 
ATOM   59   C  CG2 . ILE A 1 7   ? 12.882  7.219   8.561   1.00 44.09  ? 517 ILE C CG2 1 
ATOM   60   C  CD1 . ILE A 1 7   ? 13.197  5.252   6.173   1.00 47.78  ? 517 ILE C CD1 1 
ATOM   61   N  N   . GLU A 1 8   ? 15.385  9.819   9.007   1.00 51.92  ? 518 GLU C N   1 
ATOM   62   C  CA  . GLU A 1 8   ? 15.682  10.669  10.171  1.00 57.10  ? 518 GLU C CA  1 
ATOM   63   C  C   . GLU A 1 8   ? 15.178  12.116  9.999   1.00 56.57  ? 518 GLU C C   1 
ATOM   64   O  O   . GLU A 1 8   ? 14.461  12.655  10.846  1.00 58.43  ? 518 GLU C O   1 
ATOM   65   C  CB  . GLU A 1 8   ? 17.192  10.659  10.397  1.00 57.17  ? 518 GLU C CB  1 
ATOM   66   C  CG  . GLU A 1 8   ? 17.689  11.483  11.551  1.00 65.63  ? 518 GLU C CG  1 
ATOM   67   C  CD  . GLU A 1 8   ? 19.161  11.225  11.841  1.00 68.04  ? 518 GLU C CD  1 
ATOM   68   O  OE1 . GLU A 1 8   ? 19.525  11.160  13.037  1.00 76.19  ? 518 GLU C OE1 1 
ATOM   69   O  OE2 . GLU A 1 8   ? 19.952  11.092  10.874  1.00 66.13  ? 518 GLU C OE2 1 
ATOM   70   N  N   . GLU A 1 9   ? 15.548  12.728  8.881   1.00 55.12  ? 519 GLU C N   1 
ATOM   71   C  CA  . GLU A 1 9   ? 15.146  14.087  8.568   1.00 54.21  ? 519 GLU C CA  1 
ATOM   72   C  C   . GLU A 1 9   ? 13.644  14.199  8.411   1.00 57.17  ? 519 GLU C C   1 
ATOM   73   O  O   . GLU A 1 9   ? 13.020  15.112  8.941   1.00 61.70  ? 519 GLU C O   1 
ATOM   74   C  CB  . GLU A 1 9   ? 15.828  14.539  7.283   1.00 56.63  ? 519 GLU C CB  1 
ATOM   75   C  CG  . GLU A 1 9   ? 15.453  15.940  6.857   1.00 65.79  ? 519 GLU C CG  1 
ATOM   76   C  CD  . GLU A 1 9   ? 15.819  16.998  7.896   1.00 78.33  ? 519 GLU C CD  1 
ATOM   77   O  OE1 . GLU A 1 9   ? 16.638  16.704  8.810   1.00 76.83  ? 519 GLU C OE1 1 
ATOM   78   O  OE2 . GLU A 1 9   ? 15.284  18.128  7.790   1.00 76.14  ? 519 GLU C OE2 1 
ATOM   79   N  N   . ILE A 1 10  ? 13.063  13.261  7.674   1.00 56.86  ? 520 ILE C N   1 
ATOM   80   C  CA  . ILE A 1 10  ? 11.630  13.275  7.437   1.00 53.98  ? 520 ILE C CA  1 
ATOM   81   C  C   . ILE A 1 10  ? 10.853  13.255  8.738   1.00 55.57  ? 520 ILE C C   1 
ATOM   82   O  O   . ILE A 1 10  ? 9.916   14.025  8.916   1.00 57.76  ? 520 ILE C O   1 
ATOM   83   C  CB  . ILE A 1 10  ? 11.207  12.082  6.592   1.00 55.33  ? 520 ILE C CB  1 
ATOM   84   C  CG1 . ILE A 1 10  ? 11.809  12.205  5.194   1.00 53.27  ? 520 ILE C CG1 1 
ATOM   85   C  CG2 . ILE A 1 10  ? 9.688   11.976  6.531   1.00 50.76  ? 520 ILE C CG2 1 
ATOM   86   C  CD1 . ILE A 1 10  ? 11.488  11.039  4.301   1.00 51.98  ? 520 ILE C CD1 1 
ATOM   87   N  N   . ILE A 1 11  ? 11.241  12.363  9.645   1.00 57.91  ? 521 ILE C N   1 
ATOM   88   C  CA  . ILE A 1 11  ? 10.580  12.257  10.934  1.00 55.83  ? 521 ILE C CA  1 
ATOM   89   C  C   . ILE A 1 11  ? 10.642  13.587  11.672  1.00 61.95  ? 521 ILE C C   1 
ATOM   90   O  O   . ILE A 1 11  ? 9.643   14.051  12.218  1.00 64.22  ? 521 ILE C O   1 
ATOM   91   C  CB  . ILE A 1 11  ? 11.200  11.133  11.809  1.00 58.69  ? 521 ILE C CB  1 
ATOM   92   C  CG1 . ILE A 1 11  ? 10.933  9.756   11.185  1.00 55.57  ? 521 ILE C CG1 1 
ATOM   93   C  CG2 . ILE A 1 11  ? 10.635  11.179  13.227  1.00 55.90  ? 521 ILE C CG2 1 
ATOM   94   C  CD1 . ILE A 1 11  ? 11.724  8.620   11.820  1.00 42.11  ? 521 ILE C CD1 1 
ATOM   95   N  N   . GLN A 1 12  ? 11.803  14.228  11.677  1.00 63.53  ? 522 GLN C N   1 
ATOM   96   C  CA  . GLN A 1 12  ? 11.907  15.450  12.458  1.00 67.94  ? 522 GLN C CA  1 
ATOM   97   C  C   . GLN A 1 12  ? 11.132  16.624  11.837  1.00 69.15  ? 522 GLN C C   1 
ATOM   98   O  O   . GLN A 1 12  ? 10.547  17.433  12.555  1.00 74.56  ? 522 GLN C O   1 
ATOM   99   C  CB  . GLN A 1 12  ? 13.358  15.783  12.806  1.00 67.87  ? 522 GLN C CB  1 
ATOM   100  C  CG  . GLN A 1 12  ? 14.082  16.716  11.876  1.00 71.96  ? 522 GLN C CG  1 
ATOM   101  C  CD  . GLN A 1 12  ? 15.341  17.278  12.535  1.00 82.32  ? 522 GLN C CD  1 
ATOM   102  O  OE1 . GLN A 1 12  ? 15.670  16.910  13.669  1.00 81.77  ? 522 GLN C OE1 1 
ATOM   103  N  NE2 . GLN A 1 12  ? 16.045  18.170  11.829  1.00 78.28  ? 522 GLN C NE2 1 
ATOM   104  N  N   . GLN A 1 13  ? 11.093  16.695  10.513  1.00 64.94  ? 523 GLN C N   1 
ATOM   105  C  CA  . GLN A 1 13  ? 10.215  17.654  9.857   1.00 68.12  ? 523 GLN C CA  1 
ATOM   106  C  C   . GLN A 1 13  ? 8.753   17.363  10.168  1.00 71.77  ? 523 GLN C C   1 
ATOM   107  O  O   . GLN A 1 13  ? 7.919   18.271  10.205  1.00 75.25  ? 523 GLN C O   1 
ATOM   108  C  CB  . GLN A 1 13  ? 10.392  17.619  8.349   1.00 61.85  ? 523 GLN C CB  1 
ATOM   109  C  CG  . GLN A 1 13  ? 11.732  18.071  7.859   1.00 62.88  ? 523 GLN C CG  1 
ATOM   110  C  CD  . GLN A 1 13  ? 11.663  18.460  6.408   1.00 60.77  ? 523 GLN C CD  1 
ATOM   111  O  OE1 . GLN A 1 13  ? 10.625  18.911  5.938   1.00 60.98  ? 523 GLN C OE1 1 
ATOM   112  N  NE2 . GLN A 1 13  ? 12.759  18.275  5.684   1.00 60.79  ? 523 GLN C NE2 1 
ATOM   113  N  N   . ALA A 1 14  ? 8.439   16.086  10.353  1.00 70.64  ? 524 ALA C N   1 
ATOM   114  C  CA  . ALA A 1 14  ? 7.077   15.688  10.666  1.00 71.19  ? 524 ALA C CA  1 
ATOM   115  C  C   . ALA A 1 14  ? 6.728   16.139  12.081  1.00 74.60  ? 524 ALA C C   1 
ATOM   116  O  O   . ALA A 1 14  ? 5.703   16.782  12.303  1.00 78.65  ? 524 ALA C O   1 
ATOM   117  C  CB  . ALA A 1 14  ? 6.913   14.172  10.527  1.00 65.51  ? 524 ALA C CB  1 
ATOM   118  N  N   . GLN A 1 15  ? 7.590   15.821  13.038  1.00 71.69  ? 525 GLN C N   1 
ATOM   119  C  CA  . GLN A 1 15  ? 7.331   16.199  14.418  1.00 76.78  ? 525 GLN C CA  1 
ATOM   120  C  C   . GLN A 1 15  ? 7.078   17.696  14.538  1.00 79.15  ? 525 GLN C C   1 
ATOM   121  O  O   . GLN A 1 15  ? 6.215   18.133  15.304  1.00 79.68  ? 525 GLN C O   1 
ATOM   122  C  CB  . GLN A 1 15  ? 8.477   15.748  15.319  1.00 67.43  ? 525 GLN C CB  1 
ATOM   123  C  CG  . GLN A 1 15  ? 8.475   14.255  15.513  1.00 69.21  ? 525 GLN C CG  1 
ATOM   124  C  CD  . GLN A 1 15  ? 9.698   13.742  16.240  1.00 73.67  ? 525 GLN C CD  1 
ATOM   125  O  OE1 . GLN A 1 15  ? 10.670  14.473  16.452  1.00 77.48  ? 525 GLN C OE1 1 
ATOM   126  N  NE2 . GLN A 1 15  ? 9.658   12.467  16.624  1.00 70.77  ? 525 GLN C NE2 1 
ATOM   127  N  N   . ALA A 1 16  ? 7.817   18.469  13.750  1.00 81.26  ? 526 ALA C N   1 
ATOM   128  C  CA  . ALA A 1 16  ? 7.700   19.924  13.746  1.00 82.15  ? 526 ALA C CA  1 
ATOM   129  C  C   . ALA A 1 16  ? 6.757   20.424  12.651  1.00 86.93  ? 526 ALA C C   1 
ATOM   130  O  O   . ALA A 1 16  ? 7.174   21.160  11.756  1.00 90.30  ? 526 ALA C O   1 
ATOM   131  C  CB  . ALA A 1 16  ? 9.077   20.550  13.576  1.00 78.99  ? 526 ALA C CB  1 
ATOM   132  N  N   . SER A 1 17  ? 5.488   20.031  12.717  1.00 86.35  ? 527 SER C N   1 
ATOM   133  C  CA  . SER A 1 17  ? 4.526   20.442  11.698  1.00 89.05  ? 527 SER C CA  1 
ATOM   134  C  C   . SER A 1 17  ? 3.097   20.493  12.245  1.00 91.41  ? 527 SER C C   1 
ATOM   135  O  O   . SER A 1 17  ? 2.785   19.842  13.244  1.00 92.71  ? 527 SER C O   1 
ATOM   136  C  CB  . SER A 1 17  ? 4.605   19.511  10.484  1.00 88.44  ? 527 SER C CB  1 
ATOM   137  O  OG  . SER A 1 17  ? 4.114   18.217  10.796  1.00 85.04  ? 527 SER C OG  1 
ATOM   138  N  N   . GLU A 1 18  ? 2.237   21.263  11.581  1.00 91.39  ? 528 GLU C N   1 
ATOM   139  C  CA  . GLU A 1 18  ? 0.859   21.461  12.036  1.00 94.49  ? 528 GLU C CA  1 
ATOM   140  C  C   . GLU A 1 18  ? -0.080  20.381  11.503  1.00 91.58  ? 528 GLU C C   1 
ATOM   141  O  O   . GLU A 1 18  ? 0.311   19.577  10.659  1.00 95.29  ? 528 GLU C O   1 
ATOM   142  C  CB  . GLU A 1 18  ? 0.353   22.846  11.626  1.00 102.25 ? 528 GLU C CB  1 
ATOM   143  C  CG  . GLU A 1 18  ? 1.107   24.012  12.262  1.00 108.38 ? 528 GLU C CG  1 
ATOM   144  C  CD  . GLU A 1 18  ? 0.581   25.373  11.806  1.00 119.49 ? 528 GLU C CD  1 
ATOM   145  O  OE1 . GLU A 1 18  ? -0.580  25.448  11.348  1.00 118.45 ? 528 GLU C OE1 1 
ATOM   146  O  OE2 . GLU A 1 18  ? 1.333   26.368  11.903  1.00 117.94 ? 528 GLU C OE2 1 
ATOM   147  N  N   . ILE A 1 19  ? -1.321  20.388  11.974  1.00 90.26  ? 529 ILE C N   1 
ATOM   148  C  CA  . ILE A 1 19  ? -2.262  19.297  11.720  1.00 89.73  ? 529 ILE C CA  1 
ATOM   149  C  C   . ILE A 1 19  ? -2.522  18.943  10.253  1.00 91.94  ? 529 ILE C C   1 
ATOM   150  O  O   . ILE A 1 19  ? -2.371  17.786  9.847   1.00 90.05  ? 529 ILE C O   1 
ATOM   151  C  CB  . ILE A 1 19  ? -3.622  19.554  12.414  1.00 90.98  ? 529 ILE C CB  1 
ATOM   152  C  CG1 . ILE A 1 19  ? -3.450  19.460  13.929  1.00 94.46  ? 529 ILE C CG1 1 
ATOM   153  C  CG2 . ILE A 1 19  ? -4.666  18.548  11.937  1.00 85.48  ? 529 ILE C CG2 1 
ATOM   154  C  CD1 . ILE A 1 19  ? -2.975  18.100  14.410  1.00 93.21  ? 529 ILE C CD1 1 
ATOM   155  N  N   . GLY A 1 20  ? -2.926  19.923  9.456   1.00 90.99  ? 530 GLY C N   1 
ATOM   156  C  CA  . GLY A 1 20  ? -3.347  19.626  8.098   1.00 89.60  ? 530 GLY C CA  1 
ATOM   157  C  C   . GLY A 1 20  ? -2.201  19.356  7.144   1.00 84.60  ? 530 GLY C C   1 
ATOM   158  O  O   . GLY A 1 20  ? -2.418  19.013  5.982   1.00 81.69  ? 530 GLY C O   1 
ATOM   159  N  N   . GLN A 1 21  ? -0.980  19.485  7.647   1.00 83.94  ? 531 GLN C N   1 
ATOM   160  C  CA  . GLN A 1 21  ? 0.196   19.538  6.785   1.00 82.71  ? 531 GLN C CA  1 
ATOM   161  C  C   . GLN A 1 21  ? 0.561   18.207  6.104   1.00 78.15  ? 531 GLN C C   1 
ATOM   162  O  O   . GLN A 1 21  ? 0.328   17.124  6.646   1.00 73.24  ? 531 GLN C O   1 
ATOM   163  C  CB  . GLN A 1 21  ? 1.385   20.111  7.562   1.00 84.82  ? 531 GLN C CB  1 
ATOM   164  C  CG  . GLN A 1 21  ? 2.368   20.905  6.706   1.00 88.00  ? 531 GLN C CG  1 
ATOM   165  C  CD  . GLN A 1 21  ? 3.337   21.731  7.541   1.00 97.41  ? 531 GLN C CD  1 
ATOM   166  O  OE1 . GLN A 1 21  ? 3.039   22.101  8.684   1.00 96.74  ? 531 GLN C OE1 1 
ATOM   167  N  NE2 . GLN A 1 21  ? 4.506   22.024  6.973   1.00 92.81  ? 531 GLN C NE2 1 
ATOM   168  N  N   . LYS A 1 22  ? 1.120   18.320  4.898   1.00 77.55  ? 532 LYS C N   1 
ATOM   169  C  CA  . LYS A 1 22  ? 1.573   17.184  4.101   1.00 68.21  ? 532 LYS C CA  1 
ATOM   170  C  C   . LYS A 1 22  ? 2.838   17.552  3.344   1.00 67.16  ? 532 LYS C C   1 
ATOM   171  O  O   . LYS A 1 22  ? 2.992   18.685  2.897   1.00 70.96  ? 532 LYS C O   1 
ATOM   172  C  CB  . LYS A 1 22  ? 0.509   16.774  3.088   1.00 70.49  ? 532 LYS C CB  1 
ATOM   173  C  CG  . LYS A 1 22  ? -0.715  16.107  3.661   1.00 70.89  ? 532 LYS C CG  1 
ATOM   174  C  CD  . LYS A 1 22  ? -1.635  15.737  2.514   1.00 77.60  ? 532 LYS C CD  1 
ATOM   175  C  CE  . LYS A 1 22  ? -2.870  14.986  2.976   1.00 83.15  ? 532 LYS C CE  1 
ATOM   176  N  NZ  . LYS A 1 22  ? -3.806  14.769  1.839   1.00 84.17  ? 532 LYS C NZ  1 
ATOM   177  N  N   . LYS A 1 23  ? 3.742   16.591  3.195   1.00 68.03  ? 533 LYS C N   1 
ATOM   178  C  CA  . LYS A 1 23  ? 4.982   16.812  2.460   1.00 66.73  ? 533 LYS C CA  1 
ATOM   179  C  C   . LYS A 1 23  ? 5.435   15.529  1.793   1.00 61.80  ? 533 LYS C C   1 
ATOM   180  O  O   . LYS A 1 23  ? 5.260   14.441  2.345   1.00 58.74  ? 533 LYS C O   1 
ATOM   181  C  CB  . LYS A 1 23  ? 6.093   17.299  3.394   1.00 66.71  ? 533 LYS C CB  1 
ATOM   182  C  CG  . LYS A 1 23  ? 6.286   18.800  3.447   1.00 69.94  ? 533 LYS C CG  1 
ATOM   183  C  CD  . LYS A 1 23  ? 7.598   19.146  4.171   1.00 78.77  ? 533 LYS C CD  1 
ATOM   184  C  CE  . LYS A 1 23  ? 7.498   20.469  4.943   1.00 82.40  ? 533 LYS C CE  1 
ATOM   185  N  NZ  . LYS A 1 23  ? 8.682   20.718  5.823   1.00 77.14  ? 533 LYS C NZ  1 
ATOM   186  N  N   . GLU A 1 24  ? 6.040   15.663  0.618   1.00 61.98  ? 534 GLU C N   1 
ATOM   187  C  CA  . GLU A 1 24  ? 6.556   14.506  -0.104  1.00 62.47  ? 534 GLU C CA  1 
ATOM   188  C  C   . GLU A 1 24  ? 8.075   14.489  -0.091  1.00 60.25  ? 534 GLU C C   1 
ATOM   189  O  O   . GLU A 1 24  ? 8.719   15.538  -0.119  1.00 59.44  ? 534 GLU C O   1 
ATOM   190  C  CB  . GLU A 1 24  ? 6.050   14.471  -1.553  1.00 62.29  ? 534 GLU C CB  1 
ATOM   191  C  CG  . GLU A 1 24  ? 4.543   14.512  -1.691  1.00 63.64  ? 534 GLU C CG  1 
ATOM   192  C  CD  . GLU A 1 24  ? 3.993   15.904  -1.498  1.00 71.07  ? 534 GLU C CD  1 
ATOM   193  O  OE1 . GLU A 1 24  ? 4.320   16.786  -2.328  1.00 71.60  ? 534 GLU C OE1 1 
ATOM   194  O  OE2 . GLU A 1 24  ? 3.251   16.119  -0.512  1.00 72.42  ? 534 GLU C OE2 1 
ATOM   195  N  N   . PHE A 1 25  ? 8.639   13.287  -0.056  1.00 56.61  ? 535 PHE C N   1 
ATOM   196  C  CA  . PHE A 1 25  ? 10.077  13.111  -0.048  1.00 51.03  ? 535 PHE C CA  1 
ATOM   197  C  C   . PHE A 1 25  ? 10.440  11.949  -0.934  1.00 50.01  ? 535 PHE C C   1 
ATOM   198  O  O   . PHE A 1 25  ? 9.639   11.056  -1.155  1.00 52.87  ? 535 PHE C O   1 
ATOM   199  C  CB  . PHE A 1 25  ? 10.556  12.806  1.365   1.00 53.07  ? 535 PHE C CB  1 
ATOM   200  C  CG  . PHE A 1 25  ? 10.135  13.823  2.376   1.00 55.94  ? 535 PHE C CG  1 
ATOM   201  C  CD1 . PHE A 1 25  ? 11.010  14.815  2.781   1.00 55.77  ? 535 PHE C CD1 1 
ATOM   202  C  CD2 . PHE A 1 25  ? 8.863   13.795  2.916   1.00 56.19  ? 535 PHE C CD2 1 
ATOM   203  C  CE1 . PHE A 1 25  ? 10.631  15.749  3.717   1.00 55.05  ? 535 PHE C CE1 1 
ATOM   204  C  CE2 . PHE A 1 25  ? 8.475   14.731  3.856   1.00 60.04  ? 535 PHE C CE2 1 
ATOM   205  C  CZ  . PHE A 1 25  ? 9.363   15.710  4.257   1.00 59.98  ? 535 PHE C CZ  1 
ATOM   206  N  N   . TYR A 1 26  ? 11.655  11.966  -1.448  1.00 51.33  ? 536 TYR C N   1 
ATOM   207  C  CA  . TYR A 1 26  ? 12.183  10.818  -2.145  1.00 50.26  ? 536 TYR C CA  1 
ATOM   208  C  C   . TYR A 1 26  ? 13.127  10.113  -1.187  1.00 52.78  ? 536 TYR C C   1 
ATOM   209  O  O   . TYR A 1 26  ? 14.006  10.735  -0.583  1.00 52.37  ? 536 TYR C O   1 
ATOM   210  C  CB  . TYR A 1 26  ? 12.870  11.243  -3.442  1.00 54.03  ? 536 TYR C CB  1 
ATOM   211  C  CG  . TYR A 1 26  ? 11.915  11.861  -4.464  1.00 58.28  ? 536 TYR C CG  1 
ATOM   212  C  CD1 . TYR A 1 26  ? 11.810  13.248  -4.607  1.00 63.82  ? 536 TYR C CD1 1 
ATOM   213  C  CD2 . TYR A 1 26  ? 11.128  11.062  -5.282  1.00 57.23  ? 536 TYR C CD2 1 
ATOM   214  C  CE1 . TYR A 1 26  ? 10.941  13.826  -5.543  1.00 61.71  ? 536 TYR C CE1 1 
ATOM   215  C  CE2 . TYR A 1 26  ? 10.265  11.621  -6.219  1.00 68.95  ? 536 TYR C CE2 1 
ATOM   216  C  CZ  . TYR A 1 26  ? 10.170  13.006  -6.348  1.00 74.70  ? 536 TYR C CZ  1 
ATOM   217  O  OH  . TYR A 1 26  ? 9.301   13.547  -7.287  1.00 76.58  ? 536 TYR C OH  1 
ATOM   218  N  N   . VAL A 1 27  ? 12.896  8.820   -1.011  1.00 53.07  ? 537 VAL C N   1 
ATOM   219  C  CA  . VAL A 1 27  ? 13.627  8.018   -0.044  1.00 50.07  ? 537 VAL C CA  1 
ATOM   220  C  C   . VAL A 1 27  ? 14.247  6.832   -0.754  1.00 49.06  ? 537 VAL C C   1 
ATOM   221  O  O   . VAL A 1 27  ? 13.688  6.311   -1.720  1.00 46.88  ? 537 VAL C O   1 
ATOM   222  C  CB  . VAL A 1 27  ? 12.675  7.463   1.047   1.00 48.21  ? 537 VAL C CB  1 
ATOM   223  C  CG1 . VAL A 1 27  ? 13.391  6.438   1.917   1.00 41.19  ? 537 VAL C CG1 1 
ATOM   224  C  CG2 . VAL A 1 27  ? 12.088  8.588   1.884   1.00 45.42  ? 537 VAL C CG2 1 
ATOM   225  N  N   . TYR A 1 28  ? 15.411  6.413   -0.286  1.00 44.87  ? 538 TYR C N   1 
ATOM   226  C  CA  . TYR A 1 28  ? 16.009  5.188   -0.781  1.00 47.00  ? 538 TYR C CA  1 
ATOM   227  C  C   . TYR A 1 28  ? 16.244  4.254   0.402   1.00 48.23  ? 538 TYR C C   1 
ATOM   228  O  O   . TYR A 1 28  ? 16.697  4.673   1.458   1.00 54.56  ? 538 TYR C O   1 
ATOM   229  C  CB  . TYR A 1 28  ? 17.314  5.487   -1.510  1.00 47.76  ? 538 TYR C CB  1 
ATOM   230  C  CG  . TYR A 1 28  ? 18.096  4.270   -1.912  1.00 49.29  ? 538 TYR C CG  1 
ATOM   231  C  CD1 . TYR A 1 28  ? 19.208  3.874   -1.183  1.00 49.51  ? 538 TYR C CD1 1 
ATOM   232  C  CD2 . TYR A 1 28  ? 17.723  3.504   -3.019  1.00 51.85  ? 538 TYR C CD2 1 
ATOM   233  C  CE1 . TYR A 1 28  ? 19.941  2.753   -1.538  1.00 55.87  ? 538 TYR C CE1 1 
ATOM   234  C  CE2 . TYR A 1 28  ? 18.453  2.377   -3.387  1.00 54.58  ? 538 TYR C CE2 1 
ATOM   235  C  CZ  . TYR A 1 28  ? 19.567  2.010   -2.638  1.00 60.67  ? 538 TYR C CZ  1 
ATOM   236  O  OH  . TYR A 1 28  ? 20.311  0.899   -2.970  1.00 68.97  ? 538 TYR C OH  1 
ATOM   237  N  N   . GLY A 1 29  ? 15.910  2.988   0.232   1.00 43.78  ? 539 GLY C N   1 
ATOM   238  C  CA  . GLY A 1 29  ? 16.072  2.038   1.310   1.00 48.83  ? 539 GLY C CA  1 
ATOM   239  C  C   . GLY A 1 29  ? 15.310  0.784   0.961   1.00 49.98  ? 539 GLY C C   1 
ATOM   240  O  O   . GLY A 1 29  ? 15.040  0.523   -0.208  1.00 49.90  ? 539 GLY C O   1 
ATOM   241  N  N   . ASN A 1 30  ? 14.949  0.008   1.972   1.00 44.93  ? 540 ASN C N   1 
ATOM   242  C  CA  . ASN A 1 30  ? 14.273  -1.237  1.703   1.00 46.60  ? 540 ASN C CA  1 
ATOM   243  C  C   . ASN A 1 30  ? 12.927  -1.395  2.372   1.00 45.19  ? 540 ASN C C   1 
ATOM   244  O  O   . ASN A 1 30  ? 12.562  -0.657  3.287   1.00 46.02  ? 540 ASN C O   1 
ATOM   245  C  CB  . ASN A 1 30  ? 15.173  -2.452  1.974   1.00 49.77  ? 540 ASN C CB  1 
ATOM   246  C  CG  . ASN A 1 30  ? 16.076  -2.254  3.148   1.00 57.96  ? 540 ASN C CG  1 
ATOM   247  O  OD1 . ASN A 1 30  ? 17.303  -2.383  3.040   1.00 60.95  ? 540 ASN C OD1 1 
ATOM   248  N  ND2 . ASN A 1 30  ? 15.486  -1.917  4.287   1.00 56.32  ? 540 ASN C ND2 1 
ATOM   249  N  N   . LEU A 1 31  ? 12.188  -2.369  1.867   1.00 42.81  ? 541 LEU C N   1 
ATOM   250  C  CA  . LEU A 1 31  ? 10.903  -2.734  2.404   1.00 43.75  ? 541 LEU C CA  1 
ATOM   251  C  C   . LEU A 1 31  ? 11.116  -3.826  3.451   1.00 42.05  ? 541 LEU C C   1 
ATOM   252  O  O   . LEU A 1 31  ? 11.866  -4.771  3.235   1.00 49.07  ? 541 LEU C O   1 
ATOM   253  C  CB  . LEU A 1 31  ? 10.026  -3.243  1.257   1.00 44.16  ? 541 LEU C CB  1 
ATOM   254  C  CG  . LEU A 1 31  ? 8.517   -3.030  1.274   1.00 48.03  ? 541 LEU C CG  1 
ATOM   255  C  CD1 . LEU A 1 31  ? 8.159   -1.563  1.263   1.00 41.72  ? 541 LEU C CD1 1 
ATOM   256  C  CD2 . LEU A 1 31  ? 7.913   -3.712  0.072   1.00 49.89  ? 541 LEU C CD2 1 
ATOM   257  N  N   . VAL A 1 32  ? 10.474  -3.696  4.597   1.00 40.35  ? 542 VAL C N   1 
ATOM   258  C  CA  . VAL A 1 32  ? 10.554  -4.731  5.604   1.00 44.01  ? 542 VAL C CA  1 
ATOM   259  C  C   . VAL A 1 32  ? 9.156   -5.083  6.091   1.00 44.31  ? 542 VAL C C   1 
ATOM   260  O  O   . VAL A 1 32  ? 8.340   -4.192  6.387   1.00 40.41  ? 542 VAL C O   1 
ATOM   261  C  CB  . VAL A 1 32  ? 11.417  -4.279  6.818   1.00 48.37  ? 542 VAL C CB  1 
ATOM   262  C  CG1 . VAL A 1 32  ? 11.373  -5.320  7.939   1.00 43.47  ? 542 VAL C CG1 1 
ATOM   263  C  CG2 . VAL A 1 32  ? 12.839  -4.038  6.382   1.00 51.56  ? 542 VAL C CG2 1 
ATOM   264  N  N   . SER A 1 33  ? 8.882   -6.380  6.158   1.00 44.83  ? 543 SER C N   1 
ATOM   265  C  CA  . SER A 1 33  ? 7.731   -6.853  6.897   1.00 42.69  ? 543 SER C CA  1 
ATOM   266  C  C   . SER A 1 33  ? 6.426   -6.365  6.325   1.00 42.12  ? 543 SER C C   1 
ATOM   267  O  O   . SER A 1 33  ? 5.667   -5.699  7.027   1.00 41.82  ? 543 SER C O   1 
ATOM   268  C  CB  . SER A 1 33  ? 7.814   -6.371  8.360   1.00 48.27  ? 543 SER C CB  1 
ATOM   269  O  OG  . SER A 1 33  ? 8.901   -6.959  9.036   1.00 45.74  ? 543 SER C OG  1 
ATOM   270  N  N   . ILE A 1 34  ? 6.124   -6.689  5.071   1.00 46.72  ? 544 ILE C N   1 
ATOM   271  C  CA  . ILE A 1 34  ? 4.726   -6.526  4.662   1.00 45.80  ? 544 ILE C CA  1 
ATOM   272  C  C   . ILE A 1 34  ? 3.876   -7.288  5.685   1.00 42.52  ? 544 ILE C C   1 
ATOM   273  O  O   . ILE A 1 34  ? 4.160   -8.444  6.023   1.00 39.48  ? 544 ILE C O   1 
ATOM   274  C  CB  . ILE A 1 34  ? 4.463   -6.982  3.218   1.00 46.30  ? 544 ILE C CB  1 
ATOM   275  C  CG1 . ILE A 1 34  ? 5.385   -6.228  2.268   1.00 46.06  ? 544 ILE C CG1 1 
ATOM   276  C  CG2 . ILE A 1 34  ? 3.038   -6.687  2.832   1.00 45.68  ? 544 ILE C CG2 1 
ATOM   277  C  CD1 . ILE A 1 34  ? 5.436   -6.803  0.906   1.00 51.21  ? 544 ILE C CD1 1 
ATOM   278  N  N   . GLN A 1 35  ? 2.860   -6.623  6.214   1.00 41.29  ? 545 GLN C N   1 
ATOM   279  C  CA  . GLN A 1 35  ? 2.072   -7.196  7.296   1.00 41.88  ? 545 GLN C CA  1 
ATOM   280  C  C   . GLN A 1 35  ? 0.931   -8.065  6.794   1.00 45.67  ? 545 GLN C C   1 
ATOM   281  O  O   . GLN A 1 35  ? 0.118   -7.626  5.977   1.00 50.16  ? 545 GLN C O   1 
ATOM   282  C  CB  . GLN A 1 35  ? 1.525   -6.084  8.197   1.00 41.29  ? 545 GLN C CB  1 
ATOM   283  C  CG  . GLN A 1 35  ? 2.621   -5.356  8.976   1.00 44.20  ? 545 GLN C CG  1 
ATOM   284  C  CD  . GLN A 1 35  ? 2.092   -4.221  9.845   1.00 51.17  ? 545 GLN C CD  1 
ATOM   285  O  OE1 . GLN A 1 35  ? 2.840   -3.310  10.214  1.00 53.16  ? 545 GLN C OE1 1 
ATOM   286  N  NE2 . GLN A 1 35  ? 0.801   -4.271  10.179  1.00 45.54  ? 545 GLN C NE2 1 
ATOM   287  N  N   . MET A 1 36  ? 0.856   -9.289  7.302   1.00 50.10  ? 546 MET C N   1 
ATOM   288  C  CA  . MET A 1 36  ? -0.222  -10.203 6.938   1.00 54.30  ? 546 MET C CA  1 
ATOM   289  C  C   . MET A 1 36  ? -1.297  -10.347 7.992   1.00 59.61  ? 546 MET C C   1 
ATOM   290  O  O   . MET A 1 36  ? -2.137  -11.225 7.894   1.00 64.94  ? 546 MET C O   1 
ATOM   291  C  CB  . MET A 1 36  ? 0.344   -11.569 6.624   1.00 51.62  ? 546 MET C CB  1 
ATOM   292  C  CG  . MET A 1 36  ? 1.339   -11.487 5.507   1.00 59.28  ? 546 MET C CG  1 
ATOM   293  S  SD  . MET A 1 36  ? 0.945   -12.581 4.153   1.00 69.38  ? 546 MET C SD  1 
ATOM   294  C  CE  . MET A 1 36  ? -0.816  -12.861 4.386   1.00 62.52  ? 546 MET C CE  1 
ATOM   295  N  N   . LYS A 1 37  ? -1.281  -9.481  8.993   1.00 60.60  ? 547 LYS C N   1 
ATOM   296  C  CA  . LYS A 1 37  ? -2.208  -9.618  10.100  1.00 64.83  ? 547 LYS C CA  1 
ATOM   297  C  C   . LYS A 1 37  ? -3.560  -9.010  9.754   1.00 67.95  ? 547 LYS C C   1 
ATOM   298  O  O   . LYS A 1 37  ? -4.611  -9.573  10.084  1.00 72.99  ? 547 LYS C O   1 
ATOM   299  C  CB  . LYS A 1 37  ? -1.619  -9.000  11.371  1.00 70.75  ? 547 LYS C CB  1 
ATOM   300  C  CG  . LYS A 1 37  ? -1.361  -7.495  11.224  1.00 83.99  ? 547 LYS C CG  1 
ATOM   301  C  CD  . LYS A 1 37  ? -0.769  -6.845  12.486  1.00 90.94  ? 547 LYS C CD  1 
ATOM   302  C  CE  . LYS A 1 37  ? 0.681   -7.344  12.754  1.00 88.92  ? 547 LYS C CE  1 
ATOM   303  N  NZ  . LYS A 1 37  ? 1.348   -6.754  13.983  1.00 76.90  ? 547 LYS C NZ  1 
ATOM   304  N  N   . ASN A 1 38  ? -3.530  -7.908  9.044   1.00 61.41  ? 548 ASN C N   1 
ATOM   305  C  CA  . ASN A 1 38  ? -4.736  -7.199  8.696   1.00 64.53  ? 548 ASN C CA  1 
ATOM   306  C  C   . ASN A 1 38  ? -5.303  -7.621  7.347   1.00 63.73  ? 548 ASN C C   1 
ATOM   307  O  O   . ASN A 1 38  ? -4.708  -8.392  6.640   1.00 58.76  ? 548 ASN C O   1 
ATOM   308  C  CB  . ASN A 1 38  ? -4.426  -5.711  8.707   1.00 73.02  ? 548 ASN C CB  1 
ATOM   309  C  CG  . ASN A 1 38  ? -2.934  -5.425  8.543   1.00 80.54  ? 548 ASN C CG  1 
ATOM   310  O  OD1 . ASN A 1 38  ? -2.178  -6.289  8.130   1.00 74.58  ? 548 ASN C OD1 1 
ATOM   311  N  ND2 . ASN A 1 38  ? -2.519  -4.213  8.861   1.00 73.14  ? 548 ASN C ND2 1 
ATOM   312  N  N   . LYS A 1 39  ? -6.473  -7.112  7.004   1.00 63.73  ? 549 LYS C N   1 
ATOM   313  C  CA  . LYS A 1 39  ? -7.088  -7.382  5.719   1.00 58.77  ? 549 LYS C CA  1 
ATOM   314  C  C   . LYS A 1 39  ? -6.283  -6.691  4.615   1.00 57.66  ? 549 LYS C C   1 
ATOM   315  O  O   . LYS A 1 39  ? -6.088  -5.471  4.624   1.00 56.41  ? 549 LYS C O   1 
ATOM   316  C  CB  . LYS A 1 39  ? -8.545  -6.908  5.727   1.00 54.74  ? 549 LYS C CB  1 
ATOM   317  C  CG  . LYS A 1 39  ? -9.218  -6.969  4.399   1.00 61.18  ? 549 LYS C CG  1 
ATOM   318  C  CD  . LYS A 1 39  ? -10.505 -7.796  4.462   1.00 65.17  ? 549 LYS C CD  1 
ATOM   319  C  CE  . LYS A 1 39  ? -11.309 -7.636  3.169   1.00 59.38  ? 549 LYS C CE  1 
ATOM   320  N  NZ  . LYS A 1 39  ? -12.649 -8.298  3.223   1.00 76.57  ? 549 LYS C NZ  1 
ATOM   321  N  N   . LEU A 1 40  ? -5.816  -7.492  3.669   1.00 53.14  ? 550 LEU C N   1 
ATOM   322  C  CA  . LEU A 1 40  ? -4.960  -7.020  2.599   1.00 53.47  ? 550 LEU C CA  1 
ATOM   323  C  C   . LEU A 1 40  ? -5.713  -6.346  1.452   1.00 49.85  ? 550 LEU C C   1 
ATOM   324  O  O   . LEU A 1 40  ? -5.159  -5.526  0.731   1.00 49.12  ? 550 LEU C O   1 
ATOM   325  C  CB  . LEU A 1 40  ? -4.169  -8.201  2.054   1.00 49.41  ? 550 LEU C CB  1 
ATOM   326  C  CG  . LEU A 1 40  ? -3.417  -8.940  3.142   1.00 48.11  ? 550 LEU C CG  1 
ATOM   327  C  CD1 . LEU A 1 40  ? -2.670  -10.109 2.522   1.00 40.47  ? 550 LEU C CD1 1 
ATOM   328  C  CD2 . LEU A 1 40  ? -2.462  -7.973  3.845   1.00 47.22  ? 550 LEU C CD2 1 
ATOM   329  N  N   . TYR A 1 41  ? -6.971  -6.709  1.265   1.00 51.77  ? 551 TYR C N   1 
ATOM   330  C  CA  . TYR A 1 41  ? -7.680  -6.266  0.078   1.00 51.11  ? 551 TYR C CA  1 
ATOM   331  C  C   . TYR A 1 41  ? -8.999  -5.670  0.449   1.00 51.86  ? 551 TYR C C   1 
ATOM   332  O  O   . TYR A 1 41  ? -9.625  -6.075  1.424   1.00 54.46  ? 551 TYR C O   1 
ATOM   333  C  CB  . TYR A 1 41  ? -7.921  -7.431  -0.869  1.00 50.44  ? 551 TYR C CB  1 
ATOM   334  C  CG  . TYR A 1 41  ? -8.505  -8.649  -0.189  1.00 48.61  ? 551 TYR C CG  1 
ATOM   335  C  CD1 . TYR A 1 41  ? -7.685  -9.700  0.196   1.00 50.79  ? 551 TYR C CD1 1 
ATOM   336  C  CD2 . TYR A 1 41  ? -9.866  -8.750  0.070   1.00 47.28  ? 551 TYR C CD2 1 
ATOM   337  C  CE1 . TYR A 1 41  ? -8.195  -10.821 0.813   1.00 49.58  ? 551 TYR C CE1 1 
ATOM   338  C  CE2 . TYR A 1 41  ? -10.395 -9.877  0.686   1.00 50.41  ? 551 TYR C CE2 1 
ATOM   339  C  CZ  . TYR A 1 41  ? -9.547  -10.913 1.059   1.00 54.30  ? 551 TYR C CZ  1 
ATOM   340  O  OH  . TYR A 1 41  ? -10.028 -12.054 1.680   1.00 56.24  ? 551 TYR C OH  1 
ATOM   341  N  N   . TYR A 1 42  ? -9.432  -4.710  -0.342  1.00 47.09  ? 552 TYR C N   1 
ATOM   342  C  CA  . TYR A 1 42  ? -10.674 -4.045  -0.040  1.00 54.31  ? 552 TYR C CA  1 
ATOM   343  C  C   . TYR A 1 42  ? -11.493 -3.775  -1.329  1.00 56.56  ? 552 TYR C C   1 
ATOM   344  O  O   . TYR A 1 42  ? -10.943 -3.706  -2.436  1.00 52.01  ? 552 TYR C O   1 
ATOM   345  C  CB  . TYR A 1 42  ? -10.384 -2.782  0.783   1.00 54.40  ? 552 TYR C CB  1 
ATOM   346  C  CG  . TYR A 1 42  ? -10.164 -1.520  -0.036  1.00 67.19  ? 552 TYR C CG  1 
ATOM   347  C  CD1 . TYR A 1 42  ? -10.885 -1.289  -1.209  1.00 66.72  ? 552 TYR C CD1 1 
ATOM   348  C  CD2 . TYR A 1 42  ? -9.263  -0.546  0.370   1.00 70.21  ? 552 TYR C CD2 1 
ATOM   349  C  CE1 . TYR A 1 42  ? -10.704 -0.160  -1.948  1.00 68.57  ? 552 TYR C CE1 1 
ATOM   350  C  CE2 . TYR A 1 42  ? -9.078  0.605   -0.371  1.00 71.71  ? 552 TYR C CE2 1 
ATOM   351  C  CZ  . TYR A 1 42  ? -9.802  0.787   -1.534  1.00 75.59  ? 552 TYR C CZ  1 
ATOM   352  O  OH  . TYR A 1 42  ? -9.639  1.922   -2.302  1.00 91.27  ? 552 TYR C OH  1 
ATOM   353  N  N   . TYR A 1 43  ? -12.803 -3.637  -1.184  1.00 58.05  ? 553 TYR C N   1 
ATOM   354  C  CA  . TYR A 1 43  ? -13.659 -3.340  -2.322  1.00 51.80  ? 553 TYR C CA  1 
ATOM   355  C  C   . TYR A 1 43  ? -13.678 -1.843  -2.578  1.00 52.48  ? 553 TYR C C   1 
ATOM   356  O  O   . TYR A 1 43  ? -13.940 -1.062  -1.669  1.00 59.30  ? 553 TYR C O   1 
ATOM   357  C  CB  . TYR A 1 43  ? -15.068 -3.823  -2.030  1.00 50.65  ? 553 TYR C CB  1 
ATOM   358  C  CG  . TYR A 1 43  ? -15.271 -5.329  -2.117  1.00 52.87  ? 553 TYR C CG  1 
ATOM   359  C  CD1 . TYR A 1 43  ? -15.906 -6.020  -1.093  1.00 55.78  ? 553 TYR C CD1 1 
ATOM   360  C  CD2 . TYR A 1 43  ? -14.874 -6.045  -3.232  1.00 54.05  ? 553 TYR C CD2 1 
ATOM   361  C  CE1 . TYR A 1 43  ? -16.122 -7.381  -1.163  1.00 58.69  ? 553 TYR C CE1 1 
ATOM   362  C  CE2 . TYR A 1 43  ? -15.085 -7.413  -3.312  1.00 55.15  ? 553 TYR C CE2 1 
ATOM   363  C  CZ  . TYR A 1 43  ? -15.711 -8.079  -2.273  1.00 64.66  ? 553 TYR C CZ  1 
ATOM   364  O  OH  . TYR A 1 43  ? -15.928 -9.448  -2.343  1.00 64.04  ? 553 TYR C OH  1 
ATOM   365  N  N   . ARG A 1 44  ? -13.381 -1.434  -3.806  1.00 57.70  ? 554 ARG C N   1 
ATOM   366  C  CA  . ARG A 1 44  ? -13.449 -0.016  -4.160  1.00 62.21  ? 554 ARG C CA  1 
ATOM   367  C  C   . ARG A 1 44  ? -14.372 0.239   -5.364  1.00 70.56  ? 554 ARG C C   1 
ATOM   368  O  O   . ARG A 1 44  ? -14.579 -0.655  -6.193  1.00 68.20  ? 554 ARG C O   1 
ATOM   369  C  CB  . ARG A 1 44  ? -12.055 0.538   -4.429  1.00 63.88  ? 554 ARG C CB  1 
ATOM   370  C  CG  . ARG A 1 44  ? -12.028 2.010   -4.780  1.00 73.61  ? 554 ARG C CG  1 
ATOM   371  C  CD  . ARG A 1 44  ? -10.582 2.501   -4.962  1.00 80.00  ? 554 ARG C CD  1 
ATOM   372  N  NE  . ARG A 1 44  ? -10.515 3.928   -5.280  1.00 83.69  ? 554 ARG C NE  1 
ATOM   373  C  CZ  . ARG A 1 44  ? -9.391  4.639   -5.299  1.00 90.26  ? 554 ARG C CZ  1 
ATOM   374  N  NH1 . ARG A 1 44  ? -8.228  4.050   -5.021  1.00 93.76  ? 554 ARG C NH1 1 
ATOM   375  N  NH2 . ARG A 1 44  ? -9.424  5.933   -5.598  1.00 85.56  ? 554 ARG C NH2 1 
ATOM   376  N  N   . CYS A 1 45  ? -14.916 1.449   -5.449  1.00 71.18  ? 555 CYS C N   1 
ATOM   377  C  CA  . CYS A 1 45  ? -15.811 1.811   -6.541  1.00 72.84  ? 555 CYS C CA  1 
ATOM   378  C  C   . CYS A 1 45  ? -15.081 2.619   -7.609  1.00 79.35  ? 555 CYS C C   1 
ATOM   379  O  O   . CYS A 1 45  ? -13.976 3.113   -7.381  1.00 81.10  ? 555 CYS C O   1 
ATOM   380  C  CB  . CYS A 1 45  ? -17.009 2.602   -6.011  1.00 74.12  ? 555 CYS C CB  1 
ATOM   381  S  SG  . CYS A 1 45  ? -18.274 2.962   -7.253  1.00 66.38  ? 555 CYS C SG  1 
ATOM   382  N  N   . THR A 1 46  ? -15.706 2.750   -8.775  1.00 82.86  ? 556 THR C N   1 
ATOM   383  C  CA  . THR A 1 46  ? -15.117 3.499   -9.879  1.00 84.65  ? 556 THR C CA  1 
ATOM   384  C  C   . THR A 1 46  ? -15.142 4.998   -9.603  1.00 85.06  ? 556 THR C C   1 
ATOM   385  O  O   . THR A 1 46  ? -14.460 5.773   -10.274 1.00 89.02  ? 556 THR C O   1 
ATOM   386  C  CB  . THR A 1 46  ? -15.851 3.217   -11.204 1.00 91.07  ? 556 THR C CB  1 
ATOM   387  O  OG1 . THR A 1 46  ? -15.854 1.808   -11.462 1.00 90.38  ? 556 THR C OG1 1 
ATOM   388  C  CG2 . THR A 1 46  ? -15.165 3.938   -12.355 1.00 91.15  ? 556 THR C CG2 1 
ATOM   389  N  N   . CYS A 1 47  ? -15.930 5.400   -8.612  1.00 87.77  ? 557 CYS C N   1 
ATOM   390  C  CA  . CYS A 1 47  ? -16.045 6.805   -8.246  1.00 88.41  ? 557 CYS C CA  1 
ATOM   391  C  C   . CYS A 1 47  ? -14.938 7.215   -7.281  1.00 88.59  ? 557 CYS C C   1 
ATOM   392  O  O   . CYS A 1 47  ? -15.024 8.255   -6.626  1.00 93.28  ? 557 CYS C O   1 
ATOM   393  C  CB  . CYS A 1 47  ? -17.414 7.089   -7.624  1.00 83.13  ? 557 CYS C CB  1 
ATOM   394  S  SG  . CYS A 1 47  ? -17.822 6.040   -6.208  1.00 88.86  ? 557 CYS C SG  1 
ATOM   395  N  N   . GLN A 1 48  ? -13.897 6.393   -7.200  1.00 90.66  ? 558 GLN C N   1 
ATOM   396  C  CA  . GLN A 1 48  ? -12.770 6.667   -6.315  1.00 94.86  ? 558 GLN C CA  1 
ATOM   397  C  C   . GLN A 1 48  ? -13.187 6.587   -4.851  1.00 90.36  ? 558 GLN C C   1 
ATOM   398  O  O   . GLN A 1 48  ? -12.605 7.251   -3.992  1.00 94.72  ? 558 GLN C O   1 
ATOM   399  C  CB  . GLN A 1 48  ? -12.175 8.044   -6.618  1.00 105.18 ? 558 GLN C CB  1 
ATOM   400  C  CG  . GLN A 1 48  ? -11.582 8.172   -8.012  1.00 108.28 ? 558 GLN C CG  1 
ATOM   401  C  CD  . GLN A 1 48  ? -11.535 9.608   -8.496  1.00 114.10 ? 558 GLN C CD  1 
ATOM   402  O  OE1 . GLN A 1 48  ? -12.118 9.948   -9.526  1.00 111.86 ? 558 GLN C OE1 1 
ATOM   403  N  NE2 . GLN A 1 48  ? -10.836 10.459  -7.753  1.00 114.83 ? 558 GLN C NE2 1 
ATOM   404  N  N   . GLY A 1 49  ? -14.198 5.771   -4.572  1.00 83.96  ? 559 GLY C N   1 
ATOM   405  C  CA  . GLY A 1 49  ? -14.691 5.603   -3.218  1.00 79.97  ? 559 GLY C CA  1 
ATOM   406  C  C   . GLY A 1 49  ? -14.270 4.281   -2.606  1.00 78.97  ? 559 GLY C C   1 
ATOM   407  O  O   . GLY A 1 49  ? -14.395 3.228   -3.231  1.00 70.92  ? 559 GLY C O   1 
ATOM   408  N  N   . LYS A 1 50  ? -13.767 4.337   -1.377  1.00 80.07  ? 560 LYS C N   1 
ATOM   409  C  CA  . LYS A 1 50  ? -13.323 3.135   -0.673  1.00 75.91  ? 560 LYS C CA  1 
ATOM   410  C  C   . LYS A 1 50  ? -14.458 2.648   0.215   1.00 73.72  ? 560 LYS C C   1 
ATOM   411  O  O   . LYS A 1 50  ? -14.494 1.488   0.644   1.00 72.26  ? 560 LYS C O   1 
ATOM   412  C  CB  . LYS A 1 50  ? -12.098 3.454   0.182   1.00 76.55  ? 560 LYS C CB  1 
ATOM   413  C  CG  . LYS A 1 50  ? -11.207 4.526   -0.436  1.00 81.16  ? 560 LYS C CG  1 
ATOM   414  C  CD  . LYS A 1 50  ? -9.761  4.390   0.009   1.00 79.39  ? 560 LYS C CD  1 
ATOM   415  C  CE  . LYS A 1 50  ? -8.819  4.858   -1.085  1.00 80.01  ? 560 LYS C CE  1 
ATOM   416  N  NZ  . LYS A 1 50  ? -7.409  4.462   -0.818  1.00 77.41  ? 560 LYS C NZ  1 
ATOM   417  N  N   . SER A 1 51  ? -15.385 3.562   0.471   1.00 73.66  ? 561 SER C N   1 
ATOM   418  C  CA  . SER A 1 51  ? -16.556 3.323   1.301   1.00 70.34  ? 561 SER C CA  1 
ATOM   419  C  C   . SER A 1 51  ? -17.587 2.436   0.595   1.00 61.37  ? 561 SER C C   1 
ATOM   420  O  O   . SER A 1 51  ? -18.550 2.936   0.015   1.00 63.73  ? 561 SER C O   1 
ATOM   421  C  CB  . SER A 1 51  ? -17.186 4.676   1.616   1.00 74.25  ? 561 SER C CB  1 
ATOM   422  O  OG  . SER A 1 51  ? -17.297 5.447   0.424   1.00 80.17  ? 561 SER C OG  1 
ATOM   423  N  N   . VAL A 1 52  ? -17.397 1.125   0.663   1.00 54.32  ? 562 VAL C N   1 
ATOM   424  C  CA  . VAL A 1 52  ? -18.234 0.191   -0.072  1.00 55.43  ? 562 VAL C CA  1 
ATOM   425  C  C   . VAL A 1 52  ? -18.784 -0.889  0.842   1.00 53.72  ? 562 VAL C C   1 
ATOM   426  O  O   . VAL A 1 52  ? -18.036 -1.622  1.475   1.00 58.10  ? 562 VAL C O   1 
ATOM   427  C  CB  . VAL A 1 52  ? -17.452 -0.474  -1.241  1.00 55.08  ? 562 VAL C CB  1 
ATOM   428  C  CG1 . VAL A 1 52  ? -18.282 -1.590  -1.883  1.00 51.54  ? 562 VAL C CG1 1 
ATOM   429  C  CG2 . VAL A 1 52  ? -17.054 0.573   -2.264  1.00 55.64  ? 562 VAL C CG2 1 
ATOM   430  N  N   . LEU A 1 53  ? -20.103 -0.987  0.908   1.00 54.76  ? 563 LEU C N   1 
ATOM   431  C  CA  . LEU A 1 53  ? -20.739 -1.930  1.804   1.00 50.57  ? 563 LEU C CA  1 
ATOM   432  C  C   . LEU A 1 53  ? -21.119 -3.187  1.044   1.00 57.86  ? 563 LEU C C   1 
ATOM   433  O  O   . LEU A 1 53  ? -21.617 -3.138  -0.092  1.00 53.99  ? 563 LEU C O   1 
ATOM   434  C  CB  . LEU A 1 53  ? -21.974 -1.290  2.444   1.00 52.85  ? 563 LEU C CB  1 
ATOM   435  C  CG  . LEU A 1 53  ? -21.735 0.074   3.118   1.00 57.15  ? 563 LEU C CG  1 
ATOM   436  C  CD1 . LEU A 1 53  ? -23.051 0.742   3.555   1.00 51.91  ? 563 LEU C CD1 1 
ATOM   437  C  CD2 . LEU A 1 53  ? -20.787 -0.068  4.298   1.00 50.49  ? 563 LEU C CD2 1 
ATOM   438  N  N   . LYS A 1 54  ? -20.886 -4.333  1.657   1.00 56.72  ? 564 LYS C N   1 
ATOM   439  C  CA  . LYS A 1 54  ? -21.292 -5.541  0.985   1.00 59.77  ? 564 LYS C CA  1 
ATOM   440  C  C   . LYS A 1 54  ? -22.628 -6.011  1.535   1.00 60.11  ? 564 LYS C C   1 
ATOM   441  O  O   . LYS A 1 54  ? -22.791 -6.207  2.740   1.00 59.45  ? 564 LYS C O   1 
ATOM   442  C  CB  . LYS A 1 54  ? -20.213 -6.615  1.046   1.00 63.38  ? 564 LYS C CB  1 
ATOM   443  C  CG  . LYS A 1 54  ? -20.542 -7.871  0.306   1.00 70.12  ? 564 LYS C CG  1 
ATOM   444  C  CD  . LYS A 1 54  ? -19.380 -8.849  0.393   1.00 80.21  ? 564 LYS C CD  1 
ATOM   445  C  CE  . LYS A 1 54  ? -19.675 -10.165 -0.328  1.00 80.30  ? 564 LYS C CE  1 
ATOM   446  N  NZ  . LYS A 1 54  ? -18.496 -11.088 -0.209  1.00 81.66  ? 564 LYS C NZ  1 
ATOM   447  N  N   . TYR A 1 55  ? -23.586 -6.134  0.622   1.00 57.84  ? 565 TYR C N   1 
ATOM   448  C  CA  . TYR A 1 55  ? -24.924 -6.599  0.919   1.00 59.24  ? 565 TYR C CA  1 
ATOM   449  C  C   . TYR A 1 55  ? -25.014 -8.081  0.618   1.00 64.40  ? 565 TYR C C   1 
ATOM   450  O  O   . TYR A 1 55  ? -24.130 -8.642  -0.030  1.00 70.01  ? 565 TYR C O   1 
ATOM   451  C  CB  . TYR A 1 55  ? -25.927 -5.847  0.042   1.00 57.40  ? 565 TYR C CB  1 
ATOM   452  C  CG  . TYR A 1 55  ? -26.351 -4.532  0.630   1.00 56.44  ? 565 TYR C CG  1 
ATOM   453  C  CD1 . TYR A 1 55  ? -25.454 -3.474  0.746   1.00 54.78  ? 565 TYR C CD1 1 
ATOM   454  C  CD2 . TYR A 1 55  ? -27.655 -4.345  1.077   1.00 54.35  ? 565 TYR C CD2 1 
ATOM   455  C  CE1 . TYR A 1 55  ? -25.851 -2.260  1.304   1.00 54.92  ? 565 TYR C CE1 1 
ATOM   456  C  CE2 . TYR A 1 55  ? -28.061 -3.144  1.621   1.00 53.80  ? 565 TYR C CE2 1 
ATOM   457  C  CZ  . TYR A 1 55  ? -27.163 -2.103  1.741   1.00 52.90  ? 565 TYR C CZ  1 
ATOM   458  O  OH  . TYR A 1 55  ? -27.610 -0.924  2.299   1.00 47.19  ? 565 TYR C OH  1 
ATOM   459  N  N   . HIS A 1 56  ? -26.084 -8.710  1.079   1.00 62.18  ? 566 HIS C N   1 
ATOM   460  C  CA  . HIS A 1 56  ? -26.352 -10.081 0.701   1.00 73.32  ? 566 HIS C CA  1 
ATOM   461  C  C   . HIS A 1 56  ? -26.435 -10.217 -0.815  1.00 71.70  ? 566 HIS C C   1 
ATOM   462  O  O   . HIS A 1 56  ? -26.475 -9.218  -1.536  1.00 71.20  ? 566 HIS C O   1 
ATOM   463  C  CB  . HIS A 1 56  ? -27.643 -10.570 1.356   1.00 72.72  ? 566 HIS C CB  1 
ATOM   464  C  CG  . HIS A 1 56  ? -27.501 -10.811 2.829   1.00 72.85  ? 566 HIS C CG  1 
ATOM   465  N  ND1 . HIS A 1 56  ? -26.549 -11.653 3.351   1.00 75.42  ? 566 HIS C ND1 1 
ATOM   466  C  CD2 . HIS A 1 56  ? -28.185 -10.305 3.884   1.00 75.17  ? 566 HIS C CD2 1 
ATOM   467  C  CE1 . HIS A 1 56  ? -26.648 -11.663 4.673   1.00 75.20  ? 566 HIS C CE1 1 
ATOM   468  N  NE2 . HIS A 1 56  ? -27.631 -10.857 5.019   1.00 77.36  ? 566 HIS C NE2 1 
ATOM   469  N  N   . GLY A 1 57  ? -26.422 -11.462 -1.280  1.00 72.45  ? 567 GLY C N   1 
ATOM   470  C  CA  . GLY A 1 57  ? -26.694 -11.785 -2.669  1.00 77.77  ? 567 GLY C CA  1 
ATOM   471  C  C   . GLY A 1 57  ? -25.794 -11.132 -3.702  1.00 81.11  ? 567 GLY C C   1 
ATOM   472  O  O   . GLY A 1 57  ? -26.267 -10.741 -4.777  1.00 79.55  ? 567 GLY C O   1 
ATOM   473  N  N   . ASP A 1 58  ? -24.506 -11.019 -3.385  1.00 76.64  ? 568 ASP C N   1 
ATOM   474  C  CA  . ASP A 1 58  ? -23.538 -10.443 -4.317  1.00 77.82  ? 568 ASP C CA  1 
ATOM   475  C  C   . ASP A 1 58  ? -23.859 -9.019  -4.749  1.00 74.97  ? 568 ASP C C   1 
ATOM   476  O  O   . ASP A 1 58  ? -23.755 -8.682  -5.937  1.00 74.94  ? 568 ASP C O   1 
ATOM   477  C  CB  . ASP A 1 58  ? -23.409 -11.314 -5.564  1.00 84.29  ? 568 ASP C CB  1 
ATOM   478  C  CG  . ASP A 1 58  ? -22.228 -12.250 -5.491  1.00 98.99  ? 568 ASP C CG  1 
ATOM   479  O  OD1 . ASP A 1 58  ? -21.362 -12.041 -4.600  1.00 92.16  ? 568 ASP C OD1 1 
ATOM   480  O  OD2 . ASP A 1 58  ? -22.167 -13.182 -6.331  1.00 97.55  ? 568 ASP C OD2 1 
ATOM   481  N  N   . SER A 1 59  ? -24.249 -8.187  -3.787  1.00 70.57  ? 569 SER C N   1 
ATOM   482  C  CA  . SER A 1 59  ? -24.444 -6.770  -4.059  1.00 63.21  ? 569 SER C CA  1 
ATOM   483  C  C   . SER A 1 59  ? -23.470 -5.922  -3.244  1.00 61.22  ? 569 SER C C   1 
ATOM   484  O  O   . SER A 1 59  ? -22.992 -6.337  -2.183  1.00 56.76  ? 569 SER C O   1 
ATOM   485  C  CB  . SER A 1 59  ? -25.889 -6.359  -3.795  1.00 61.23  ? 569 SER C CB  1 
ATOM   486  O  OG  . SER A 1 59  ? -26.764 -6.983  -4.720  1.00 72.39  ? 569 SER C OG  1 
ATOM   487  N  N   . PHE A 1 60  ? -23.180 -4.736  -3.761  1.00 54.71  ? 570 PHE C N   1 
ATOM   488  C  CA  . PHE A 1 60  ? -22.252 -3.819  -3.137  1.00 52.12  ? 570 PHE C CA  1 
ATOM   489  C  C   . PHE A 1 60  ? -22.751 -2.407  -3.335  1.00 57.59  ? 570 PHE C C   1 
ATOM   490  O  O   . PHE A 1 60  ? -23.083 -2.011  -4.448  1.00 56.57  ? 570 PHE C O   1 
ATOM   491  C  CB  . PHE A 1 60  ? -20.874 -3.967  -3.766  1.00 55.57  ? 570 PHE C CB  1 
ATOM   492  C  CG  . PHE A 1 60  ? -20.337 -5.361  -3.686  1.00 62.80  ? 570 PHE C CG  1 
ATOM   493  C  CD1 . PHE A 1 60  ? -20.689 -6.305  -4.653  1.00 55.99  ? 570 PHE C CD1 1 
ATOM   494  C  CD2 . PHE A 1 60  ? -19.501 -5.741  -2.631  1.00 56.77  ? 570 PHE C CD2 1 
ATOM   495  C  CE1 . PHE A 1 60  ? -20.214 -7.599  -4.584  1.00 58.98  ? 570 PHE C CE1 1 
ATOM   496  C  CE2 . PHE A 1 60  ? -19.017 -7.035  -2.548  1.00 60.18  ? 570 PHE C CE2 1 
ATOM   497  C  CZ  . PHE A 1 60  ? -19.372 -7.970  -3.529  1.00 67.02  ? 570 PHE C CZ  1 
ATOM   498  N  N   . PHE A 1 61  ? -22.793 -1.637  -2.256  1.00 54.16  ? 571 PHE C N   1 
ATOM   499  C  CA  . PHE A 1 61  ? -23.338 -0.302  -2.327  1.00 52.54  ? 571 PHE C CA  1 
ATOM   500  C  C   . PHE A 1 61  ? -22.236 0.692   -2.058  1.00 52.09  ? 571 PHE C C   1 
ATOM   501  O  O   . PHE A 1 61  ? -21.514 0.563   -1.079  1.00 56.44  ? 571 PHE C O   1 
ATOM   502  C  CB  . PHE A 1 61  ? -24.472 -0.147  -1.303  1.00 56.51  ? 571 PHE C CB  1 
ATOM   503  C  CG  . PHE A 1 61  ? -25.216 1.152   -1.412  1.00 57.38  ? 571 PHE C CG  1 
ATOM   504  C  CD1 . PHE A 1 61  ? -24.872 2.231   -0.610  1.00 56.79  ? 571 PHE C CD1 1 
ATOM   505  C  CD2 . PHE A 1 61  ? -26.256 1.300   -2.327  1.00 57.94  ? 571 PHE C CD2 1 
ATOM   506  C  CE1 . PHE A 1 61  ? -25.550 3.438   -0.718  1.00 60.05  ? 571 PHE C CE1 1 
ATOM   507  C  CE2 . PHE A 1 61  ? -26.939 2.502   -2.438  1.00 56.40  ? 571 PHE C CE2 1 
ATOM   508  C  CZ  . PHE A 1 61  ? -26.586 3.572   -1.638  1.00 59.73  ? 571 PHE C CZ  1 
ATOM   509  N  N   . CYS A 1 62  ? -22.092 1.685   -2.924  1.00 50.67  ? 572 CYS C N   1 
ATOM   510  C  CA  . CYS A 1 62  ? -21.079 2.699   -2.708  1.00 58.38  ? 572 CYS C CA  1 
ATOM   511  C  C   . CYS A 1 62  ? -21.627 3.900   -1.931  1.00 63.62  ? 572 CYS C C   1 
ATOM   512  O  O   . CYS A 1 62  ? -22.606 4.520   -2.332  1.00 63.78  ? 572 CYS C O   1 
ATOM   513  C  CB  . CYS A 1 62  ? -20.466 3.159   -4.027  1.00 58.39  ? 572 CYS C CB  1 
ATOM   514  S  SG  . CYS A 1 62  ? -19.237 4.435   -3.761  1.00 65.83  ? 572 CYS C SG  1 
ATOM   515  N  N   . GLU A 1 63  ? -20.984 4.225   -0.819  1.00 61.53  ? 573 GLU C N   1 
ATOM   516  C  CA  . GLU A 1 63  ? -21.452 5.313   0.021   1.00 64.83  ? 573 GLU C CA  1 
ATOM   517  C  C   . GLU A 1 63  ? -21.326 6.662   -0.669  1.00 67.40  ? 573 GLU C C   1 
ATOM   518  O  O   . GLU A 1 63  ? -22.186 7.517   -0.495  1.00 71.01  ? 573 GLU C O   1 
ATOM   519  C  CB  . GLU A 1 63  ? -20.740 5.310   1.380   1.00 64.36  ? 573 GLU C CB  1 
ATOM   520  C  CG  . GLU A 1 63  ? -21.333 4.295   2.363   1.00 65.93  ? 573 GLU C CG  1 
ATOM   521  C  CD  . GLU A 1 63  ? -20.447 4.034   3.573   1.00 67.99  ? 573 GLU C CD  1 
ATOM   522  O  OE1 . GLU A 1 63  ? -19.263 4.414   3.540   1.00 74.87  ? 573 GLU C OE1 1 
ATOM   523  O  OE2 . GLU A 1 63  ? -20.932 3.437   4.555   1.00 64.29  ? 573 GLU C OE2 1 
ATOM   524  N  N   . SER A 1 64  ? -20.270 6.848   -1.459  1.00 71.07  ? 574 SER C N   1 
ATOM   525  C  CA  . SER A 1 64  ? -20.115 8.060   -2.274  1.00 71.95  ? 574 SER C CA  1 
ATOM   526  C  C   . SER A 1 64  ? -21.096 8.363   -3.410  1.00 74.89  ? 574 SER C C   1 
ATOM   527  O  O   . SER A 1 64  ? -21.713 9.424   -3.449  1.00 78.26  ? 574 SER C O   1 
ATOM   528  C  CB  . SER A 1 64  ? -18.757 8.084   -2.993  1.00 71.08  ? 574 SER C CB  1 
ATOM   529  O  OG  . SER A 1 64  ? -17.680 8.149   -2.075  1.00 69.69  ? 574 SER C OG  1 
ATOM   530  N  N   . CYS A 1 65  ? -21.246 7.422   -4.335  1.00 71.54  ? 575 CYS C N   1 
ATOM   531  C  CA  . CYS A 1 65  ? -22.080 7.655   -5.506  1.00 66.04  ? 575 CYS C CA  1 
ATOM   532  C  C   . CYS A 1 65  ? -23.447 7.113   -5.106  1.00 69.41  ? 575 CYS C C   1 
ATOM   533  O  O   . CYS A 1 65  ? -24.386 7.126   -5.898  1.00 67.88  ? 575 CYS C O   1 
ATOM   534  C  CB  . CYS A 1 65  ? -21.579 6.976   -6.786  1.00 66.86  ? 575 CYS C CB  1 
ATOM   535  S  SG  . CYS A 1 65  ? -21.284 5.201   -6.659  1.00 76.82  ? 575 CYS C SG  1 
ATOM   536  N  N   . GLN A 1 66  ? -23.554 6.618   -3.879  1.00 67.90  ? 576 GLN C N   1 
ATOM   537  C  CA  . GLN A 1 66  ? -24.848 6.221   -3.336  1.00 65.79  ? 576 GLN C CA  1 
ATOM   538  C  C   . GLN A 1 66  ? -25.631 5.298   -4.281  1.00 66.37  ? 576 GLN C C   1 
ATOM   539  O  O   . GLN A 1 66  ? -26.779 5.567   -4.628  1.00 64.80  ? 576 GLN C O   1 
ATOM   540  C  CB  . GLN A 1 66  ? -25.676 7.468   -3.017  1.00 64.78  ? 576 GLN C CB  1 
ATOM   541  C  CG  . GLN A 1 66  ? -26.557 7.343   -1.788  1.00 69.16  ? 576 GLN C CG  1 
ATOM   542  C  CD  . GLN A 1 66  ? -25.775 7.417   -0.477  1.00 74.38  ? 576 GLN C CD  1 
ATOM   543  O  OE1 . GLN A 1 66  ? -24.737 8.084   -0.382  1.00 73.36  ? 576 GLN C OE1 1 
ATOM   544  N  NE2 . GLN A 1 66  ? -26.279 6.728   0.545   1.00 75.02  ? 576 GLN C NE2 1 
ATOM   545  N  N   . GLN A 1 67  ? -25.012 4.204   -4.700  1.00 67.00  ? 577 GLN C N   1 
ATOM   546  C  CA  . GLN A 1 67  ? -25.737 3.212   -5.486  1.00 66.82  ? 577 GLN C CA  1 
ATOM   547  C  C   . GLN A 1 67  ? -25.088 1.849   -5.443  1.00 59.85  ? 577 GLN C C   1 
ATOM   548  O  O   . GLN A 1 67  ? -23.945 1.698   -5.024  1.00 57.19  ? 577 GLN C O   1 
ATOM   549  C  CB  . GLN A 1 67  ? -25.898 3.666   -6.936  1.00 67.43  ? 577 GLN C CB  1 
ATOM   550  C  CG  . GLN A 1 67  ? -24.736 4.465   -7.473  1.00 70.99  ? 577 GLN C CG  1 
ATOM   551  C  CD  . GLN A 1 67  ? -25.045 5.059   -8.836  1.00 80.78  ? 577 GLN C CD  1 
ATOM   552  O  OE1 . GLN A 1 67  ? -24.955 4.373   -9.856  1.00 82.95  ? 577 GLN C OE1 1 
ATOM   553  N  NE2 . GLN A 1 67  ? -25.434 6.336   -8.861  1.00 82.31  ? 577 GLN C NE2 1 
ATOM   554  N  N   . PHE A 1 68  ? -25.839 0.846   -5.865  1.00 57.08  ? 578 PHE C N   1 
ATOM   555  C  CA  . PHE A 1 68  ? -25.266 -0.468  -5.987  1.00 55.27  ? 578 PHE C CA  1 
ATOM   556  C  C   . PHE A 1 68  ? -24.325 -0.440  -7.177  1.00 55.41  ? 578 PHE C C   1 
ATOM   557  O  O   . PHE A 1 68  ? -24.536 0.313   -8.117  1.00 61.13  ? 578 PHE C O   1 
ATOM   558  C  CB  . PHE A 1 68  ? -26.360 -1.515  -6.085  1.00 48.97  ? 578 PHE C CB  1 
ATOM   559  C  CG  . PHE A 1 68  ? -27.105 -1.694  -4.802  1.00 53.78  ? 578 PHE C CG  1 
ATOM   560  C  CD1 . PHE A 1 68  ? -28.249 -0.963  -4.546  1.00 53.95  ? 578 PHE C CD1 1 
ATOM   561  C  CD2 . PHE A 1 68  ? -26.630 -2.551  -3.822  1.00 56.33  ? 578 PHE C CD2 1 
ATOM   562  C  CE1 . PHE A 1 68  ? -28.938 -1.108  -3.352  1.00 52.15  ? 578 PHE C CE1 1 
ATOM   563  C  CE2 . PHE A 1 68  ? -27.316 -2.702  -2.621  1.00 57.34  ? 578 PHE C CE2 1 
ATOM   564  C  CZ  . PHE A 1 68  ? -28.478 -1.980  -2.391  1.00 51.89  ? 578 PHE C CZ  1 
ATOM   565  N  N   . ILE A 1 69  ? -23.253 -1.211  -7.097  1.00 53.11  ? 579 ILE C N   1 
ATOM   566  C  CA  . ILE A 1 69  ? -22.188 -1.148  -8.079  1.00 50.16  ? 579 ILE C CA  1 
ATOM   567  C  C   . ILE A 1 69  ? -21.484 -2.490  -8.139  1.00 51.04  ? 579 ILE C C   1 
ATOM   568  O  O   . ILE A 1 69  ? -21.764 -3.399  -7.356  1.00 51.66  ? 579 ILE C O   1 
ATOM   569  C  CB  . ILE A 1 69  ? -21.123 -0.129  -7.691  1.00 50.40  ? 579 ILE C CB  1 
ATOM   570  C  CG1 . ILE A 1 69  ? -20.546 -0.513  -6.329  1.00 56.21  ? 579 ILE C CG1 1 
ATOM   571  C  CG2 . ILE A 1 69  ? -21.692 1.280   -7.668  1.00 53.03  ? 579 ILE C CG2 1 
ATOM   572  C  CD1 . ILE A 1 69  ? -19.248 0.156   -6.011  1.00 58.15  ? 579 ILE C CD1 1 
ATOM   573  N  N   . ASN A 1 70  ? -20.563 -2.600  -9.083  1.00 49.84  ? 580 ASN C N   1 
ATOM   574  C  CA  . ASN A 1 70  ? -19.704 -3.766  -9.182  1.00 56.37  ? 580 ASN C CA  1 
ATOM   575  C  C   . ASN A 1 70  ? -18.280 -3.335  -8.903  1.00 54.12  ? 580 ASN C C   1 
ATOM   576  O  O   . ASN A 1 70  ? -17.646 -2.658  -9.717  1.00 56.92  ? 580 ASN C O   1 
ATOM   577  C  CB  . ASN A 1 70  ? -19.836 -4.422  -10.549 1.00 61.48  ? 580 ASN C CB  1 
ATOM   578  C  CG  . ASN A 1 70  ? -21.228 -4.968  -10.781 1.00 64.82  ? 580 ASN C CG  1 
ATOM   579  O  OD1 . ASN A 1 70  ? -21.974 -4.462  -11.618 1.00 65.57  ? 580 ASN C OD1 1 
ATOM   580  N  ND2 . ASN A 1 70  ? -21.592 -6.003  -10.024 1.00 69.93  ? 580 ASN C ND2 1 
ATOM   581  N  N   . PRO A 1 71  ? -17.784 -3.701  -7.719  1.00 53.85  ? 581 PRO C N   1 
ATOM   582  C  CA  . PRO A 1 71  ? -16.524 -3.167  -7.197  1.00 59.38  ? 581 PRO C CA  1 
ATOM   583  C  C   . PRO A 1 71  ? -15.298 -3.857  -7.790  1.00 61.13  ? 581 PRO C C   1 
ATOM   584  O  O   . PRO A 1 71  ? -15.393 -4.964  -8.324  1.00 57.68  ? 581 PRO C O   1 
ATOM   585  C  CB  . PRO A 1 71  ? -16.621 -3.476  -5.701  1.00 56.60  ? 581 PRO C CB  1 
ATOM   586  C  CG  . PRO A 1 71  ? -17.444 -4.744  -5.642  1.00 57.66  ? 581 PRO C CG  1 
ATOM   587  C  CD  . PRO A 1 71  ? -18.428 -4.645  -6.785  1.00 54.17  ? 581 PRO C CD  1 
ATOM   588  N  N   . GLN A 1 72  ? -14.156 -3.186  -7.702  1.00 67.55  ? 582 GLN C N   1 
ATOM   589  C  CA  . GLN A 1 72  ? -12.868 -3.821  -7.952  1.00 67.13  ? 582 GLN C CA  1 
ATOM   590  C  C   . GLN A 1 72  ? -12.245 -4.257  -6.630  1.00 57.34  ? 582 GLN C C   1 
ATOM   591  O  O   . GLN A 1 72  ? -12.557 -3.705  -5.580  1.00 58.96  ? 582 GLN C O   1 
ATOM   592  C  CB  . GLN A 1 72  ? -11.944 -2.844  -8.664  1.00 68.25  ? 582 GLN C CB  1 
ATOM   593  C  CG  . GLN A 1 72  ? -12.475 -2.429  -10.015 1.00 75.77  ? 582 GLN C CG  1 
ATOM   594  C  CD  . GLN A 1 72  ? -11.940 -1.082  -10.451 1.00 91.46  ? 582 GLN C CD  1 
ATOM   595  O  OE1 . GLN A 1 72  ? -12.146 -0.066  -9.769  1.00 85.85  ? 582 GLN C OE1 1 
ATOM   596  N  NE2 . GLN A 1 72  ? -11.246 -1.061  -11.593 1.00 96.49  ? 582 GLN C NE2 1 
ATOM   597  N  N   . VAL A 1 73  ? -11.384 -5.260  -6.677  1.00 54.88  ? 583 VAL C N   1 
ATOM   598  C  CA  . VAL A 1 73  ? -10.649 -5.654  -5.495  1.00 50.01  ? 583 VAL C CA  1 
ATOM   599  C  C   . VAL A 1 73  ? -9.264  -5.006  -5.506  1.00 50.09  ? 583 VAL C C   1 
ATOM   600  O  O   . VAL A 1 73  ? -8.443  -5.250  -6.387  1.00 52.84  ? 583 VAL C O   1 
ATOM   601  C  CB  . VAL A 1 73  ? -10.575 -7.181  -5.372  1.00 49.49  ? 583 VAL C CB  1 
ATOM   602  C  CG1 . VAL A 1 73  ? -9.646  -7.584  -4.233  1.00 49.39  ? 583 VAL C CG1 1 
ATOM   603  C  CG2 . VAL A 1 73  ? -11.966 -7.745  -5.135  1.00 46.13  ? 583 VAL C CG2 1 
ATOM   604  N  N   . HIS A 1 74  ? -9.026  -4.140  -4.535  1.00 49.39  ? 584 HIS C N   1 
ATOM   605  C  CA  . HIS A 1 74  ? -7.783  -3.398  -4.463  1.00 47.75  ? 584 HIS C CA  1 
ATOM   606  C  C   . HIS A 1 74  ? -6.913  -3.816  -3.282  1.00 47.32  ? 584 HIS C C   1 
ATOM   607  O  O   . HIS A 1 74  ? -7.403  -4.122  -2.198  1.00 46.03  ? 584 HIS C O   1 
ATOM   608  C  CB  . HIS A 1 74  ? -8.078  -1.906  -4.376  1.00 55.96  ? 584 HIS C CB  1 
ATOM   609  C  CG  . HIS A 1 74  ? -8.264  -1.252  -5.707  1.00 58.70  ? 584 HIS C CG  1 
ATOM   610  N  ND1 . HIS A 1 74  ? -8.301  -1.966  -6.885  1.00 60.48  ? 584 HIS C ND1 1 
ATOM   611  C  CD2 . HIS A 1 74  ? -8.396  0.050   -6.048  1.00 61.32  ? 584 HIS C CD2 1 
ATOM   612  C  CE1 . HIS A 1 74  ? -8.459  -1.131  -7.896  1.00 61.49  ? 584 HIS C CE1 1 
ATOM   613  N  NE2 . HIS A 1 74  ? -8.523  0.096   -7.416  1.00 63.32  ? 584 HIS C NE2 1 
ATOM   614  N  N   . LEU A 1 75  ? -5.610  -3.818  -3.519  1.00 49.80  ? 585 LEU C N   1 
ATOM   615  C  CA  . LEU A 1 75  ? -4.614  -4.112  -2.501  1.00 46.57  ? 585 LEU C CA  1 
ATOM   616  C  C   . LEU A 1 75  ? -4.337  -2.890  -1.637  1.00 48.53  ? 585 LEU C C   1 
ATOM   617  O  O   . LEU A 1 75  ? -4.109  -1.789  -2.142  1.00 49.21  ? 585 LEU C O   1 
ATOM   618  C  CB  . LEU A 1 75  ? -3.318  -4.557  -3.172  1.00 42.70  ? 585 LEU C CB  1 
ATOM   619  C  CG  . LEU A 1 75  ? -3.326  -6.048  -3.477  1.00 42.83  ? 585 LEU C CG  1 
ATOM   620  C  CD1 . LEU A 1 75  ? -2.101  -6.439  -4.245  1.00 44.05  ? 585 LEU C CD1 1 
ATOM   621  C  CD2 . LEU A 1 75  ? -3.424  -6.822  -2.168  1.00 45.63  ? 585 LEU C CD2 1 
ATOM   622  N  N   . MET A 1 76  ? -4.376  -3.082  -0.330  1.00 48.25  ? 586 MET C N   1 
ATOM   623  C  CA  . MET A 1 76  ? -3.837  -2.090  0.573   1.00 49.76  ? 586 MET C CA  1 
ATOM   624  C  C   . MET A 1 76  ? -2.912  -2.760  1.584   1.00 52.22  ? 586 MET C C   1 
ATOM   625  O  O   . MET A 1 76  ? -3.351  -3.551  2.427   1.00 48.69  ? 586 MET C O   1 
ATOM   626  C  CB  . MET A 1 76  ? -4.933  -1.318  1.281   1.00 50.91  ? 586 MET C CB  1 
ATOM   627  C  CG  . MET A 1 76  ? -4.393  -0.045  1.902   1.00 55.45  ? 586 MET C CG  1 
ATOM   628  S  SD  . MET A 1 76  ? -5.621  0.840   2.862   1.00 80.35  ? 586 MET C SD  1 
ATOM   629  C  CE  . MET A 1 76  ? -6.566  -0.537  3.526   1.00 65.10  ? 586 MET C CE  1 
ATOM   630  N  N   . LEU A 1 77  ? -1.626  -2.432  1.476   1.00 51.82  ? 587 LEU C N   1 
ATOM   631  C  CA  . LEU A 1 77  ? -0.571  -3.071  2.250   1.00 45.25  ? 587 LEU C CA  1 
ATOM   632  C  C   . LEU A 1 77  ? -0.002  -2.123  3.287   1.00 45.90  ? 587 LEU C C   1 
ATOM   633  O  O   . LEU A 1 77  ? 0.086   -0.921  3.051   1.00 45.06  ? 587 LEU C O   1 
ATOM   634  C  CB  . LEU A 1 77  ? 0.555   -3.507  1.318   1.00 42.08  ? 587 LEU C CB  1 
ATOM   635  C  CG  . LEU A 1 77  ? 0.129   -4.563  0.303   1.00 44.93  ? 587 LEU C CG  1 
ATOM   636  C  CD1 . LEU A 1 77  ? 1.323   -5.101  -0.460  1.00 42.94  ? 587 LEU C CD1 1 
ATOM   637  C  CD2 . LEU A 1 77  ? -0.606  -5.684  0.998   1.00 42.05  ? 587 LEU C CD2 1 
ATOM   638  N  N   . ARG A 1 78  ? 0.375   -2.678  4.436   1.00 43.77  ? 588 ARG C N   1 
ATOM   639  C  CA  . ARG A 1 78  ? 1.119   -1.935  5.444   1.00 41.76  ? 588 ARG C CA  1 
ATOM   640  C  C   . ARG A 1 78  ? 2.473   -2.584  5.664   1.00 40.86  ? 588 ARG C C   1 
ATOM   641  O  O   . ARG A 1 78  ? 2.569   -3.793  5.880   1.00 41.20  ? 588 ARG C O   1 
ATOM   642  C  CB  . ARG A 1 78  ? 0.357   -1.864  6.764   1.00 40.80  ? 588 ARG C CB  1 
ATOM   643  C  CG  . ARG A 1 78  ? 0.997   -0.926  7.765   1.00 44.68  ? 588 ARG C CG  1 
ATOM   644  C  CD  . ARG A 1 78  ? 0.089   -0.616  8.939   1.00 41.62  ? 588 ARG C CD  1 
ATOM   645  N  NE  . ARG A 1 78  ? 0.744   0.271   9.903   1.00 45.14  ? 588 ARG C NE  1 
ATOM   646  C  CZ  . ARG A 1 78  ? 0.561   1.587   9.948   1.00 49.48  ? 588 ARG C CZ  1 
ATOM   647  N  NH1 . ARG A 1 78  ? -0.279  2.163   9.084   1.00 37.02  ? 588 ARG C NH1 1 
ATOM   648  N  NH2 . ARG A 1 78  ? 1.201   2.323   10.866  1.00 43.18  ? 588 ARG C NH2 1 
ATOM   649  N  N   . ALA A 1 79  ? 3.524   -1.780  5.596   1.00 38.65  ? 589 ALA C N   1 
ATOM   650  C  CA  . ALA A 1 79  ? 4.875   -2.293  5.779   1.00 38.06  ? 589 ALA C CA  1 
ATOM   651  C  C   . ALA A 1 79  ? 5.804   -1.275  6.483   1.00 42.18  ? 589 ALA C C   1 
ATOM   652  O  O   . ALA A 1 79  ? 5.362   -0.194  6.908   1.00 39.29  ? 589 ALA C O   1 
ATOM   653  C  CB  . ALA A 1 79  ? 5.450   -2.727  4.425   1.00 37.56  ? 589 ALA C CB  1 
ATOM   654  N  N   . PHE A 1 80  ? 7.079   -1.638  6.644   1.00 42.02  ? 590 PHE C N   1 
ATOM   655  C  CA  . PHE A 1 80  ? 8.073   -0.707  7.189   1.00 42.61  ? 590 PHE C CA  1 
ATOM   656  C  C   . PHE A 1 80  ? 9.036   -0.321  6.088   1.00 40.52  ? 590 PHE C C   1 
ATOM   657  O  O   . PHE A 1 80  ? 9.433   -1.157  5.295   1.00 41.49  ? 590 PHE C O   1 
ATOM   658  C  CB  . PHE A 1 80  ? 8.869   -1.343  8.328   1.00 42.66  ? 590 PHE C CB  1 
ATOM   659  C  CG  . PHE A 1 80  ? 8.082   -1.533  9.596   1.00 43.69  ? 590 PHE C CG  1 
ATOM   660  C  CD1 . PHE A 1 80  ? 7.993   -2.774  10.192  1.00 45.71  ? 590 PHE C CD1 1 
ATOM   661  C  CD2 . PHE A 1 80  ? 7.463   -0.470  10.212  1.00 51.19  ? 590 PHE C CD2 1 
ATOM   662  C  CE1 . PHE A 1 80  ? 7.275   -2.957  11.352  1.00 43.98  ? 590 PHE C CE1 1 
ATOM   663  C  CE2 . PHE A 1 80  ? 6.741   -0.652  11.389  1.00 48.64  ? 590 PHE C CE2 1 
ATOM   664  C  CZ  . PHE A 1 80  ? 6.645   -1.899  11.946  1.00 42.74  ? 590 PHE C CZ  1 
ATOM   665  N  N   . VAL A 1 81  ? 9.394   0.950   6.020   1.00 40.11  ? 591 VAL C N   1 
ATOM   666  C  CA  . VAL A 1 81  ? 10.447  1.386   5.120   1.00 37.81  ? 591 VAL C CA  1 
ATOM   667  C  C   . VAL A 1 81  ? 11.634  1.775   5.980   1.00 42.41  ? 591 VAL C C   1 
ATOM   668  O  O   . VAL A 1 81  ? 11.485  2.415   7.023   1.00 40.70  ? 591 VAL C O   1 
ATOM   669  C  CB  . VAL A 1 81  ? 10.021  2.561   4.251   1.00 38.09  ? 591 VAL C CB  1 
ATOM   670  C  CG1 . VAL A 1 81  ? 11.222  3.103   3.458   1.00 35.33  ? 591 VAL C CG1 1 
ATOM   671  C  CG2 . VAL A 1 81  ? 8.894   2.128   3.300   1.00 39.73  ? 591 VAL C CG2 1 
ATOM   672  N  N   . GLN A 1 82  ? 12.815  1.392   5.524   1.00 43.12  ? 592 GLN C N   1 
ATOM   673  C  CA  . GLN A 1 82  ? 13.985  1.432   6.359   1.00 44.22  ? 592 GLN C CA  1 
ATOM   674  C  C   . GLN A 1 82  ? 15.203  1.850   5.559   1.00 46.34  ? 592 GLN C C   1 
ATOM   675  O  O   . GLN A 1 82  ? 15.591  1.168   4.618   1.00 52.56  ? 592 GLN C O   1 
ATOM   676  C  CB  . GLN A 1 82  ? 14.188  0.045   6.937   1.00 41.15  ? 592 GLN C CB  1 
ATOM   677  C  CG  . GLN A 1 82  ? 15.208  -0.034  8.018   1.00 54.18  ? 592 GLN C CG  1 
ATOM   678  C  CD  . GLN A 1 82  ? 15.212  -1.395  8.673   1.00 59.35  ? 592 GLN C CD  1 
ATOM   679  O  OE1 . GLN A 1 82  ? 15.382  -2.422  8.004   1.00 61.50  ? 592 GLN C OE1 1 
ATOM   680  N  NE2 . GLN A 1 82  ? 14.986  -1.416  9.983   1.00 51.75  ? 592 GLN C NE2 1 
ATOM   681  N  N   . ASP A 1 83  ? 15.797  2.983   5.909   1.00 48.03  ? 593 ASP C N   1 
ATOM   682  C  CA  . ASP A 1 83  ? 17.096  3.341   5.351   1.00 48.09  ? 593 ASP C CA  1 
ATOM   683  C  C   . ASP A 1 83  ? 18.169  3.279   6.438   1.00 48.91  ? 593 ASP C C   1 
ATOM   684  O  O   . ASP A 1 83  ? 17.914  2.791   7.545   1.00 53.08  ? 593 ASP C O   1 
ATOM   685  C  CB  . ASP A 1 83  ? 17.069  4.698   4.611   1.00 50.15  ? 593 ASP C CB  1 
ATOM   686  C  CG  . ASP A 1 83  ? 16.910  5.902   5.546   1.00 55.33  ? 593 ASP C CG  1 
ATOM   687  O  OD1 . ASP A 1 83  ? 17.183  5.779   6.763   1.00 52.91  ? 593 ASP C OD1 1 
ATOM   688  O  OD2 . ASP A 1 83  ? 16.525  6.988   5.043   1.00 52.26  ? 593 ASP C OD2 1 
ATOM   689  N  N   . SER A 1 84  ? 19.362  3.766   6.128   1.00 49.51  ? 594 SER C N   1 
ATOM   690  C  CA  . SER A 1 84  ? 20.508  3.611   7.020   1.00 52.75  ? 594 SER C CA  1 
ATOM   691  C  C   . SER A 1 84  ? 20.287  4.387   8.303   1.00 52.10  ? 594 SER C C   1 
ATOM   692  O  O   . SER A 1 84  ? 20.993  4.203   9.277   1.00 51.28  ? 594 SER C O   1 
ATOM   693  C  CB  . SER A 1 84  ? 21.739  4.172   6.338   1.00 52.36  ? 594 SER C CB  1 
ATOM   694  O  OG  . SER A 1 84  ? 21.587  5.573   6.163   1.00 57.71  ? 594 SER C OG  1 
ATOM   695  N  N   . THR A 1 85  ? 19.261  5.226   8.286   1.00 55.21  ? 595 THR C N   1 
ATOM   696  C  CA  . THR A 1 85  ? 19.096  6.313   9.229   1.00 50.68  ? 595 THR C CA  1 
ATOM   697  C  C   . THR A 1 85  ? 17.824  6.188   10.074  1.00 52.46  ? 595 THR C C   1 
ATOM   698  O  O   . THR A 1 85  ? 17.669  6.891   11.076  1.00 55.65  ? 595 THR C O   1 
ATOM   699  C  CB  . THR A 1 85  ? 19.009  7.626   8.412   1.00 58.51  ? 595 THR C CB  1 
ATOM   700  O  OG1 . THR A 1 85  ? 19.888  8.598   8.964   1.00 55.60  ? 595 THR C OG1 1 
ATOM   701  C  CG2 . THR A 1 85  ? 17.581  8.174   8.347   1.00 48.40  ? 595 THR C CG2 1 
ATOM   702  N  N   . GLY A 1 86  ? 16.905  5.308   9.670   1.00 49.27  ? 596 GLY C N   1 
ATOM   703  C  CA  . GLY A 1 86  ? 15.622  5.207   10.341  1.00 46.25  ? 596 GLY C CA  1 
ATOM   704  C  C   . GLY A 1 86  ? 14.655  4.197   9.761   1.00 50.30  ? 596 GLY C C   1 
ATOM   705  O  O   . GLY A 1 86  ? 14.931  3.591   8.729   1.00 48.54  ? 596 GLY C O   1 
ATOM   706  N  N   . THR A 1 87  ? 13.512  4.034   10.427  1.00 45.75  ? 597 THR C N   1 
ATOM   707  C  CA  . THR A 1 87  ? 12.496  3.067   10.036  1.00 42.25  ? 597 THR C CA  1 
ATOM   708  C  C   . THR A 1 87  ? 11.121  3.664   10.272  1.00 43.84  ? 597 THR C C   1 
ATOM   709  O  O   . THR A 1 87  ? 10.878  4.222   11.333  1.00 48.82  ? 597 THR C O   1 
ATOM   710  C  CB  . THR A 1 87  ? 12.571  1.806   10.911  1.00 42.62  ? 597 THR C CB  1 
ATOM   711  O  OG1 . THR A 1 87  ? 13.862  1.207   10.771  1.00 49.93  ? 597 THR C OG1 1 
ATOM   712  C  CG2 . THR A 1 87  ? 11.506  0.795   10.511  1.00 43.11  ? 597 THR C CG2 1 
ATOM   713  N  N   . ILE A 1 88  ? 10.218  3.527   9.304   1.00 40.61  ? 598 ILE C N   1 
ATOM   714  C  CA  . ILE A 1 88  ? 8.846   4.003   9.466   1.00 43.77  ? 598 ILE C CA  1 
ATOM   715  C  C   . ILE A 1 88  ? 7.776   3.068   8.892   1.00 44.09  ? 598 ILE C C   1 
ATOM   716  O  O   . ILE A 1 88  ? 7.983   2.408   7.884   1.00 40.00  ? 598 ILE C O   1 
ATOM   717  C  CB  . ILE A 1 88  ? 8.647   5.366   8.804   1.00 45.12  ? 598 ILE C CB  1 
ATOM   718  C  CG1 . ILE A 1 88  ? 9.126   5.310   7.363   1.00 40.73  ? 598 ILE C CG1 1 
ATOM   719  C  CG2 . ILE A 1 88  ? 9.375   6.440   9.569   1.00 45.42  ? 598 ILE C CG2 1 
ATOM   720  C  CD1 . ILE A 1 88  ? 8.893   6.587   6.621   1.00 44.36  ? 598 ILE C CD1 1 
ATOM   721  N  N   . PRO A 1 89  ? 6.608   3.036   9.536   1.00 44.00  ? 599 PRO C N   1 
ATOM   722  C  CA  . PRO A 1 89  ? 5.440   2.326   9.014   1.00 44.13  ? 599 PRO C CA  1 
ATOM   723  C  C   . PRO A 1 89  ? 4.807   3.125   7.863   1.00 45.18  ? 599 PRO C C   1 
ATOM   724  O  O   . PRO A 1 89  ? 4.621   4.340   7.994   1.00 41.56  ? 599 PRO C O   1 
ATOM   725  C  CB  . PRO A 1 89  ? 4.485   2.284   10.220  1.00 40.56  ? 599 PRO C CB  1 
ATOM   726  C  CG  . PRO A 1 89  ? 5.037   3.241   11.222  1.00 46.45  ? 599 PRO C CG  1 
ATOM   727  C  CD  . PRO A 1 89  ? 6.246   3.917   10.650  1.00 44.28  ? 599 PRO C CD  1 
ATOM   728  N  N   . VAL A 1 90  ? 4.499   2.460   6.748   1.00 43.92  ? 600 VAL C N   1 
ATOM   729  C  CA  . VAL A 1 90  ? 3.831   3.119   5.629   1.00 46.35  ? 600 VAL C CA  1 
ATOM   730  C  C   . VAL A 1 90  ? 2.644   2.309   5.137   1.00 47.79  ? 600 VAL C C   1 
ATOM   731  O  O   . VAL A 1 90  ? 2.565   1.096   5.362   1.00 45.37  ? 600 VAL C O   1 
ATOM   732  C  CB  . VAL A 1 90  ? 4.765   3.319   4.407   1.00 44.92  ? 600 VAL C CB  1 
ATOM   733  C  CG1 . VAL A 1 90  ? 5.866   4.298   4.725   1.00 43.37  ? 600 VAL C CG1 1 
ATOM   734  C  CG2 . VAL A 1 90  ? 5.320   1.988   3.938   1.00 41.14  ? 600 VAL C CG2 1 
ATOM   735  N  N   . MET A 1 91  ? 1.723   3.000   4.469   1.00 44.33  ? 601 MET C N   1 
ATOM   736  C  CA  . MET A 1 91  ? 0.617   2.368   3.775   1.00 41.18  ? 601 MET C CA  1 
ATOM   737  C  C   . MET A 1 91  ? 0.957   2.402   2.294   1.00 44.28  ? 601 MET C C   1 
ATOM   738  O  O   . MET A 1 91  ? 1.403   3.433   1.775   1.00 42.59  ? 601 MET C O   1 
ATOM   739  C  CB  . MET A 1 91  ? -0.685  3.138   4.019   1.00 45.87  ? 601 MET C CB  1 
ATOM   740  C  CG  . MET A 1 91  ? -1.264  3.020   5.428   1.00 44.78  ? 601 MET C CG  1 
ATOM   741  S  SD  . MET A 1 91  ? -1.506  1.315   6.002   1.00 58.21  ? 601 MET C SD  1 
ATOM   742  C  CE  . MET A 1 91  ? -2.620  0.667   4.735   1.00 46.07  ? 601 MET C CE  1 
ATOM   743  N  N   . ILE A 1 92  ? 0.776   1.268   1.625   1.00 44.03  ? 602 ILE C N   1 
ATOM   744  C  CA  . ILE A 1 92  ? 0.979   1.183   0.193   1.00 43.82  ? 602 ILE C CA  1 
ATOM   745  C  C   . ILE A 1 92  ? -0.342  0.801   -0.449  1.00 47.78  ? 602 ILE C C   1 
ATOM   746  O  O   . ILE A 1 92  ? -0.963  -0.196  -0.080  1.00 49.67  ? 602 ILE C O   1 
ATOM   747  C  CB  . ILE A 1 92  ? 2.014   0.121   -0.162  1.00 44.25  ? 602 ILE C CB  1 
ATOM   748  C  CG1 . ILE A 1 92  ? 3.299   0.338   0.653   1.00 42.16  ? 602 ILE C CG1 1 
ATOM   749  C  CG2 . ILE A 1 92  ? 2.291   0.143   -1.666  1.00 38.33  ? 602 ILE C CG2 1 
ATOM   750  C  CD1 . ILE A 1 92  ? 4.167   -0.905  0.786   1.00 34.70  ? 602 ILE C CD1 1 
ATOM   751  N  N   . PHE A 1 93  ? -0.779  1.602   -1.407  1.00 46.66  ? 603 PHE C N   1 
ATOM   752  C  CA  . PHE A 1 93  ? -2.078  1.393   -2.017  1.00 45.40  ? 603 PHE C CA  1 
ATOM   753  C  C   . PHE A 1 93  ? -1.977  0.606   -3.298  1.00 47.66  ? 603 PHE C C   1 
ATOM   754  O  O   . PHE A 1 93  ? -0.897  0.088   -3.644  1.00 44.98  ? 603 PHE C O   1 
ATOM   755  C  CB  . PHE A 1 93  ? -2.785  2.727   -2.211  1.00 48.36  ? 603 PHE C CB  1 
ATOM   756  C  CG  . PHE A 1 93  ? -3.067  3.416   -0.920  1.00 48.56  ? 603 PHE C CG  1 
ATOM   757  C  CD1 . PHE A 1 93  ? -2.172  4.351   -0.401  1.00 56.97  ? 603 PHE C CD1 1 
ATOM   758  C  CD2 . PHE A 1 93  ? -4.173  3.059   -0.168  1.00 54.39  ? 603 PHE C CD2 1 
ATOM   759  C  CE1 . PHE A 1 93  ? -2.408  4.964   0.832   1.00 51.29  ? 603 PHE C CE1 1 
ATOM   760  C  CE2 . PHE A 1 93  ? -4.414  3.656   1.068   1.00 57.75  ? 603 PHE C CE2 1 
ATOM   761  C  CZ  . PHE A 1 93  ? -3.535  4.612   1.563   1.00 53.71  ? 603 PHE C CZ  1 
ATOM   762  N  N   . ASP A 1 94  ? -3.095  0.510   -4.003  1.00 44.43  ? 604 ASP C N   1 
ATOM   763  C  CA  . ASP A 1 94  ? -3.217  -0.567  -4.964  1.00 47.15  ? 604 ASP C CA  1 
ATOM   764  C  C   . ASP A 1 94  ? -2.260  -0.471  -6.126  1.00 45.70  ? 604 ASP C C   1 
ATOM   765  O  O   . ASP A 1 94  ? -1.628  -1.469  -6.492  1.00 43.49  ? 604 ASP C O   1 
ATOM   766  C  CB  . ASP A 1 94  ? -4.642  -0.742  -5.472  1.00 49.47  ? 604 ASP C CB  1 
ATOM   767  C  CG  . ASP A 1 94  ? -4.733  -1.857  -6.475  1.00 49.00  ? 604 ASP C CG  1 
ATOM   768  O  OD1 . ASP A 1 94  ? -4.783  -3.031  -6.063  1.00 48.27  ? 604 ASP C OD1 1 
ATOM   769  O  OD2 . ASP A 1 94  ? -4.710  -1.564  -7.683  1.00 52.67  ? 604 ASP C OD2 1 
ATOM   770  N  N   . GLN A 1 95  ? -2.156  0.719   -6.706  1.00 43.52  ? 605 GLN C N   1 
ATOM   771  C  CA  . GLN A 1 95  ? -1.261  0.913   -7.829  1.00 43.62  ? 605 GLN C CA  1 
ATOM   772  C  C   . GLN A 1 95  ? 0.127   0.406   -7.450  1.00 45.62  ? 605 GLN C C   1 
ATOM   773  O  O   . GLN A 1 95  ? 0.741   -0.356  -8.190  1.00 44.25  ? 605 GLN C O   1 
ATOM   774  C  CB  . GLN A 1 95  ? -1.185  2.381   -8.183  1.00 48.80  ? 605 GLN C CB  1 
ATOM   775  C  CG  . GLN A 1 95  ? -0.352  2.659   -9.421  1.00 55.13  ? 605 GLN C CG  1 
ATOM   776  C  CD  . GLN A 1 95  ? -0.186  4.149   -9.674  1.00 60.04  ? 605 GLN C CD  1 
ATOM   777  O  OE1 . GLN A 1 95  ? -0.314  4.974   -8.754  1.00 69.44  ? 605 GLN C OE1 1 
ATOM   778  N  NE2 . GLN A 1 95  ? 0.105   4.504   -10.915 1.00 58.02  ? 605 GLN C NE2 1 
ATOM   779  N  N   . GLN A 1 96  ? 0.612   0.800   -6.276  1.00 44.78  ? 606 GLN C N   1 
ATOM   780  C  CA  . GLN A 1 96  ? 1.955   0.386   -5.871  1.00 43.69  ? 606 GLN C CA  1 
ATOM   781  C  C   . GLN A 1 96  ? 2.045   -1.034  -5.302  1.00 43.24  ? 606 GLN C C   1 
ATOM   782  O  O   . GLN A 1 96  ? 2.991   -1.756  -5.626  1.00 41.91  ? 606 GLN C O   1 
ATOM   783  C  CB  . GLN A 1 96  ? 2.594   1.403   -4.932  1.00 44.44  ? 606 GLN C CB  1 
ATOM   784  C  CG  . GLN A 1 96  ? 2.992   2.676   -5.631  1.00 44.08  ? 606 GLN C CG  1 
ATOM   785  C  CD  . GLN A 1 96  ? 1.795   3.467   -6.121  1.00 50.51  ? 606 GLN C CD  1 
ATOM   786  O  OE1 . GLN A 1 96  ? 0.773   3.577   -5.429  1.00 49.38  ? 606 GLN C OE1 1 
ATOM   787  N  NE2 . GLN A 1 96  ? 1.910   4.023   -7.324  1.00 46.78  ? 606 GLN C NE2 1 
ATOM   788  N  N   . SER A 1 97  ? 1.076   -1.446  -4.478  1.00 39.03  ? 607 SER C N   1 
ATOM   789  C  CA  . SER A 1 97  ? 1.030   -2.844  -4.018  1.00 39.49  ? 607 SER C CA  1 
ATOM   790  C  C   . SER A 1 97  ? 1.017   -3.812  -5.206  1.00 42.37  ? 607 SER C C   1 
ATOM   791  O  O   . SER A 1 97  ? 1.847   -4.719  -5.306  1.00 42.08  ? 607 SER C O   1 
ATOM   792  C  CB  . SER A 1 97  ? -0.213  -3.097  -3.182  1.00 43.12  ? 607 SER C CB  1 
ATOM   793  O  OG  . SER A 1 97  ? -0.347  -2.135  -2.144  1.00 46.89  ? 607 SER C OG  1 
ATOM   794  N  N   . SER A 1 98  ? 0.083   -3.586  -6.122  1.00 39.27  ? 608 SER C N   1 
ATOM   795  C  CA  . SER A 1 98  ? -0.061  -4.427  -7.305  1.00 43.16  ? 608 SER C CA  1 
ATOM   796  C  C   . SER A 1 98  ? 1.219   -4.467  -8.112  1.00 42.71  ? 608 SER C C   1 
ATOM   797  O  O   . SER A 1 98  ? 1.581   -5.502  -8.674  1.00 39.69  ? 608 SER C O   1 
ATOM   798  C  CB  . SER A 1 98  ? -1.204  -3.924  -8.200  1.00 41.00  ? 608 SER C CB  1 
ATOM   799  O  OG  . SER A 1 98  ? -2.410  -3.829  -7.471  1.00 41.83  ? 608 SER C OG  1 
ATOM   800  N  N   . GLN A 1 99  ? 1.894   -3.326  -8.177  1.00 40.99  ? 609 GLN C N   1 
ATOM   801  C  CA  . GLN A 1 99  ? 3.125   -3.218  -8.931  1.00 41.32  ? 609 GLN C CA  1 
ATOM   802  C  C   . GLN A 1 99  ? 4.181   -4.129  -8.296  1.00 46.18  ? 609 GLN C C   1 
ATOM   803  O  O   . GLN A 1 99  ? 4.984   -4.758  -8.992  1.00 50.05  ? 609 GLN C O   1 
ATOM   804  C  CB  . GLN A 1 99  ? 3.571   -1.747  -8.989  1.00 41.07  ? 609 GLN C CB  1 
ATOM   805  C  CG  . GLN A 1 99  ? 4.916   -1.533  -9.650  1.00 49.21  ? 609 GLN C CG  1 
ATOM   806  C  CD  . GLN A 1 99  ? 5.570   -0.195  -9.285  1.00 53.63  ? 609 GLN C CD  1 
ATOM   807  O  OE1 . GLN A 1 99  ? 4.886   0.818   -9.085  1.00 47.82  ? 609 GLN C OE1 1 
ATOM   808  N  NE2 . GLN A 1 99  ? 6.908   -0.195  -9.189  1.00 44.80  ? 609 GLN C NE2 1 
ATOM   809  N  N   . LEU A 1 100 ? 4.159   -4.230  -6.971  1.00 44.62  ? 610 LEU C N   1 
ATOM   810  C  CA  . LEU A 1 100 ? 5.136   -5.062  -6.270  1.00 48.50  ? 610 LEU C CA  1 
ATOM   811  C  C   . LEU A 1 100 ? 4.868   -6.533  -6.520  1.00 47.46  ? 610 LEU C C   1 
ATOM   812  O  O   . LEU A 1 100 ? 5.788   -7.291  -6.850  1.00 49.47  ? 610 LEU C O   1 
ATOM   813  C  CB  . LEU A 1 100 ? 5.131   -4.787  -4.758  1.00 42.36  ? 610 LEU C CB  1 
ATOM   814  C  CG  . LEU A 1 100 ? 5.611   -3.412  -4.295  1.00 44.38  ? 610 LEU C CG  1 
ATOM   815  C  CD1 . LEU A 1 100 ? 5.196   -3.175  -2.849  1.00 43.53  ? 610 LEU C CD1 1 
ATOM   816  C  CD2 . LEU A 1 100 ? 7.118   -3.275  -4.469  1.00 45.90  ? 610 LEU C CD2 1 
ATOM   817  N  N   . ILE A 1 101 ? 3.615   -6.939  -6.314  1.00 43.05  ? 611 ILE C N   1 
ATOM   818  C  CA  . ILE A 1 101 ? 3.192   -8.310  -6.595  1.00 48.87  ? 611 ILE C CA  1 
ATOM   819  C  C   . ILE A 1 101 ? 3.628   -8.710  -8.002  1.00 48.25  ? 611 ILE C C   1 
ATOM   820  O  O   . ILE A 1 101 ? 4.257   -9.741  -8.200  1.00 46.79  ? 611 ILE C O   1 
ATOM   821  C  CB  . ILE A 1 101 ? 1.653   -8.442  -6.550  1.00 52.27  ? 611 ILE C CB  1 
ATOM   822  C  CG1 . ILE A 1 101 ? 1.108   -8.058  -5.161  1.00 46.09  ? 611 ILE C CG1 1 
ATOM   823  C  CG2 . ILE A 1 101 ? 1.217   -9.840  -6.993  1.00 38.79  ? 611 ILE C CG2 1 
ATOM   824  C  CD1 . ILE A 1 101 ? 1.645   -8.900  -4.052  1.00 46.67  ? 611 ILE C CD1 1 
ATOM   825  N  N   . ASN A 1 102 ? 3.295   -7.864  -8.970  1.00 44.86  ? 612 ASN C N   1 
ATOM   826  C  CA  . ASN A 1 102 ? 3.608   -8.126  -10.359 1.00 46.11  ? 612 ASN C CA  1 
ATOM   827  C  C   . ASN A 1 102 ? 5.085   -8.209  -10.615 1.00 52.13  ? 612 ASN C C   1 
ATOM   828  O  O   . ASN A 1 102 ? 5.521   -8.852  -11.563 1.00 55.16  ? 612 ASN C O   1 
ATOM   829  C  CB  . ASN A 1 102 ? 3.025   -7.046  -11.259 1.00 47.75  ? 612 ASN C CB  1 
ATOM   830  C  CG  . ASN A 1 102 ? 3.585   -7.111  -12.668 1.00 53.36  ? 612 ASN C CG  1 
ATOM   831  O  OD1 . ASN A 1 102 ? 4.298   -6.208  -13.097 1.00 57.51  ? 612 ASN C OD1 1 
ATOM   832  N  ND2 . ASN A 1 102 ? 3.283   -8.196  -13.387 1.00 47.13  ? 612 ASN C ND2 1 
ATOM   833  N  N   . GLN A 1 103 ? 5.862   -7.545  -9.773  1.00 56.26  ? 613 GLN C N   1 
ATOM   834  C  CA  . GLN A 1 103 ? 7.292   -7.491  -9.989  1.00 52.92  ? 613 GLN C CA  1 
ATOM   835  C  C   . GLN A 1 103 ? 7.954   -8.746  -9.439  1.00 55.13  ? 613 GLN C C   1 
ATOM   836  O  O   . GLN A 1 103 ? 9.014   -9.149  -9.901  1.00 56.08  ? 613 GLN C O   1 
ATOM   837  C  CB  . GLN A 1 103 ? 7.856   -6.238  -9.340  1.00 61.03  ? 613 GLN C CB  1 
ATOM   838  C  CG  . GLN A 1 103 ? 9.348   -6.055  -9.518  1.00 68.65  ? 613 GLN C CG  1 
ATOM   839  C  CD  . GLN A 1 103 ? 9.992   -5.501  -8.266  1.00 74.38  ? 613 GLN C CD  1 
ATOM   840  O  OE1 . GLN A 1 103 ? 10.744  -6.197  -7.578  1.00 74.80  ? 613 GLN C OE1 1 
ATOM   841  N  NE2 . GLN A 1 103 ? 9.694   -4.239  -7.957  1.00 73.00  ? 613 GLN C NE2 1 
ATOM   842  N  N   . ILE A 1 104 ? 7.322   -9.373  -8.457  1.00 53.20  ? 614 ILE C N   1 
ATOM   843  C  CA  . ILE A 1 104 ? 7.805   -10.662 -7.976  1.00 51.62  ? 614 ILE C CA  1 
ATOM   844  C  C   . ILE A 1 104 ? 7.218   -11.828 -8.755  1.00 57.18  ? 614 ILE C C   1 
ATOM   845  O  O   . ILE A 1 104 ? 7.873   -12.848 -8.945  1.00 62.21  ? 614 ILE C O   1 
ATOM   846  C  CB  . ILE A 1 104 ? 7.494   -10.866 -6.505  1.00 51.95  ? 614 ILE C CB  1 
ATOM   847  C  CG1 . ILE A 1 104 ? 8.315   -9.876  -5.675  1.00 53.97  ? 614 ILE C CG1 1 
ATOM   848  C  CG2 . ILE A 1 104 ? 7.778   -12.311 -6.126  1.00 52.76  ? 614 ILE C CG2 1 
ATOM   849  C  CD1 . ILE A 1 104 ? 9.085   -10.504 -4.544  1.00 58.76  ? 614 ILE C CD1 1 
ATOM   850  N  N   . ASP A 1 105 ? 5.977   -11.676 -9.202  1.00 57.46  ? 615 ASP C N   1 
ATOM   851  C  CA  . ASP A 1 105 ? 5.323   -12.688 -10.020 1.00 54.03  ? 615 ASP C CA  1 
ATOM   852  C  C   . ASP A 1 105 ? 4.664   -12.037 -11.226 1.00 51.37  ? 615 ASP C C   1 
ATOM   853  O  O   . ASP A 1 105 ? 3.514   -11.622 -11.153 1.00 48.44  ? 615 ASP C O   1 
ATOM   854  C  CB  . ASP A 1 105 ? 4.273   -13.420 -9.199  1.00 50.70  ? 615 ASP C CB  1 
ATOM   855  C  CG  . ASP A 1 105 ? 3.777   -14.664 -9.879  1.00 52.96  ? 615 ASP C CG  1 
ATOM   856  O  OD1 . ASP A 1 105 ? 4.028   -14.823 -11.101 1.00 56.02  ? 615 ASP C OD1 1 
ATOM   857  O  OD2 . ASP A 1 105 ? 3.137   -15.482 -9.190  1.00 54.24  ? 615 ASP C OD2 1 
ATOM   858  N  N   . PRO A 1 106 ? 5.399   -11.939 -12.339 1.00 53.97  ? 616 PRO C N   1 
ATOM   859  C  CA  . PRO A 1 106 ? 4.940   -11.190 -13.518 1.00 50.97  ? 616 PRO C CA  1 
ATOM   860  C  C   . PRO A 1 106 ? 3.838   -11.900 -14.296 1.00 52.34  ? 616 PRO C C   1 
ATOM   861  O  O   . PRO A 1 106 ? 3.276   -11.340 -15.249 1.00 55.94  ? 616 PRO C O   1 
ATOM   862  C  CB  . PRO A 1 106 ? 6.210   -11.021 -14.361 1.00 50.28  ? 616 PRO C CB  1 
ATOM   863  C  CG  . PRO A 1 106 ? 7.136   -12.079 -13.892 1.00 55.51  ? 616 PRO C CG  1 
ATOM   864  C  CD  . PRO A 1 106 ? 6.786   -12.417 -12.468 1.00 52.58  ? 616 PRO C CD  1 
ATOM   865  N  N   . SER A 1 107 ? 3.513   -13.116 -13.874 1.00 50.13  ? 617 SER C N   1 
ATOM   866  C  CA  . SER A 1 107 ? 2.330   -13.781 -14.394 1.00 52.25  ? 617 SER C CA  1 
ATOM   867  C  C   . SER A 1 107 ? 1.076   -13.053 -13.923 1.00 52.38  ? 617 SER C C   1 
ATOM   868  O  O   . SER A 1 107 ? 0.041   -13.086 -14.583 1.00 50.81  ? 617 SER C O   1 
ATOM   869  C  CB  . SER A 1 107 ? 2.307   -15.248 -13.972 1.00 51.66  ? 617 SER C CB  1 
ATOM   870  O  OG  . SER A 1 107 ? 3.219   -16.006 -14.762 1.00 58.18  ? 617 SER C OG  1 
ATOM   871  N  N   . ILE A 1 108 ? 1.183   -12.376 -12.781 1.00 50.47  ? 618 ILE C N   1 
ATOM   872  C  CA  . ILE A 1 108 ? 0.063   -11.644 -12.220 1.00 44.85  ? 618 ILE C CA  1 
ATOM   873  C  C   . ILE A 1 108 ? 0.071   -10.180 -12.639 1.00 46.26  ? 618 ILE C C   1 
ATOM   874  O  O   . ILE A 1 108 ? 0.957   -9.417  -12.275 1.00 50.26  ? 618 ILE C O   1 
ATOM   875  C  CB  . ILE A 1 108 ? 0.016   -11.797 -10.697 1.00 46.99  ? 618 ILE C CB  1 
ATOM   876  C  CG1 . ILE A 1 108 ? -0.150  -13.274 -10.357 1.00 42.13  ? 618 ILE C CG1 1 
ATOM   877  C  CG2 . ILE A 1 108 ? -1.124  -10.966 -10.086 1.00 41.64  ? 618 ILE C CG2 1 
ATOM   878  C  CD1 . ILE A 1 108 ? 0.679   -13.682 -9.221  1.00 51.86  ? 618 ILE C CD1 1 
ATOM   879  N  N   . HIS A 1 109 ? -0.926  -9.811  -13.427 1.00 46.58  ? 619 HIS C N   1 
ATOM   880  C  CA  . HIS A 1 109 ? -1.047  -8.470  -13.938 1.00 46.90  ? 619 HIS C CA  1 
ATOM   881  C  C   . HIS A 1 109 ? -1.500  -7.525  -12.843 1.00 47.67  ? 619 HIS C C   1 
ATOM   882  O  O   . HIS A 1 109 ? -2.267  -7.892  -11.945 1.00 41.93  ? 619 HIS C O   1 
ATOM   883  C  CB  . HIS A 1 109 ? -2.057  -8.434  -15.081 1.00 44.67  ? 619 HIS C CB  1 
ATOM   884  C  CG  . HIS A 1 109 ? -1.616  -9.179  -16.297 1.00 52.11  ? 619 HIS C CG  1 
ATOM   885  N  ND1 . HIS A 1 109 ? -0.361  -9.739  -16.412 1.00 54.52  ? 619 HIS C ND1 1 
ATOM   886  C  CD2 . HIS A 1 109 ? -2.265  -9.466  -17.453 1.00 48.36  ? 619 HIS C CD2 1 
ATOM   887  C  CE1 . HIS A 1 109 ? -0.255  -10.344 -17.584 1.00 55.72  ? 619 HIS C CE1 1 
ATOM   888  N  NE2 . HIS A 1 109 ? -1.398  -10.196 -18.232 1.00 49.92  ? 619 HIS C NE2 1 
ATOM   889  N  N   . VAL A 1 110 ? -1.043  -6.292  -12.949 1.00 45.00  ? 620 VAL C N   1 
ATOM   890  C  CA  . VAL A 1 110 ? -1.365  -5.283  -11.979 1.00 47.22  ? 620 VAL C CA  1 
ATOM   891  C  C   . VAL A 1 110 ? -2.866  -5.223  -11.746 1.00 48.58  ? 620 VAL C C   1 
ATOM   892  O  O   . VAL A 1 110 ? -3.338  -5.104  -10.612 1.00 49.13  ? 620 VAL C O   1 
ATOM   893  C  CB  . VAL A 1 110 ? -0.842  -3.939  -12.479 1.00 51.05  ? 620 VAL C CB  1 
ATOM   894  C  CG1 . VAL A 1 110 ? -1.163  -2.822  -11.476 1.00 60.03  ? 620 VAL C CG1 1 
ATOM   895  C  CG2 . VAL A 1 110 ? 0.660   -4.057  -12.681 1.00 48.14  ? 620 VAL C CG2 1 
ATOM   896  N  N   . GLN A 1 111 ? -3.613  -5.325  -12.828 1.00 47.37  ? 621 GLN C N   1 
ATOM   897  C  CA  . GLN A 1 111 ? -5.055  -5.146  -12.791 1.00 50.36  ? 621 GLN C CA  1 
ATOM   898  C  C   . GLN A 1 111 ? -5.707  -6.147  -11.852 1.00 45.82  ? 621 GLN C C   1 
ATOM   899  O  O   . GLN A 1 111 ? -6.683  -5.828  -11.171 1.00 48.47  ? 621 GLN C O   1 
ATOM   900  C  CB  . GLN A 1 111 ? -5.628  -5.310  -14.210 1.00 54.14  ? 621 GLN C CB  1 
ATOM   901  C  CG  . GLN A 1 111 ? -5.207  -4.200  -15.200 1.00 67.66  ? 621 GLN C CG  1 
ATOM   902  C  CD  . GLN A 1 111 ? -5.727  -4.416  -16.633 1.00 65.07  ? 621 GLN C CD  1 
ATOM   903  O  OE1 . GLN A 1 111 ? -6.000  -5.541  -17.048 1.00 65.51  ? 621 GLN C OE1 1 
ATOM   904  N  NE2 . GLN A 1 111 ? -5.869  -3.325  -17.384 1.00 65.26  ? 621 GLN C NE2 1 
ATOM   905  N  N   . GLU A 1 112 ? -5.152  -7.354  -11.810 1.00 39.67  ? 622 GLU C N   1 
ATOM   906  C  CA  . GLU A 1 112 ? -5.785  -8.472  -11.126 1.00 43.37  ? 622 GLU C CA  1 
ATOM   907  C  C   . GLU A 1 112 ? -5.108  -8.853  -9.787  1.00 39.81  ? 622 GLU C C   1 
ATOM   908  O  O   . GLU A 1 112 ? -5.484  -9.844  -9.153  1.00 41.20  ? 622 GLU C O   1 
ATOM   909  C  CB  . GLU A 1 112 ? -5.813  -9.677  -12.073 1.00 37.66  ? 622 GLU C CB  1 
ATOM   910  C  CG  . GLU A 1 112 ? -4.418  -10.187 -12.425 1.00 42.07  ? 622 GLU C CG  1 
ATOM   911  C  CD  . GLU A 1 112 ? -4.364  -11.069 -13.681 1.00 49.85  ? 622 GLU C CD  1 
ATOM   912  O  OE1 . GLU A 1 112 ? -3.278  -11.638 -13.942 1.00 51.92  ? 622 GLU C OE1 1 
ATOM   913  O  OE2 . GLU A 1 112 ? -5.378  -11.190 -14.411 1.00 47.93  ? 622 GLU C OE2 1 
ATOM   914  N  N   . ALA A 1 113 ? -4.131  -8.063  -9.361  1.00 38.55  ? 623 ALA C N   1 
ATOM   915  C  CA  . ALA A 1 113 ? -3.309  -8.397  -8.196  1.00 41.91  ? 623 ALA C CA  1 
ATOM   916  C  C   . ALA A 1 113 ? -4.139  -8.557  -6.926  1.00 38.82  ? 623 ALA C C   1 
ATOM   917  O  O   . ALA A 1 113 ? -3.987  -9.535  -6.213  1.00 36.50  ? 623 ALA C O   1 
ATOM   918  C  CB  . ALA A 1 113 ? -2.207  -7.351  -7.999  1.00 39.67  ? 623 ALA C CB  1 
ATOM   919  N  N   . GLY A 1 114 ? -5.026  -7.600  -6.664  1.00 43.75  ? 624 GLY C N   1 
ATOM   920  C  CA  . GLY A 1 114 ? -5.934  -7.675  -5.532  1.00 37.18  ? 624 GLY C CA  1 
ATOM   921  C  C   . GLY A 1 114 ? -6.743  -8.956  -5.528  1.00 40.93  ? 624 GLY C C   1 
ATOM   922  O  O   . GLY A 1 114 ? -6.807  -9.653  -4.517  1.00 43.86  ? 624 GLY C O   1 
ATOM   923  N  N   . GLN A 1 115 ? -7.359  -9.271  -6.662  1.00 43.62  ? 625 GLN C N   1 
ATOM   924  C  CA  . GLN A 1 115 ? -8.214  -10.452 -6.783  1.00 41.43  ? 625 GLN C CA  1 
ATOM   925  C  C   . GLN A 1 115 ? -7.396  -11.697 -6.579  1.00 39.30  ? 625 GLN C C   1 
ATOM   926  O  O   . GLN A 1 115 ? -7.846  -12.641 -5.948  1.00 40.08  ? 625 GLN C O   1 
ATOM   927  C  CB  . GLN A 1 115 ? -8.853  -10.524 -8.176  1.00 41.60  ? 625 GLN C CB  1 
ATOM   928  C  CG  . GLN A 1 115 ? -10.266 -10.017 -8.244  1.00 48.44  ? 625 GLN C CG  1 
ATOM   929  C  CD  . GLN A 1 115 ? -11.258 -10.958 -7.597  1.00 53.75  ? 625 GLN C CD  1 
ATOM   930  O  OE1 . GLN A 1 115 ? -12.301 -10.535 -7.103  1.00 57.32  ? 625 GLN C OE1 1 
ATOM   931  N  NE2 . GLN A 1 115 ? -10.945 -12.248 -7.610  1.00 53.08  ? 625 GLN C NE2 1 
ATOM   932  N  N   . TYR A 1 116 ? -6.207  -11.715 -7.168  1.00 34.72  ? 626 TYR C N   1 
ATOM   933  C  CA  . TYR A 1 116 ? -5.314  -12.837 -6.991  1.00 39.03  ? 626 TYR C CA  1 
ATOM   934  C  C   . TYR A 1 116 ? -5.072  -13.061 -5.506  1.00 44.30  ? 626 TYR C C   1 
ATOM   935  O  O   . TYR A 1 116 ? -5.109  -14.188 -5.025  1.00 43.56  ? 626 TYR C O   1 
ATOM   936  C  CB  . TYR A 1 116 ? -3.980  -12.571 -7.685  1.00 37.02  ? 626 TYR C CB  1 
ATOM   937  C  CG  . TYR A 1 116 ? -2.973  -13.656 -7.477  1.00 39.67  ? 626 TYR C CG  1 
ATOM   938  C  CD1 . TYR A 1 116 ? -1.823  -13.430 -6.713  1.00 43.06  ? 626 TYR C CD1 1 
ATOM   939  C  CD2 . TYR A 1 116 ? -3.172  -14.919 -8.021  1.00 40.33  ? 626 TYR C CD2 1 
ATOM   940  C  CE1 . TYR A 1 116 ? -0.886  -14.438 -6.499  1.00 39.55  ? 626 TYR C CE1 1 
ATOM   941  C  CE2 . TYR A 1 116 ? -2.250  -15.941 -7.822  1.00 43.35  ? 626 TYR C CE2 1 
ATOM   942  C  CZ  . TYR A 1 116 ? -1.107  -15.695 -7.054  1.00 51.21  ? 626 TYR C CZ  1 
ATOM   943  O  OH  . TYR A 1 116 ? -0.172  -16.697 -6.863  1.00 52.87  ? 626 TYR C OH  1 
ATOM   944  N  N   . VAL A 1 117 ? -4.817  -11.984 -4.771  1.00 42.52  ? 627 VAL C N   1 
ATOM   945  C  CA  . VAL A 1 117 ? -4.488  -12.145 -3.366  1.00 47.74  ? 627 VAL C CA  1 
ATOM   946  C  C   . VAL A 1 117 ? -5.709  -12.684 -2.627  1.00 46.72  ? 627 VAL C C   1 
ATOM   947  O  O   . VAL A 1 117 ? -5.615  -13.646 -1.869  1.00 47.94  ? 627 VAL C O   1 
ATOM   948  C  CB  . VAL A 1 117 ? -3.950  -10.829 -2.747  1.00 44.21  ? 627 VAL C CB  1 
ATOM   949  C  CG1 . VAL A 1 117 ? -4.066  -10.864 -1.246  1.00 41.26  ? 627 VAL C CG1 1 
ATOM   950  C  CG2 . VAL A 1 117 ? -2.517  -10.603 -3.188  1.00 36.86  ? 627 VAL C CG2 1 
ATOM   951  N  N   . LYS A 1 118 ? -6.854  -12.075 -2.892  1.00 40.80  ? 628 LYS C N   1 
ATOM   952  C  CA  . LYS A 1 118 ? -8.104  -12.481 -2.280  1.00 45.20  ? 628 LYS C CA  1 
ATOM   953  C  C   . LYS A 1 118 ? -8.436  -13.945 -2.544  1.00 48.47  ? 628 LYS C C   1 
ATOM   954  O  O   . LYS A 1 118 ? -8.759  -14.688 -1.613  1.00 49.63  ? 628 LYS C O   1 
ATOM   955  C  CB  . LYS A 1 118 ? -9.234  -11.586 -2.779  1.00 46.38  ? 628 LYS C CB  1 
ATOM   956  C  CG  . LYS A 1 118 ? -10.601 -11.914 -2.231  1.00 50.46  ? 628 LYS C CG  1 
ATOM   957  C  CD  . LYS A 1 118 ? -11.618 -10.927 -2.790  1.00 51.46  ? 628 LYS C CD  1 
ATOM   958  C  CE  . LYS A 1 118 ? -12.933 -10.978 -2.040  1.00 60.01  ? 628 LYS C CE  1 
ATOM   959  N  NZ  . LYS A 1 118 ? -13.528 -12.341 -2.117  1.00 61.98  ? 628 LYS C NZ  1 
ATOM   960  N  N   . ASN A 1 119 ? -8.375  -14.361 -3.808  1.00 44.17  ? 629 ASN C N   1 
ATOM   961  C  CA  . ASN A 1 119 ? -8.693  -15.745 -4.153  1.00 45.07  ? 629 ASN C CA  1 
ATOM   962  C  C   . ASN A 1 119 ? -7.764  -16.767 -3.499  1.00 48.65  ? 629 ASN C C   1 
ATOM   963  O  O   . ASN A 1 119 ? -8.185  -17.876 -3.183  1.00 48.07  ? 629 ASN C O   1 
ATOM   964  C  CB  . ASN A 1 119 ? -8.718  -15.937 -5.662  1.00 41.65  ? 629 ASN C CB  1 
ATOM   965  C  CG  . ASN A 1 119 ? -9.840  -15.146 -6.319  1.00 44.53  ? 629 ASN C CG  1 
ATOM   966  O  OD1 . ASN A 1 119 ? -9.629  -14.450 -7.311  1.00 45.92  ? 629 ASN C OD1 1 
ATOM   967  N  ND2 . ASN A 1 119 ? -11.035 -15.236 -5.755  1.00 42.83  ? 629 ASN C ND2 1 
ATOM   968  N  N   . CYS A 1 120 ? -6.510  -16.387 -3.288  1.00 44.19  ? 630 CYS C N   1 
ATOM   969  C  CA  . CYS A 1 120 ? -5.541  -17.272 -2.655  1.00 50.96  ? 630 CYS C CA  1 
ATOM   970  C  C   . CYS A 1 120 ? -5.804  -17.383 -1.161  1.00 49.40  ? 630 CYS C C   1 
ATOM   971  O  O   . CYS A 1 120 ? -5.799  -18.464 -0.580  1.00 47.79  ? 630 CYS C O   1 
ATOM   972  C  CB  . CYS A 1 120 ? -4.124  -16.740 -2.875  1.00 47.05  ? 630 CYS C CB  1 
ATOM   973  S  SG  . CYS A 1 120 ? -3.516  -16.982 -4.555  1.00 50.58  ? 630 CYS C SG  1 
ATOM   974  N  N   . ILE A 1 121 ? -6.032  -16.240 -0.545  1.00 51.33  ? 631 ILE C N   1 
ATOM   975  C  CA  . ILE A 1 121 ? -6.164  -16.168 0.888   1.00 48.14  ? 631 ILE C CA  1 
ATOM   976  C  C   . ILE A 1 121 ? -7.437  -16.841 1.361   1.00 53.45  ? 631 ILE C C   1 
ATOM   977  O  O   . ILE A 1 121 ? -7.455  -17.478 2.418   1.00 55.93  ? 631 ILE C O   1 
ATOM   978  C  CB  . ILE A 1 121 ? -6.143  -14.712 1.335   1.00 48.89  ? 631 ILE C CB  1 
ATOM   979  C  CG1 . ILE A 1 121 ? -4.691  -14.243 1.417   1.00 48.84  ? 631 ILE C CG1 1 
ATOM   980  C  CG2 . ILE A 1 121 ? -6.841  -14.551 2.678   1.00 50.76  ? 631 ILE C CG2 1 
ATOM   981  C  CD1 . ILE A 1 121 ? -4.559  -12.813 1.809   1.00 50.69  ? 631 ILE C CD1 1 
ATOM   982  N  N   . GLU A 1 122 ? -8.491  -16.722 0.560   1.00 51.96  ? 632 GLU C N   1 
ATOM   983  C  CA  . GLU A 1 122 ? -9.798  -17.226 0.941   1.00 50.60  ? 632 GLU C CA  1 
ATOM   984  C  C   . GLU A 1 122 ? -10.006 -18.668 0.520   1.00 53.60  ? 632 GLU C C   1 
ATOM   985  O  O   . GLU A 1 122 ? -11.070 -19.231 0.743   1.00 57.73  ? 632 GLU C O   1 
ATOM   986  C  CB  . GLU A 1 122 ? -10.900 -16.363 0.338   1.00 51.43  ? 632 GLU C CB  1 
ATOM   987  C  CG  . GLU A 1 122 ? -11.050 -15.019 1.013   1.00 55.92  ? 632 GLU C CG  1 
ATOM   988  C  CD  . GLU A 1 122 ? -12.122 -14.152 0.366   1.00 65.17  ? 632 GLU C CD  1 
ATOM   989  O  OE1 . GLU A 1 122 ? -12.799 -14.630 -0.585  1.00 62.62  ? 632 GLU C OE1 1 
ATOM   990  O  OE2 . GLU A 1 122 ? -12.285 -12.990 0.812   1.00 64.20  ? 632 GLU C OE2 1 
ATOM   991  N  N   . ASN A 1 123 ? -8.994  -19.275 -0.079  1.00 49.44  ? 633 ASN C N   1 
ATOM   992  C  CA  . ASN A 1 123 ? -9.127  -20.660 -0.494  1.00 47.27  ? 633 ASN C CA  1 
ATOM   993  C  C   . ASN A 1 123 ? -7.921  -21.513 -0.128  1.00 53.20  ? 633 ASN C C   1 
ATOM   994  O  O   . ASN A 1 123 ? -7.563  -22.467 -0.832  1.00 51.50  ? 633 ASN C O   1 
ATOM   995  C  CB  . ASN A 1 123 ? -9.480  -20.725 -1.974  1.00 54.45  ? 633 ASN C CB  1 
ATOM   996  C  CG  . ASN A 1 123 ? -10.752 -19.957 -2.279  1.00 56.72  ? 633 ASN C CG  1 
ATOM   997  O  OD1 . ASN A 1 123 ? -11.854 -20.485 -2.127  1.00 58.32  ? 633 ASN C OD1 1 
ATOM   998  N  ND2 . ASN A 1 123 ? -10.609 -18.687 -2.652  1.00 53.24  ? 633 ASN C ND2 1 
ATOM   999  N  N   . GLY A 1 124 ? -7.314  -21.147 1.001   1.00 47.87  ? 634 GLY C N   1 
ATOM   1000 C  CA  . GLY A 1 124 ? -6.336  -21.987 1.660   1.00 46.16  ? 634 GLY C CA  1 
ATOM   1001 C  C   . GLY A 1 124 ? -4.972  -21.901 1.025   1.00 49.62  ? 634 GLY C C   1 
ATOM   1002 O  O   . GLY A 1 124 ? -4.186  -22.845 1.118   1.00 48.34  ? 634 GLY C O   1 
ATOM   1003 N  N   . GLN A 1 125 ? -4.683  -20.773 0.382   1.00 45.62  ? 635 GLN C N   1 
ATOM   1004 C  CA  . GLN A 1 125 ? -3.369  -20.586 -0.215  1.00 47.29  ? 635 GLN C CA  1 
ATOM   1005 C  C   . GLN A 1 125 ? -2.641  -19.340 0.316   1.00 46.91  ? 635 GLN C C   1 
ATOM   1006 O  O   . GLN A 1 125 ? -1.770  -18.784 -0.353  1.00 48.28  ? 635 GLN C O   1 
ATOM   1007 C  CB  . GLN A 1 125 ? -3.457  -20.608 -1.745  1.00 50.87  ? 635 GLN C CB  1 
ATOM   1008 C  CG  . GLN A 1 125 ? -4.068  -21.905 -2.304  1.00 50.51  ? 635 GLN C CG  1 
ATOM   1009 C  CD  . GLN A 1 125 ? -4.145  -21.901 -3.815  1.00 53.56  ? 635 GLN C CD  1 
ATOM   1010 O  OE1 . GLN A 1 125 ? -4.770  -22.770 -4.419  1.00 60.21  ? 635 GLN C OE1 1 
ATOM   1011 N  NE2 . GLN A 1 125 ? -3.506  -20.922 -4.436  1.00 55.01  ? 635 GLN C NE2 1 
ATOM   1012 N  N   . GLU A 1 126 ? -2.986  -18.937 1.536   1.00 50.07  ? 636 GLU C N   1 
ATOM   1013 C  CA  . GLU A 1 126 ? -2.331  -17.819 2.215   1.00 52.67  ? 636 GLU C CA  1 
ATOM   1014 C  C   . GLU A 1 126 ? -0.810  -17.957 2.217   1.00 52.85  ? 636 GLU C C   1 
ATOM   1015 O  O   . GLU A 1 126 ? -0.090  -17.001 1.955   1.00 52.02  ? 636 GLU C O   1 
ATOM   1016 C  CB  . GLU A 1 126 ? -2.833  -17.709 3.649   1.00 56.60  ? 636 GLU C CB  1 
ATOM   1017 C  CG  . GLU A 1 126 ? -2.408  -16.443 4.362   1.00 65.41  ? 636 GLU C CG  1 
ATOM   1018 C  CD  . GLU A 1 126 ? -2.835  -16.417 5.837   1.00 84.22  ? 636 GLU C CD  1 
ATOM   1019 O  OE1 . GLU A 1 126 ? -3.061  -15.306 6.379   1.00 85.07  ? 636 GLU C OE1 1 
ATOM   1020 O  OE2 . GLU A 1 126 ? -2.932  -17.501 6.460   1.00 88.14  ? 636 GLU C OE2 1 
ATOM   1021 N  N   . GLU A 1 127 ? -0.316  -19.151 2.503   1.00 54.80  ? 637 GLU C N   1 
ATOM   1022 C  CA  . GLU A 1 127 ? 1.128   -19.378 2.478   1.00 63.60  ? 637 GLU C CA  1 
ATOM   1023 C  C   . GLU A 1 127 ? 1.757   -18.873 1.190   1.00 54.73  ? 637 GLU C C   1 
ATOM   1024 O  O   . GLU A 1 127 ? 2.776   -18.196 1.215   1.00 58.53  ? 637 GLU C O   1 
ATOM   1025 C  CB  . GLU A 1 127 ? 1.464   -20.861 2.677   1.00 66.88  ? 637 GLU C CB  1 
ATOM   1026 C  CG  . GLU A 1 127 ? 1.071   -21.399 4.051   1.00 86.65  ? 637 GLU C CG  1 
ATOM   1027 C  CD  . GLU A 1 127 ? 1.728   -20.638 5.204   1.00 102.42 ? 637 GLU C CD  1 
ATOM   1028 O  OE1 . GLU A 1 127 ? 2.925   -20.285 5.081   1.00 101.55 ? 637 GLU C OE1 1 
ATOM   1029 O  OE2 . GLU A 1 127 ? 1.042   -20.390 6.227   1.00 103.04 ? 637 GLU C OE2 1 
ATOM   1030 N  N   . ILE A 1 128 ? 1.149   -19.217 0.063   1.00 54.83  ? 638 ILE C N   1 
ATOM   1031 C  CA  . ILE A 1 128 ? 1.670   -18.820 -1.239  1.00 56.84  ? 638 ILE C CA  1 
ATOM   1032 C  C   . ILE A 1 128 ? 1.883   -17.311 -1.310  1.00 52.55  ? 638 ILE C C   1 
ATOM   1033 O  O   . ILE A 1 128 ? 2.825   -16.837 -1.937  1.00 56.63  ? 638 ILE C O   1 
ATOM   1034 C  CB  . ILE A 1 128 ? 0.731   -19.286 -2.380  1.00 60.24  ? 638 ILE C CB  1 
ATOM   1035 C  CG1 . ILE A 1 128 ? 0.906   -20.790 -2.620  1.00 58.52  ? 638 ILE C CG1 1 
ATOM   1036 C  CG2 . ILE A 1 128 ? 0.989   -18.494 -3.669  1.00 52.62  ? 638 ILE C CG2 1 
ATOM   1037 C  CD1 . ILE A 1 128 ? -0.231  -21.422 -3.458  1.00 60.50  ? 638 ILE C CD1 1 
ATOM   1038 N  N   . ILE A 1 129 ? 1.009   -16.570 -0.643  1.00 46.31  ? 639 ILE C N   1 
ATOM   1039 C  CA  . ILE A 1 129 ? 1.140   -15.128 -0.548  1.00 49.94  ? 639 ILE C CA  1 
ATOM   1040 C  C   . ILE A 1 129 ? 2.171   -14.668 0.506   1.00 54.12  ? 639 ILE C C   1 
ATOM   1041 O  O   . ILE A 1 129 ? 2.924   -13.731 0.251   1.00 54.83  ? 639 ILE C O   1 
ATOM   1042 C  CB  . ILE A 1 129 ? -0.248  -14.479 -0.380  1.00 51.20  ? 639 ILE C CB  1 
ATOM   1043 C  CG1 . ILE A 1 129 ? -1.036  -14.709 -1.676  1.00 51.76  ? 639 ILE C CG1 1 
ATOM   1044 C  CG2 . ILE A 1 129 ? -0.127  -12.991 -0.074  1.00 45.35  ? 639 ILE C CG2 1 
ATOM   1045 C  CD1 . ILE A 1 129 ? -2.353  -14.073 -1.698  1.00 59.91  ? 639 ILE C CD1 1 
ATOM   1046 N  N   . ARG A 1 130 ? 2.234   -15.336 1.660   1.00 51.30  ? 640 ARG C N   1 
ATOM   1047 C  CA  . ARG A 1 130 ? 3.317   -15.088 2.611   1.00 54.80  ? 640 ARG C CA  1 
ATOM   1048 C  C   . ARG A 1 130 ? 4.660   -15.238 1.918   1.00 54.51  ? 640 ARG C C   1 
ATOM   1049 O  O   . ARG A 1 130 ? 5.542   -14.401 2.069   1.00 52.85  ? 640 ARG C O   1 
ATOM   1050 C  CB  . ARG A 1 130 ? 3.265   -16.055 3.793   1.00 56.19  ? 640 ARG C CB  1 
ATOM   1051 C  CG  . ARG A 1 130 ? 2.158   -15.775 4.755   1.00 64.93  ? 640 ARG C CG  1 
ATOM   1052 C  CD  . ARG A 1 130 ? 2.307   -16.559 6.063   1.00 67.70  ? 640 ARG C CD  1 
ATOM   1053 N  NE  . ARG A 1 130 ? 1.258   -16.171 7.002   1.00 65.97  ? 640 ARG C NE  1 
ATOM   1054 C  CZ  . ARG A 1 130 ? 1.373   -15.161 7.865   1.00 74.44  ? 640 ARG C CZ  1 
ATOM   1055 N  NH1 . ARG A 1 130 ? 2.501   -14.457 7.914   1.00 73.28  ? 640 ARG C NH1 1 
ATOM   1056 N  NH2 . ARG A 1 130 ? 0.370   -14.857 8.691   1.00 74.81  ? 640 ARG C NH2 1 
ATOM   1057 N  N   . GLN A 1 131 ? 4.812   -16.317 1.163   1.00 56.48  ? 641 GLN C N   1 
ATOM   1058 C  CA  . GLN A 1 131 ? 6.042   -16.556 0.424   1.00 57.09  ? 641 GLN C CA  1 
ATOM   1059 C  C   . GLN A 1 131 ? 6.341   -15.328 -0.414  1.00 58.10  ? 641 GLN C C   1 
ATOM   1060 O  O   . GLN A 1 131 ? 7.418   -14.747 -0.315  1.00 55.82  ? 641 GLN C O   1 
ATOM   1061 C  CB  . GLN A 1 131 ? 5.880   -17.762 -0.500  1.00 59.95  ? 641 GLN C CB  1 
ATOM   1062 C  CG  . GLN A 1 131 ? 5.714   -19.094 0.219   1.00 67.81  ? 641 GLN C CG  1 
ATOM   1063 C  CD  . GLN A 1 131 ? 5.483   -20.261 -0.731  1.00 82.78  ? 641 GLN C CD  1 
ATOM   1064 O  OE1 . GLN A 1 131 ? 4.992   -20.087 -1.861  1.00 79.80  ? 641 GLN C OE1 1 
ATOM   1065 N  NE2 . GLN A 1 131 ? 5.837   -21.465 -0.276  1.00 82.20  ? 641 GLN C NE2 1 
ATOM   1066 N  N   . LEU A 1 132 ? 5.364   -14.942 -1.236  1.00 57.56  ? 642 LEU C N   1 
ATOM   1067 C  CA  . LEU A 1 132 ? 5.475   -13.782 -2.111  1.00 55.19  ? 642 LEU C CA  1 
ATOM   1068 C  C   . LEU A 1 132 ? 6.024   -12.572 -1.352  1.00 55.44  ? 642 LEU C C   1 
ATOM   1069 O  O   . LEU A 1 132 ? 7.040   -11.998 -1.741  1.00 57.70  ? 642 LEU C O   1 
ATOM   1070 C  CB  . LEU A 1 132 ? 4.097   -13.464 -2.702  1.00 58.85  ? 642 LEU C CB  1 
ATOM   1071 C  CG  . LEU A 1 132 ? 3.918   -12.554 -3.925  1.00 59.86  ? 642 LEU C CG  1 
ATOM   1072 C  CD1 . LEU A 1 132 ? 4.739   -13.054 -5.082  1.00 60.15  ? 642 LEU C CD1 1 
ATOM   1073 C  CD2 . LEU A 1 132 ? 2.454   -12.503 -4.343  1.00 56.20  ? 642 LEU C CD2 1 
ATOM   1074 N  N   . PHE A 1 133 ? 5.366   -12.203 -0.257  1.00 51.80  ? 643 PHE C N   1 
ATOM   1075 C  CA  . PHE A 1 133 ? 5.752   -11.018 0.506   1.00 53.77  ? 643 PHE C CA  1 
ATOM   1076 C  C   . PHE A 1 133 ? 7.158   -11.106 1.084   1.00 57.63  ? 643 PHE C C   1 
ATOM   1077 O  O   . PHE A 1 133 ? 7.800   -10.076 1.321   1.00 57.77  ? 643 PHE C O   1 
ATOM   1078 C  CB  . PHE A 1 133 ? 4.751   -10.743 1.635   1.00 52.25  ? 643 PHE C CB  1 
ATOM   1079 C  CG  . PHE A 1 133 ? 3.427   -10.216 1.155   1.00 57.05  ? 643 PHE C CG  1 
ATOM   1080 C  CD1 . PHE A 1 133 ? 2.348   -10.095 2.029   1.00 58.05  ? 643 PHE C CD1 1 
ATOM   1081 C  CD2 . PHE A 1 133 ? 3.256   -9.849  -0.172  1.00 52.09  ? 643 PHE C CD2 1 
ATOM   1082 C  CE1 . PHE A 1 133 ? 1.117   -9.612  1.577   1.00 52.56  ? 643 PHE C CE1 1 
ATOM   1083 C  CE2 . PHE A 1 133 ? 2.034   -9.366  -0.633  1.00 56.52  ? 643 PHE C CE2 1 
ATOM   1084 C  CZ  . PHE A 1 133 ? 0.962   -9.242  0.240   1.00 50.66  ? 643 PHE C CZ  1 
ATOM   1085 N  N   . SER A 1 134 ? 7.614   -12.336 1.329   1.00 58.50  ? 644 SER C N   1 
ATOM   1086 C  CA  . SER A 1 134 ? 8.940   -12.598 1.888   1.00 54.18  ? 644 SER C CA  1 
ATOM   1087 C  C   . SER A 1 134 ? 10.034  -12.237 0.912   1.00 57.54  ? 644 SER C C   1 
ATOM   1088 O  O   . SER A 1 134 ? 11.096  -11.757 1.303   1.00 62.95  ? 644 SER C O   1 
ATOM   1089 C  CB  . SER A 1 134 ? 9.093   -14.071 2.249   1.00 57.11  ? 644 SER C CB  1 
ATOM   1090 O  OG  . SER A 1 134 ? 8.543   -14.331 3.524   1.00 63.90  ? 644 SER C OG  1 
ATOM   1091 N  N   . LYS A 1 135 ? 9.778   -12.477 -0.364  1.00 53.73  ? 645 LYS C N   1 
ATOM   1092 C  CA  . LYS A 1 135 ? 10.796  -12.225 -1.362  1.00 57.34  ? 645 LYS C CA  1 
ATOM   1093 C  C   . LYS A 1 135 ? 11.036  -10.725 -1.499  1.00 56.81  ? 645 LYS C C   1 
ATOM   1094 O  O   . LYS A 1 135 ? 12.022  -10.298 -2.094  1.00 57.52  ? 645 LYS C O   1 
ATOM   1095 C  CB  . LYS A 1 135 ? 10.390  -12.847 -2.700  1.00 58.66  ? 645 LYS C CB  1 
ATOM   1096 C  CG  . LYS A 1 135 ? 10.034  -14.322 -2.612  1.00 55.86  ? 645 LYS C CG  1 
ATOM   1097 C  CD  . LYS A 1 135 ? 9.962   -14.924 -3.999  1.00 62.06  ? 645 LYS C CD  1 
ATOM   1098 C  CE  . LYS A 1 135 ? 9.432   -16.363 -3.976  1.00 71.99  ? 645 LYS C CE  1 
ATOM   1099 N  NZ  . LYS A 1 135 ? 9.378   -16.945 -5.363  1.00 69.71  ? 645 LYS C NZ  1 
ATOM   1100 N  N   . LEU A 1 136 ? 10.115  -9.929  -0.960  1.00 54.93  ? 646 LEU C N   1 
ATOM   1101 C  CA  . LEU A 1 136 ? 10.270  -8.480  -0.971  1.00 54.46  ? 646 LEU C CA  1 
ATOM   1102 C  C   . LEU A 1 136 ? 11.011  -8.014  0.271   1.00 56.46  ? 646 LEU C C   1 
ATOM   1103 O  O   . LEU A 1 136 ? 11.606  -6.932  0.270   1.00 53.90  ? 646 LEU C O   1 
ATOM   1104 C  CB  . LEU A 1 136 ? 8.915   -7.783  -1.043  1.00 52.24  ? 646 LEU C CB  1 
ATOM   1105 C  CG  . LEU A 1 136 ? 8.176   -7.891  -2.382  1.00 56.83  ? 646 LEU C CG  1 
ATOM   1106 C  CD1 . LEU A 1 136 ? 6.693   -7.558  -2.221  1.00 42.69  ? 646 LEU C CD1 1 
ATOM   1107 C  CD2 . LEU A 1 136 ? 8.838   -7.002  -3.446  1.00 51.72  ? 646 LEU C CD2 1 
ATOM   1108 N  N   . ASP A 1 137 ? 10.958  -8.818  1.334   1.00 52.03  ? 647 ASP C N   1 
ATOM   1109 C  CA  . ASP A 1 137 ? 11.694  -8.493  2.552   1.00 54.25  ? 647 ASP C CA  1 
ATOM   1110 C  C   . ASP A 1 137 ? 13.120  -8.049  2.228   1.00 52.96  ? 647 ASP C C   1 
ATOM   1111 O  O   . ASP A 1 137 ? 13.882  -8.762  1.548   1.00 51.27  ? 647 ASP C O   1 
ATOM   1112 C  CB  . ASP A 1 137 ? 11.693  -9.661  3.535   1.00 55.53  ? 647 ASP C CB  1 
ATOM   1113 C  CG  . ASP A 1 137 ? 11.162  -9.265  4.913   1.00 56.78  ? 647 ASP C CG  1 
ATOM   1114 O  OD1 . ASP A 1 137 ? 10.220  -8.440  4.994   1.00 50.62  ? 647 ASP C OD1 1 
ATOM   1115 O  OD2 . ASP A 1 137 ? 11.698  -9.777  5.924   1.00 69.02  ? 647 ASP C OD2 1 
ATOM   1116 N  N   . PHE A 1 138 ? 13.444  -6.842  2.684   1.00 45.44  ? 648 PHE C N   1 
ATOM   1117 C  CA  . PHE A 1 138 ? 14.758  -6.232  2.481   1.00 55.51  ? 648 PHE C CA  1 
ATOM   1118 C  C   . PHE A 1 138 ? 15.155  -5.945  1.036   1.00 55.46  ? 648 PHE C C   1 
ATOM   1119 O  O   . PHE A 1 138 ? 16.323  -5.635  0.764   1.00 57.64  ? 648 PHE C O   1 
ATOM   1120 C  CB  . PHE A 1 138 ? 15.856  -7.033  3.184   1.00 50.98  ? 648 PHE C CB  1 
ATOM   1121 C  CG  . PHE A 1 138 ? 15.688  -7.076  4.654   1.00 46.12  ? 648 PHE C CG  1 
ATOM   1122 C  CD1 . PHE A 1 138 ? 15.194  -8.212  5.276   1.00 51.52  ? 648 PHE C CD1 1 
ATOM   1123 C  CD2 . PHE A 1 138 ? 15.983  -5.961  5.421   1.00 51.58  ? 648 PHE C CD2 1 
ATOM   1124 C  CE1 . PHE A 1 138 ? 15.021  -8.246  6.650   1.00 52.17  ? 648 PHE C CE1 1 
ATOM   1125 C  CE2 . PHE A 1 138 ? 15.809  -5.978  6.791   1.00 49.82  ? 648 PHE C CE2 1 
ATOM   1126 C  CZ  . PHE A 1 138 ? 15.329  -7.124  7.409   1.00 51.74  ? 648 PHE C CZ  1 
ATOM   1127 N  N   . ALA A 1 139 ? 14.199  -6.030  0.117   1.00 49.59  ? 649 ALA C N   1 
ATOM   1128 C  CA  . ALA A 1 139 ? 14.464  -5.605  -1.249  1.00 52.99  ? 649 ALA C CA  1 
ATOM   1129 C  C   . ALA A 1 139 ? 14.588  -4.091  -1.225  1.00 51.59  ? 649 ALA C C   1 
ATOM   1130 O  O   . ALA A 1 139 ? 13.868  -3.426  -0.468  1.00 50.12  ? 649 ALA C O   1 
ATOM   1131 C  CB  . ALA A 1 139 ? 13.331  -6.048  -2.193  1.00 51.33  ? 649 ALA C CB  1 
ATOM   1132 N  N   . ARG A 1 140 ? 15.479  -3.546  -2.051  1.00 49.95  ? 650 ARG C N   1 
ATOM   1133 C  CA  . ARG A 1 140 ? 15.689  -2.098  -2.104  1.00 52.60  ? 650 ARG C CA  1 
ATOM   1134 C  C   . ARG A 1 140 ? 14.880  -1.391  -3.205  1.00 51.52  ? 650 ARG C C   1 
ATOM   1135 O  O   . ARG A 1 140 ? 14.811  -1.862  -4.336  1.00 50.37  ? 650 ARG C O   1 
ATOM   1136 C  CB  . ARG A 1 140 ? 17.183  -1.773  -2.228  1.00 53.86  ? 650 ARG C CB  1 
ATOM   1137 C  CG  . ARG A 1 140 ? 17.975  -2.087  -0.951  1.00 67.99  ? 650 ARG C CG  1 
ATOM   1138 C  CD  . ARG A 1 140 ? 19.391  -1.524  -0.994  1.00 69.50  ? 650 ARG C CD  1 
ATOM   1139 N  NE  . ARG A 1 140 ? 20.112  -2.035  -2.155  1.00 77.76  ? 650 ARG C NE  1 
ATOM   1140 C  CZ  . ARG A 1 140 ? 21.069  -2.955  -2.095  1.00 80.53  ? 650 ARG C CZ  1 
ATOM   1141 N  NH1 . ARG A 1 140 ? 21.437  -3.454  -0.917  1.00 75.75  ? 650 ARG C NH1 1 
ATOM   1142 N  NH2 . ARG A 1 140 ? 21.663  -3.362  -3.211  1.00 73.59  ? 650 ARG C NH2 1 
ATOM   1143 N  N   . PHE A 1 141 ? 14.273  -0.263  -2.850  1.00 46.76  ? 651 PHE C N   1 
ATOM   1144 C  CA  . PHE A 1 141 ? 13.518  0.549   -3.786  1.00 49.09  ? 651 PHE C CA  1 
ATOM   1145 C  C   . PHE A 1 141 ? 13.832  2.018   -3.604  1.00 48.22  ? 651 PHE C C   1 
ATOM   1146 O  O   . PHE A 1 141 ? 14.372  2.425   -2.582  1.00 49.67  ? 651 PHE C O   1 
ATOM   1147 C  CB  . PHE A 1 141 ? 12.017  0.351   -3.565  1.00 45.66  ? 651 PHE C CB  1 
ATOM   1148 C  CG  . PHE A 1 141 ? 11.569  -1.057  -3.755  1.00 50.37  ? 651 PHE C CG  1 
ATOM   1149 C  CD1 . PHE A 1 141 ? 11.493  -1.923  -2.684  1.00 46.75  ? 651 PHE C CD1 1 
ATOM   1150 C  CD2 . PHE A 1 141 ? 11.263  -1.531  -5.014  1.00 50.56  ? 651 PHE C CD2 1 
ATOM   1151 C  CE1 . PHE A 1 141 ? 11.097  -3.230  -2.865  1.00 46.77  ? 651 PHE C CE1 1 
ATOM   1152 C  CE2 . PHE A 1 141 ? 10.858  -2.835  -5.197  1.00 50.93  ? 651 PHE C CE2 1 
ATOM   1153 C  CZ  . PHE A 1 141 ? 10.774  -3.685  -4.124  1.00 50.55  ? 651 PHE C CZ  1 
ATOM   1154 N  N   . ILE A 1 142 ? 13.503  2.818   -4.607  1.00 48.12  ? 652 ILE C N   1 
ATOM   1155 C  CA  . ILE A 1 142 ? 13.371  4.237   -4.373  1.00 46.16  ? 652 ILE C CA  1 
ATOM   1156 C  C   . ILE A 1 142 ? 11.878  4.523   -4.208  1.00 46.59  ? 652 ILE C C   1 
ATOM   1157 O  O   . ILE A 1 142 ? 11.056  4.025   -4.974  1.00 48.96  ? 652 ILE C O   1 
ATOM   1158 C  CB  . ILE A 1 142 ? 14.079  5.083   -5.448  1.00 50.44  ? 652 ILE C CB  1 
ATOM   1159 C  CG1 . ILE A 1 142 ? 13.622  4.726   -6.845  1.00 62.36  ? 652 ILE C CG1 1 
ATOM   1160 C  CG2 . ILE A 1 142 ? 15.561  4.772   -5.444  1.00 55.06  ? 652 ILE C CG2 1 
ATOM   1161 C  CD1 . ILE A 1 142 ? 14.746  4.889   -7.870  1.00 60.94  ? 652 ILE C CD1 1 
ATOM   1162 N  N   . PHE A 1 143 ? 11.525  5.251   -3.156  1.00 42.34  ? 653 PHE C N   1 
ATOM   1163 C  CA  . PHE A 1 143 ? 10.137  5.546   -2.871  1.00 44.94  ? 653 PHE C CA  1 
ATOM   1164 C  C   . PHE A 1 143 ? 9.923   7.026   -2.976  1.00 49.02  ? 653 PHE C C   1 
ATOM   1165 O  O   . PHE A 1 143 ? 10.857  7.799   -2.818  1.00 51.91  ? 653 PHE C O   1 
ATOM   1166 C  CB  . PHE A 1 143 ? 9.763   5.176   -1.442  1.00 42.54  ? 653 PHE C CB  1 
ATOM   1167 C  CG  . PHE A 1 143 ? 10.035  3.761   -1.084  1.00 39.98  ? 653 PHE C CG  1 
ATOM   1168 C  CD1 . PHE A 1 143 ? 11.274  3.384   -0.617  1.00 35.53  ? 653 PHE C CD1 1 
ATOM   1169 C  CD2 . PHE A 1 143 ? 9.043   2.808   -1.194  1.00 44.72  ? 653 PHE C CD2 1 
ATOM   1170 C  CE1 . PHE A 1 143 ? 11.517  2.096   -0.282  1.00 40.84  ? 653 PHE C CE1 1 
ATOM   1171 C  CE2 . PHE A 1 143 ? 9.286   1.505   -0.856  1.00 42.70  ? 653 PHE C CE2 1 
ATOM   1172 C  CZ  . PHE A 1 143 ? 10.527  1.151   -0.395  1.00 41.63  ? 653 PHE C CZ  1 
ATOM   1173 N  N   . GLU A 1 144 ? 8.684   7.414   -3.243  1.00 51.26  ? 654 GLU C N   1 
ATOM   1174 C  CA  . GLU A 1 144 ? 8.246   8.751   -2.920  1.00 50.95  ? 654 GLU C CA  1 
ATOM   1175 C  C   . GLU A 1 144 ? 7.285   8.569   -1.762  1.00 50.08  ? 654 GLU C C   1 
ATOM   1176 O  O   . GLU A 1 144 ? 6.333   7.791   -1.838  1.00 49.58  ? 654 GLU C O   1 
ATOM   1177 C  CB  . GLU A 1 144 ? 7.573   9.436   -4.104  1.00 51.49  ? 654 GLU C CB  1 
ATOM   1178 C  CG  . GLU A 1 144 ? 6.938   10.767  -3.730  1.00 59.14  ? 654 GLU C CG  1 
ATOM   1179 C  CD  . GLU A 1 144 ? 6.408   11.554  -4.929  1.00 63.62  ? 654 GLU C CD  1 
ATOM   1180 O  OE1 . GLU A 1 144 ? 5.920   10.934  -5.900  1.00 58.83  ? 654 GLU C OE1 1 
ATOM   1181 O  OE2 . GLU A 1 144 ? 6.481   12.805  -4.887  1.00 70.34  ? 654 GLU C OE2 1 
ATOM   1182 N  N   . ILE A 1 145 ? 7.562   9.257   -0.667  1.00 49.64  ? 655 ILE C N   1 
ATOM   1183 C  CA  . ILE A 1 145 ? 6.785   9.069   0.534   1.00 49.86  ? 655 ILE C CA  1 
ATOM   1184 C  C   . ILE A 1 145 ? 6.180   10.375  0.993   1.00 51.88  ? 655 ILE C C   1 
ATOM   1185 O  O   . ILE A 1 145 ? 6.776   11.443  0.837   1.00 53.50  ? 655 ILE C O   1 
ATOM   1186 C  CB  . ILE A 1 145 ? 7.651   8.428   1.646   1.00 51.42  ? 655 ILE C CB  1 
ATOM   1187 C  CG1 . ILE A 1 145 ? 7.755   6.925   1.398   1.00 47.27  ? 655 ILE C CG1 1 
ATOM   1188 C  CG2 . ILE A 1 145 ? 7.048   8.669   3.010   1.00 44.98  ? 655 ILE C CG2 1 
ATOM   1189 C  CD1 . ILE A 1 145 ? 9.000   6.342   1.952   1.00 49.20  ? 655 ILE C CD1 1 
ATOM   1190 N  N   . GLN A 1 146 ? 4.985   10.283  1.556   1.00 49.20  ? 656 GLN C N   1 
ATOM   1191 C  CA  . GLN A 1 146 ? 4.285   11.456  2.025   1.00 56.48  ? 656 GLN C CA  1 
ATOM   1192 C  C   . GLN A 1 146 ? 3.844   11.245  3.460   1.00 55.34  ? 656 GLN C C   1 
ATOM   1193 O  O   . GLN A 1 146 ? 3.360   10.170  3.811   1.00 53.37  ? 656 GLN C O   1 
ATOM   1194 C  CB  . GLN A 1 146 ? 3.071   11.725  1.137   1.00 54.84  ? 656 GLN C CB  1 
ATOM   1195 C  CG  . GLN A 1 146 ? 2.217   12.908  1.561   1.00 60.83  ? 656 GLN C CG  1 
ATOM   1196 C  CD  . GLN A 1 146 ? 0.948   13.011  0.737   1.00 64.24  ? 656 GLN C CD  1 
ATOM   1197 O  OE1 . GLN A 1 146 ? -0.036  12.327  1.008   1.00 65.48  ? 656 GLN C OE1 1 
ATOM   1198 N  NE2 . GLN A 1 146 ? 0.971   13.856  -0.285  1.00 64.89  ? 656 GLN C NE2 1 
ATOM   1199 N  N   . PHE A 1 147 ? 4.015   12.270  4.288   1.00 56.71  ? 657 PHE C N   1 
ATOM   1200 C  CA  . PHE A 1 147 ? 3.471   12.233  5.639   1.00 58.11  ? 657 PHE C CA  1 
ATOM   1201 C  C   . PHE A 1 147 ? 2.322   13.215  5.803   1.00 63.35  ? 657 PHE C C   1 
ATOM   1202 O  O   . PHE A 1 147 ? 2.088   14.054  4.939   1.00 63.84  ? 657 PHE C O   1 
ATOM   1203 C  CB  . PHE A 1 147 ? 4.553   12.501  6.680   1.00 57.55  ? 657 PHE C CB  1 
ATOM   1204 C  CG  . PHE A 1 147 ? 5.010   13.930  6.744   1.00 62.73  ? 657 PHE C CG  1 
ATOM   1205 C  CD1 . PHE A 1 147 ? 4.166   14.928  7.214   1.00 66.76  ? 657 PHE C CD1 1 
ATOM   1206 C  CD2 . PHE A 1 147 ? 6.304   14.274  6.375   1.00 67.70  ? 657 PHE C CD2 1 
ATOM   1207 C  CE1 . PHE A 1 147 ? 4.594   16.245  7.291   1.00 68.29  ? 657 PHE C CE1 1 
ATOM   1208 C  CE2 . PHE A 1 147 ? 6.743   15.594  6.456   1.00 67.62  ? 657 PHE C CE2 1 
ATOM   1209 C  CZ  . PHE A 1 147 ? 5.885   16.577  6.910   1.00 69.05  ? 657 PHE C CZ  1 
ATOM   1210 N  N   . GLU A 1 148 ? 1.618   13.108  6.924   1.00 67.09  ? 658 GLU C N   1 
ATOM   1211 C  CA  . GLU A 1 148 ? 0.464   13.949  7.206   1.00 70.34  ? 658 GLU C CA  1 
ATOM   1212 C  C   . GLU A 1 148 ? 0.093   13.858  8.682   1.00 73.83  ? 658 GLU C C   1 
ATOM   1213 O  O   . GLU A 1 148 ? 0.092   12.761  9.239   1.00 72.72  ? 658 GLU C O   1 
ATOM   1214 C  CB  . GLU A 1 148 ? -0.725  13.503  6.358   1.00 70.19  ? 658 GLU C CB  1 
ATOM   1215 C  CG  . GLU A 1 148 ? -2.060  13.994  6.899   1.00 79.74  ? 658 GLU C CG  1 
ATOM   1216 C  CD  . GLU A 1 148 ? -3.232  13.699  5.977   1.00 89.59  ? 658 GLU C CD  1 
ATOM   1217 O  OE1 . GLU A 1 148 ? -3.210  12.665  5.270   1.00 89.50  ? 658 GLU C OE1 1 
ATOM   1218 O  OE2 . GLU A 1 148 ? -4.182  14.512  5.963   1.00 95.00  ? 658 GLU C OE2 1 
ATOM   1219 N  N   . ASN A 1 149 ? -0.217  14.997  9.314   1.00 79.84  ? 659 ASN C N   1 
ATOM   1220 C  CA  . ASN A 1 149 ? -0.732  14.993  10.692  1.00 82.41  ? 659 ASN C CA  1 
ATOM   1221 C  C   . ASN A 1 149 ? -2.210  14.638  10.724  1.00 84.97  ? 659 ASN C C   1 
ATOM   1222 O  O   . ASN A 1 149 ? -2.952  14.965  9.798   1.00 85.96  ? 659 ASN C O   1 
ATOM   1223 C  CB  . ASN A 1 149 ? -0.532  16.339  11.393  1.00 84.70  ? 659 ASN C CB  1 
ATOM   1224 C  CG  . ASN A 1 149 ? 0.923   16.673  11.627  1.00 87.28  ? 659 ASN C CG  1 
ATOM   1225 O  OD1 . ASN A 1 149 ? 1.341   16.930  12.759  1.00 83.42  ? 659 ASN C OD1 1 
ATOM   1226 N  ND2 . ASN A 1 149 ? 1.708   16.671  10.552  1.00 83.66  ? 659 ASN C ND2 1 
ATOM   1227 N  N   . LYS A 1 150 ? -2.636  13.984  11.799  1.00 85.29  ? 660 LYS C N   1 
ATOM   1228 C  CA  . LYS A 1 150 ? -4.022  13.552  11.928  1.00 87.71  ? 660 LYS C CA  1 
ATOM   1229 C  C   . LYS A 1 150 ? -4.482  13.600  13.384  1.00 92.15  ? 660 LYS C C   1 
ATOM   1230 O  O   . LYS A 1 150 ? -3.824  14.216  14.227  1.00 93.12  ? 660 LYS C O   1 
ATOM   1231 C  CB  . LYS A 1 150 ? -4.201  12.146  11.340  1.00 82.71  ? 660 LYS C CB  1 
ATOM   1232 C  CG  . LYS A 1 150 ? -3.862  12.063  9.860   1.00 81.18  ? 660 LYS C CG  1 
ATOM   1233 C  CD  . LYS A 1 150 ? -4.266  10.734  9.252   1.00 81.96  ? 660 LYS C CD  1 
ATOM   1234 C  CE  . LYS A 1 150 ? -4.304  10.842  7.728   1.00 88.20  ? 660 LYS C CE  1 
ATOM   1235 N  NZ  . LYS A 1 150 ? -4.736  9.577   7.058   1.00 93.04  ? 660 LYS C NZ  1 
ATOM   1236 N  N   . GLU A 1 157 ? -1.639  11.450  15.020  1.00 79.23  ? 667 GLU C N   1 
ATOM   1237 C  CA  . GLU A 1 157 ? -0.445  10.777  14.553  1.00 75.07  ? 667 GLU C CA  1 
ATOM   1238 C  C   . GLU A 1 157 ? 0.098   11.327  13.247  1.00 74.71  ? 667 GLU C C   1 
ATOM   1239 O  O   . GLU A 1 157 ? -0.566  12.062  12.554  1.00 75.45  ? 667 GLU C O   1 
ATOM   1240 C  CB  . GLU A 1 157 ? -0.718  9.290   14.404  1.00 68.71  ? 667 GLU C CB  1 
ATOM   1241 C  CG  . GLU A 1 157 ? -1.807  8.946   13.433  1.00 73.28  ? 667 GLU C CG  1 
ATOM   1242 C  CD  . GLU A 1 157 ? -1.945  7.455   13.218  1.00 83.92  ? 667 GLU C CD  1 
ATOM   1243 O  OE1 . GLU A 1 157 ? -1.160  6.883   12.451  1.00 73.64  ? 667 GLU C OE1 1 
ATOM   1244 O  OE2 . GLU A 1 157 ? -2.838  6.844   13.821  1.00 88.57  ? 667 GLU C OE2 1 
ATOM   1245 N  N   . ILE A 1 158 ? 1.330   10.962  12.931  1.00 69.79  ? 668 ILE C N   1 
ATOM   1246 C  CA  . ILE A 1 158 ? 1.902   11.157  11.597  1.00 69.07  ? 668 ILE C CA  1 
ATOM   1247 C  C   . ILE A 1 158 ? 1.744   9.881   10.750  1.00 61.78  ? 668 ILE C C   1 
ATOM   1248 O  O   . ILE A 1 158 ? 2.332   8.842   11.058  1.00 60.98  ? 668 ILE C O   1 
ATOM   1249 C  CB  . ILE A 1 158 ? 3.412   11.534  11.666  1.00 62.59  ? 668 ILE C CB  1 
ATOM   1250 C  CG1 . ILE A 1 158 ? 3.663   12.624  12.720  1.00 65.89  ? 668 ILE C CG1 1 
ATOM   1251 C  CG2 . ILE A 1 158 ? 3.929   11.946  10.293  1.00 56.13  ? 668 ILE C CG2 1 
ATOM   1252 C  CD1 . ILE A 1 158 ? 3.189   14.004  12.334  1.00 69.05  ? 668 ILE C CD1 1 
ATOM   1253 N  N   . ALA A 1 159 ? 0.940   9.948   9.697   1.00 58.25  ? 669 ALA C N   1 
ATOM   1254 C  CA  . ALA A 1 159 ? 0.795   8.808   8.801   1.00 54.42  ? 669 ALA C CA  1 
ATOM   1255 C  C   . ALA A 1 159 ? 1.696   8.990   7.581   1.00 51.54  ? 669 ALA C C   1 
ATOM   1256 O  O   . ALA A 1 159 ? 1.837   10.098  7.064   1.00 51.62  ? 669 ALA C O   1 
ATOM   1257 C  CB  . ALA A 1 159 ? -0.656  8.635   8.380   1.00 54.29  ? 669 ALA C CB  1 
ATOM   1258 N  N   . TYR A 1 160 ? 2.333   7.902   7.159   1.00 45.66  ? 670 TYR C N   1 
ATOM   1259 C  CA  . TYR A 1 160 ? 3.188   7.912   5.988   1.00 45.47  ? 670 TYR C CA  1 
ATOM   1260 C  C   . TYR A 1 160 ? 2.573   7.010   4.957   1.00 46.13  ? 670 TYR C C   1 
ATOM   1261 O  O   . TYR A 1 160 ? 2.110   5.911   5.268   1.00 48.16  ? 670 TYR C O   1 
ATOM   1262 C  CB  . TYR A 1 160 ? 4.582   7.393   6.315   1.00 47.62  ? 670 TYR C CB  1 
ATOM   1263 C  CG  . TYR A 1 160 ? 5.266   8.132   7.430   1.00 47.99  ? 670 TYR C CG  1 
ATOM   1264 C  CD1 . TYR A 1 160 ? 5.138   7.703   8.745   1.00 47.85  ? 670 TYR C CD1 1 
ATOM   1265 C  CD2 . TYR A 1 160 ? 6.035   9.265   7.173   1.00 49.59  ? 670 TYR C CD2 1 
ATOM   1266 C  CE1 . TYR A 1 160 ? 5.768   8.374   9.786   1.00 49.56  ? 670 TYR C CE1 1 
ATOM   1267 C  CE2 . TYR A 1 160 ? 6.665   9.958   8.215   1.00 51.97  ? 670 TYR C CE2 1 
ATOM   1268 C  CZ  . TYR A 1 160 ? 6.526   9.499   9.515   1.00 48.06  ? 670 TYR C CZ  1 
ATOM   1269 O  OH  . TYR A 1 160 ? 7.137   10.158  10.553  1.00 55.89  ? 670 TYR C OH  1 
ATOM   1270 N  N   . LYS A 1 161 ? 2.593   7.473   3.720   1.00 46.46  ? 671 LYS C N   1 
ATOM   1271 C  CA  . LYS A 1 161 ? 2.001   6.757   2.605   1.00 44.91  ? 671 LYS C CA  1 
ATOM   1272 C  C   . LYS A 1 161 ? 3.035   6.712   1.506   1.00 44.94  ? 671 LYS C C   1 
ATOM   1273 O  O   . LYS A 1 161 ? 3.738   7.693   1.279   1.00 48.42  ? 671 LYS C O   1 
ATOM   1274 C  CB  . LYS A 1 161 ? 0.779   7.534   2.116   1.00 47.62  ? 671 LYS C CB  1 
ATOM   1275 C  CG  . LYS A 1 161 ? 0.317   7.152   0.737   1.00 60.69  ? 671 LYS C CG  1 
ATOM   1276 C  CD  . LYS A 1 161 ? -0.689  8.147   0.166   1.00 67.52  ? 671 LYS C CD  1 
ATOM   1277 C  CE  . LYS A 1 161 ? -1.979  8.218   0.968   1.00 66.34  ? 671 LYS C CE  1 
ATOM   1278 N  NZ  . LYS A 1 161 ? -2.956  9.111   0.263   1.00 74.28  ? 671 LYS C NZ  1 
ATOM   1279 N  N   . VAL A 1 162 ? 3.145   5.580   0.826   1.00 44.59  ? 672 VAL C N   1 
ATOM   1280 C  CA  . VAL A 1 162 ? 4.004   5.495   -0.352  1.00 44.57  ? 672 VAL C CA  1 
ATOM   1281 C  C   . VAL A 1 162 ? 3.235   6.027   -1.565  1.00 47.60  ? 672 VAL C C   1 
ATOM   1282 O  O   . VAL A 1 162 ? 2.176   5.503   -1.915  1.00 45.25  ? 672 VAL C O   1 
ATOM   1283 C  CB  . VAL A 1 162 ? 4.459   4.024   -0.619  1.00 42.68  ? 672 VAL C CB  1 
ATOM   1284 C  CG1 . VAL A 1 162 ? 5.179   3.908   -1.952  1.00 43.56  ? 672 VAL C CG1 1 
ATOM   1285 C  CG2 . VAL A 1 162 ? 5.348   3.512   0.513   1.00 37.80  ? 672 VAL C CG2 1 
ATOM   1286 N  N   . LEU A 1 163 ? 3.744   7.075   -2.196  1.00 47.57  ? 673 LEU C N   1 
ATOM   1287 C  CA  . LEU A 1 163 ? 3.097   7.594   -3.400  1.00 48.18  ? 673 LEU C CA  1 
ATOM   1288 C  C   . LEU A 1 163 ? 3.612   6.888   -4.635  1.00 49.10  ? 673 LEU C C   1 
ATOM   1289 O  O   . LEU A 1 163 ? 2.879   6.708   -5.595  1.00 49.88  ? 673 LEU C O   1 
ATOM   1290 C  CB  . LEU A 1 163 ? 3.312   9.101   -3.550  1.00 52.44  ? 673 LEU C CB  1 
ATOM   1291 C  CG  . LEU A 1 163 ? 2.766   9.976   -2.420  1.00 56.06  ? 673 LEU C CG  1 
ATOM   1292 C  CD1 . LEU A 1 163 ? 2.913   11.425  -2.807  1.00 56.88  ? 673 LEU C CD1 1 
ATOM   1293 C  CD2 . LEU A 1 163 ? 1.314   9.643   -2.151  1.00 52.03  ? 673 LEU C CD2 1 
ATOM   1294 N  N   . LYS A 1 164 ? 4.869   6.466   -4.604  1.00 47.95  ? 674 LYS C N   1 
ATOM   1295 C  CA  . LYS A 1 164 ? 5.499   5.900   -5.791  1.00 50.76  ? 674 LYS C CA  1 
ATOM   1296 C  C   . LYS A 1 164 ? 6.642   4.922   -5.442  1.00 50.90  ? 674 LYS C C   1 
ATOM   1297 O  O   . LYS A 1 164 ? 7.273   5.044   -4.390  1.00 46.87  ? 674 LYS C O   1 
ATOM   1298 C  CB  . LYS A 1 164 ? 5.973   7.046   -6.691  1.00 54.82  ? 674 LYS C CB  1 
ATOM   1299 C  CG  . LYS A 1 164 ? 6.786   6.634   -7.908  1.00 65.23  ? 674 LYS C CG  1 
ATOM   1300 C  CD  . LYS A 1 164 ? 7.390   7.853   -8.632  1.00 72.72  ? 674 LYS C CD  1 
ATOM   1301 C  CE  . LYS A 1 164 ? 7.821   7.503   -10.071 1.00 80.81  ? 674 LYS C CE  1 
ATOM   1302 N  NZ  . LYS A 1 164 ? 8.434   8.656   -10.815 1.00 75.16  ? 674 LYS C NZ  1 
ATOM   1303 N  N   . ILE A 1 165 ? 6.870   3.934   -6.307  1.00 47.56  ? 675 ILE C N   1 
ATOM   1304 C  CA  . ILE A 1 165 ? 7.939   2.962   -6.116  1.00 48.77  ? 675 ILE C CA  1 
ATOM   1305 C  C   . ILE A 1 165 ? 8.666   2.649   -7.414  1.00 52.97  ? 675 ILE C C   1 
ATOM   1306 O  O   . ILE A 1 165 ? 8.032   2.471   -8.458  1.00 58.83  ? 675 ILE C O   1 
ATOM   1307 C  CB  . ILE A 1 165 ? 7.416   1.608   -5.662  1.00 50.90  ? 675 ILE C CB  1 
ATOM   1308 C  CG1 . ILE A 1 165 ? 6.686   1.692   -4.338  1.00 53.69  ? 675 ILE C CG1 1 
ATOM   1309 C  CG2 . ILE A 1 165 ? 8.576   0.645   -5.498  1.00 53.66  ? 675 ILE C CG2 1 
ATOM   1310 C  CD1 . ILE A 1 165 ? 6.730   0.367   -3.595  1.00 55.97  ? 675 ILE C CD1 1 
ATOM   1311 N  N   . GLU A 1 166 ? 9.984   2.527   -7.330  1.00 48.99  ? 676 GLU C N   1 
ATOM   1312 C  CA  . GLU A 1 166 ? 10.801  2.064   -8.440  1.00 54.94  ? 676 GLU C CA  1 
ATOM   1313 C  C   . GLU A 1 166 ? 11.896  1.190   -7.868  1.00 56.39  ? 676 GLU C C   1 
ATOM   1314 O  O   . GLU A 1 166 ? 12.570  1.563   -6.913  1.00 57.88  ? 676 GLU C O   1 
ATOM   1315 C  CB  . GLU A 1 166 ? 11.438  3.239   -9.189  1.00 59.86  ? 676 GLU C CB  1 
ATOM   1316 C  CG  . GLU A 1 166 ? 10.486  4.393   -9.508  1.00 67.00  ? 676 GLU C CG  1 
ATOM   1317 C  CD  . GLU A 1 166 ? 11.206  5.736   -9.698  1.00 76.25  ? 676 GLU C CD  1 
ATOM   1318 O  OE1 . GLU A 1 166 ? 10.573  6.791   -9.447  1.00 74.05  ? 676 GLU C OE1 1 
ATOM   1319 O  OE2 . GLU A 1 166 ? 12.396  5.741   -10.096 1.00 74.30  ? 676 GLU C OE2 1 
ATOM   1320 N  N   . LYS A 1 167 ? 12.076  0.012   -8.430  1.00 66.43  ? 677 LYS C N   1 
ATOM   1321 C  CA  . LYS A 1 167 ? 13.176  -0.826  -7.986  1.00 73.44  ? 677 LYS C CA  1 
ATOM   1322 C  C   . LYS A 1 167 ? 14.371  -0.357  -8.795  1.00 81.55  ? 677 LYS C C   1 
ATOM   1323 O  O   . LYS A 1 167 ? 14.251  -0.110  -10.001 1.00 80.43  ? 677 LYS C O   1 
ATOM   1324 C  CB  . LYS A 1 167 ? 12.870  -2.302  -8.253  1.00 71.71  ? 677 LYS C CB  1 
ATOM   1325 C  CG  . LYS A 1 167 ? 13.784  -3.288  -7.535  1.00 75.78  ? 677 LYS C CG  1 
ATOM   1326 C  CD  . LYS A 1 167 ? 13.526  -4.704  -8.053  1.00 84.22  ? 677 LYS C CD  1 
ATOM   1327 C  CE  . LYS A 1 167 ? 14.560  -5.716  -7.556  1.00 93.71  ? 677 LYS C CE  1 
ATOM   1328 N  NZ  . LYS A 1 167 ? 14.429  -7.034  -8.260  1.00 87.37  ? 677 LYS C NZ  1 
ATOM   1329 N  N   . GLU A 1 168 ? 15.520  -0.207  -8.147  1.00 78.16  ? 678 GLU C N   1 
ATOM   1330 C  CA  . GLU A 1 168 ? 16.698  0.223   -8.891  1.00 91.67  ? 678 GLU C CA  1 
ATOM   1331 C  C   . GLU A 1 168 ? 17.916  -0.667  -8.659  1.00 95.52  ? 678 GLU C C   1 
ATOM   1332 O  O   . GLU A 1 168 ? 18.429  -1.284  -9.597  1.00 94.99  ? 678 GLU C O   1 
ATOM   1333 C  CB  . GLU A 1 168 ? 17.030  1.685   -8.594  1.00 86.63  ? 678 GLU C CB  1 
ATOM   1334 C  CG  . GLU A 1 168 ? 18.266  2.180   -9.331  1.00 88.65  ? 678 GLU C CG  1 
ATOM   1335 C  CD  . GLU A 1 168 ? 18.475  3.678   -9.186  1.00 87.52  ? 678 GLU C CD  1 
ATOM   1336 O  OE1 . GLU A 1 168 ? 17.475  4.409   -9.030  1.00 86.39  ? 678 GLU C OE1 1 
ATOM   1337 O  OE2 . GLU A 1 168 ? 19.639  4.133   -9.238  1.00 88.24  ? 678 GLU C OE2 1 
HETATM 1338 ZN ZN  . ZN  B 2 .   ? -18.852 5.217   -6.088  1.00 73.03  ? 684 ZN  C ZN  1 
HETATM 1339 O  O   . HOH C 3 .   ? 2.406   5.613   8.562   1.00 44.60  ? 2   HOH C O   1 
HETATM 1340 O  O   . HOH C 3 .   ? 0.568   -5.897  -15.640 1.00 48.88  ? 3   HOH C O   1 
HETATM 1341 O  O   . HOH C 3 .   ? -3.390  2.856   -6.040  1.00 49.88  ? 4   HOH C O   1 
HETATM 1342 O  O   . HOH C 3 .   ? -3.451  -4.355  5.019   1.00 44.47  ? 5   HOH C O   1 
HETATM 1343 O  O   . HOH C 3 .   ? 4.923   3.507   -8.358  1.00 45.51  ? 6   HOH C O   1 
HETATM 1344 O  O   . HOH C 3 .   ? 3.065   1.179   -10.683 1.00 49.92  ? 7   HOH C O   1 
HETATM 1345 O  O   . HOH C 3 .   ? 7.033   9.408   13.225  1.00 51.68  ? 8   HOH C O   1 
HETATM 1346 O  O   . HOH C 3 .   ? -0.684  -5.195  5.082   1.00 43.49  ? 9   HOH C O   1 
HETATM 1347 O  O   . HOH C 3 .   ? -29.680 -0.977  3.873   1.00 48.14  ? 10  HOH C O   1 
HETATM 1348 O  O   . HOH C 3 .   ? -5.117  -5.011  -8.145  1.00 45.37  ? 11  HOH C O   1 
HETATM 1349 O  O   . HOH C 3 .   ? 19.763  12.419  -7.240  1.00 54.14  ? 12  HOH C O   1 
HETATM 1350 O  O   . HOH C 3 .   ? -3.988  -3.462  -9.452  1.00 49.60  ? 13  HOH C O   1 
HETATM 1351 O  O   . HOH C 3 .   ? 13.367  14.026  -0.753  1.00 52.19  ? 14  HOH C O   1 
HETATM 1352 O  O   . HOH C 3 .   ? 7.624   -8.971  3.660   1.00 56.72  ? 15  HOH C O   1 
HETATM 1353 O  O   . HOH C 3 .   ? 4.163   -8.748  13.775  1.00 56.24  ? 16  HOH C O   1 
HETATM 1354 O  O   . HOH C 3 .   ? -5.617  1.786   -3.638  1.00 55.03  ? 17  HOH C O   1 
HETATM 1355 O  O   . HOH C 3 .   ? -6.334  0.553   -2.131  1.00 59.54  ? 18  HOH C O   1 
HETATM 1356 O  O   . HOH C 3 .   ? 0.797   3.616   -2.584  1.00 46.00  ? 683 HOH C O   1 
# 
